data_7W3N
# 
_entry.id   7W3N 
# 
_audit_conform.dict_name       mmcif_pdbx.dic 
_audit_conform.dict_version    5.380 
_audit_conform.dict_location   http://mmcif.pdb.org/dictionaries/ascii/mmcif_pdbx.dic 
# 
loop_
_database_2.database_id 
_database_2.database_code 
_database_2.pdbx_database_accession 
_database_2.pdbx_DOI 
PDB   7W3N         pdb_00007w3n 10.2210/pdb7w3n/pdb 
WWPDB D_1300025921 ?            ?                   
# 
_pdbx_database_status.status_code                     REL 
_pdbx_database_status.status_code_sf                  REL 
_pdbx_database_status.status_code_mr                  ? 
_pdbx_database_status.entry_id                        7W3N 
_pdbx_database_status.recvd_initial_deposition_date   2021-11-25 
_pdbx_database_status.SG_entry                        N 
_pdbx_database_status.deposit_site                    PDBJ 
_pdbx_database_status.process_site                    PDBJ 
_pdbx_database_status.status_code_cs                  ? 
_pdbx_database_status.status_code_nmr_data            ? 
_pdbx_database_status.methods_development_category    ? 
_pdbx_database_status.pdb_format_compatible           Y 
# 
_audit_author.name               'Noda, N.N.' 
_audit_author.pdbx_ordinal       1 
_audit_author.identifier_ORCID   ? 
# 
_citation.abstract                  ? 
_citation.abstract_id_CAS           ? 
_citation.book_id_ISBN              ? 
_citation.book_publisher            ? 
_citation.book_publisher_city       ? 
_citation.book_title                ? 
_citation.coordinate_linkage        ? 
_citation.country                   UK 
_citation.database_id_Medline       ? 
_citation.details                   ? 
_citation.id                        primary 
_citation.journal_abbrev            'Nat Commun' 
_citation.journal_id_ASTM           ? 
_citation.journal_id_CSD            ? 
_citation.journal_id_ISSN           2041-1723 
_citation.journal_full              ? 
_citation.journal_issue             ? 
_citation.journal_volume            13 
_citation.language                  ? 
_citation.page_first                7857 
_citation.page_last                 7857 
_citation.title                     'The UFM1 system regulates ER-phagy through the ufmylation of CYB5R3.' 
_citation.year                      2022 
_citation.database_id_CSD           ? 
_citation.pdbx_database_id_DOI      10.1038/s41467-022-35501-0 
_citation.pdbx_database_id_PubMed   36543799 
_citation.pdbx_database_id_patent   ? 
_citation.unpublished_flag          ? 
# 
loop_
_citation_author.citation_id 
_citation_author.name 
_citation_author.ordinal 
_citation_author.identifier_ORCID 
primary 'Ishimura, R.'       1  ?                   
primary 'El-Gowily, A.H.'    2  0000-0001-5290-7278 
primary 'Noshiro, D.'        3  0000-0001-7024-2054 
primary 'Komatsu-Hirota, S.' 4  ?                   
primary 'Ono, Y.'            5  ?                   
primary 'Shindo, M.'         6  ?                   
primary 'Hatta, T.'          7  ?                   
primary 'Abe, M.'            8  0000-0001-8534-2138 
primary 'Uemura, T.'         9  ?                   
primary 'Lee-Okada, H.C.'    10 0000-0002-5493-8112 
primary 'Mohamed, T.M.'      11 ?                   
primary 'Yokomizo, T.'       12 ?                   
primary 'Ueno, T.'           13 ?                   
primary 'Sakimura, K.'       14 ?                   
primary 'Natsume, T.'        15 0000-0002-1510-2582 
primary 'Sorimachi, H.'      16 0000-0001-9509-6727 
primary 'Inada, T.'          17 0000-0002-2695-588X 
primary 'Waguri, S.'         18 0000-0001-9919-7111 
primary 'Noda, N.N.'         19 0000-0002-6940-8069 
primary 'Komatsu, M.'        20 0000-0001-7672-7722 
# 
_cell.angle_alpha                  90.00 
_cell.angle_alpha_esd              ? 
_cell.angle_beta                   90.00 
_cell.angle_beta_esd               ? 
_cell.angle_gamma                  120.00 
_cell.angle_gamma_esd              ? 
_cell.entry_id                     7W3N 
_cell.details                      ? 
_cell.formula_units_Z              ? 
_cell.length_a                     53.411 
_cell.length_a_esd                 ? 
_cell.length_b                     53.411 
_cell.length_b_esd                 ? 
_cell.length_c                     82.231 
_cell.length_c_esd                 ? 
_cell.volume                       ? 
_cell.volume_esd                   ? 
_cell.Z_PDB                        6 
_cell.reciprocal_angle_alpha       ? 
_cell.reciprocal_angle_beta        ? 
_cell.reciprocal_angle_gamma       ? 
_cell.reciprocal_angle_alpha_esd   ? 
_cell.reciprocal_angle_beta_esd    ? 
_cell.reciprocal_angle_gamma_esd   ? 
_cell.reciprocal_length_a          ? 
_cell.reciprocal_length_b          ? 
_cell.reciprocal_length_c          ? 
_cell.reciprocal_length_a_esd      ? 
_cell.reciprocal_length_b_esd      ? 
_cell.reciprocal_length_c_esd      ? 
_cell.pdbx_unique_axis             ? 
# 
_symmetry.entry_id                         7W3N 
_symmetry.cell_setting                     ? 
_symmetry.Int_Tables_number                152 
_symmetry.space_group_name_Hall            ? 
_symmetry.space_group_name_H-M             'P 31 2 1' 
_symmetry.pdbx_full_space_group_name_H-M   ? 
# 
loop_
_entity.id 
_entity.type 
_entity.src_method 
_entity.pdbx_description 
_entity.formula_weight 
_entity.pdbx_number_of_molecules 
_entity.pdbx_ec 
_entity.pdbx_mutation 
_entity.pdbx_fragment 
_entity.details 
1 polymer man 'UFBP1 peptide,Ubiquitin-fold modifier 1' 10082.520 1   ? ? ? 'Ufm1 fused to UFBP1' 
2 water   nat water                                     18.015    151 ? ? ? ?                     
# 
_entity_name_com.entity_id   1 
_entity_name_com.name        'Dashurin,UFM1-binding and PCI domain-containing protein 1' 
# 
_entity_poly.entity_id                      1 
_entity_poly.type                           'polypeptide(L)' 
_entity_poly.nstd_linkage                   no 
_entity_poly.nstd_monomer                   no 
_entity_poly.pdbx_seq_one_letter_code       
;GPEAFVVEEEGMSKVSFKITLTSDPRLPYKVLSVPESTPFTAVLKFAAEEFKVPAATSAIITNDGIGINPAQTAGNVFLK
HGSELRIIPRDRVG
;
_entity_poly.pdbx_seq_one_letter_code_can   
;GPEAFVVEEEGMSKVSFKITLTSDPRLPYKVLSVPESTPFTAVLKFAAEEFKVPAATSAIITNDGIGINPAQTAGNVFLK
HGSELRIIPRDRVG
;
_entity_poly.pdbx_strand_id                 A 
_entity_poly.pdbx_target_identifier         ? 
# 
loop_
_entity_poly_seq.entity_id 
_entity_poly_seq.num 
_entity_poly_seq.mon_id 
_entity_poly_seq.hetero 
1 1  GLY n 
1 2  PRO n 
1 3  GLU n 
1 4  ALA n 
1 5  PHE n 
1 6  VAL n 
1 7  VAL n 
1 8  GLU n 
1 9  GLU n 
1 10 GLU n 
1 11 GLY n 
1 12 MET n 
1 13 SER n 
1 14 LYS n 
1 15 VAL n 
1 16 SER n 
1 17 PHE n 
1 18 LYS n 
1 19 ILE n 
1 20 THR n 
1 21 LEU n 
1 22 THR n 
1 23 SER n 
1 24 ASP n 
1 25 PRO n 
1 26 ARG n 
1 27 LEU n 
1 28 PRO n 
1 29 TYR n 
1 30 LYS n 
1 31 VAL n 
1 32 LEU n 
1 33 SER n 
1 34 VAL n 
1 35 PRO n 
1 36 GLU n 
1 37 SER n 
1 38 THR n 
1 39 PRO n 
1 40 PHE n 
1 41 THR n 
1 42 ALA n 
1 43 VAL n 
1 44 LEU n 
1 45 LYS n 
1 46 PHE n 
1 47 ALA n 
1 48 ALA n 
1 49 GLU n 
1 50 GLU n 
1 51 PHE n 
1 52 LYS n 
1 53 VAL n 
1 54 PRO n 
1 55 ALA n 
1 56 ALA n 
1 57 THR n 
1 58 SER n 
1 59 ALA n 
1 60 ILE n 
1 61 ILE n 
1 62 THR n 
1 63 ASN n 
1 64 ASP n 
1 65 GLY n 
1 66 ILE n 
1 67 GLY n 
1 68 ILE n 
1 69 ASN n 
1 70 PRO n 
1 71 ALA n 
1 72 GLN n 
1 73 THR n 
1 74 ALA n 
1 75 GLY n 
1 76 ASN n 
1 77 VAL n 
1 78 PHE n 
1 79 LEU n 
1 80 LYS n 
1 81 HIS n 
1 82 GLY n 
1 83 SER n 
1 84 GLU n 
1 85 LEU n 
1 86 ARG n 
1 87 ILE n 
1 88 ILE n 
1 89 PRO n 
1 90 ARG n 
1 91 ASP n 
1 92 ARG n 
1 93 VAL n 
1 94 GLY n 
# 
loop_
_entity_src_gen.entity_id 
_entity_src_gen.pdbx_src_id 
_entity_src_gen.pdbx_alt_source_flag 
_entity_src_gen.pdbx_seq_type 
_entity_src_gen.pdbx_beg_seq_num 
_entity_src_gen.pdbx_end_seq_num 
_entity_src_gen.gene_src_common_name 
_entity_src_gen.gene_src_genus 
_entity_src_gen.pdbx_gene_src_gene 
_entity_src_gen.gene_src_species 
_entity_src_gen.gene_src_strain 
_entity_src_gen.gene_src_tissue 
_entity_src_gen.gene_src_tissue_fraction 
_entity_src_gen.gene_src_details 
_entity_src_gen.pdbx_gene_src_fragment 
_entity_src_gen.pdbx_gene_src_scientific_name 
_entity_src_gen.pdbx_gene_src_ncbi_taxonomy_id 
_entity_src_gen.pdbx_gene_src_variant 
_entity_src_gen.pdbx_gene_src_cell_line 
_entity_src_gen.pdbx_gene_src_atcc 
_entity_src_gen.pdbx_gene_src_organ 
_entity_src_gen.pdbx_gene_src_organelle 
_entity_src_gen.pdbx_gene_src_cell 
_entity_src_gen.pdbx_gene_src_cellular_location 
_entity_src_gen.host_org_common_name 
_entity_src_gen.pdbx_host_org_scientific_name 
_entity_src_gen.pdbx_host_org_ncbi_taxonomy_id 
_entity_src_gen.host_org_genus 
_entity_src_gen.pdbx_host_org_gene 
_entity_src_gen.pdbx_host_org_organ 
_entity_src_gen.host_org_species 
_entity_src_gen.pdbx_host_org_tissue 
_entity_src_gen.pdbx_host_org_tissue_fraction 
_entity_src_gen.pdbx_host_org_strain 
_entity_src_gen.pdbx_host_org_variant 
_entity_src_gen.pdbx_host_org_cell_line 
_entity_src_gen.pdbx_host_org_atcc 
_entity_src_gen.pdbx_host_org_culture_collection 
_entity_src_gen.pdbx_host_org_cell 
_entity_src_gen.pdbx_host_org_organelle 
_entity_src_gen.pdbx_host_org_cellular_location 
_entity_src_gen.pdbx_host_org_vector_type 
_entity_src_gen.pdbx_host_org_vector 
_entity_src_gen.host_org_details 
_entity_src_gen.expression_system_id 
_entity_src_gen.plasmid_name 
_entity_src_gen.plasmid_details 
_entity_src_gen.pdbx_description 
1 1 sample 'Biological sequence' 1  11 Human ? 'DDRGK1, C20orf116, UFBP1' ? ? ? ? ? ? 'Homo sapiens' 9606 ? ? ? ? ? ? ? ? 
'Escherichia coli' 562 ? ? ? ? ? ? ? ? ? ? ? ? ? ? ? ? ? ? ? ? ? 
1 2 sample 'Biological sequence' 12 94 Human ? 'UFM1, C13orf20, BM-002'   ? ? ? ? ? ? 'Homo sapiens' 9606 ? ? ? ? ? ? ? ? 
'Escherichia coli' 562 ? ? ? ? ? ? ? ? ? ? ? ? ? ? ? ? ? ? ? ? ? 
# 
loop_
_struct_ref.id 
_struct_ref.db_name 
_struct_ref.db_code 
_struct_ref.pdbx_db_accession 
_struct_ref.pdbx_db_isoform 
_struct_ref.entity_id 
_struct_ref.pdbx_seq_one_letter_code 
_struct_ref.pdbx_align_begin 
1 UNP DDRGK_HUMAN Q96HY6 ? 1 EAFVVEEEG                                                                              194 
2 UNP UFM1_HUMAN  P61960 ? 1 
;MSKVSFKITLTSDPRLPYKVLSVPESTPFTAVLKFAAEEFKVPAATSAIITNDGIGINPAQTAGNVFLKHGSELRIIPRD
RVG
;
1   
# 
loop_
_struct_ref_seq.align_id 
_struct_ref_seq.ref_id 
_struct_ref_seq.pdbx_PDB_id_code 
_struct_ref_seq.pdbx_strand_id 
_struct_ref_seq.seq_align_beg 
_struct_ref_seq.pdbx_seq_align_beg_ins_code 
_struct_ref_seq.seq_align_end 
_struct_ref_seq.pdbx_seq_align_end_ins_code 
_struct_ref_seq.pdbx_db_accession 
_struct_ref_seq.db_align_beg 
_struct_ref_seq.pdbx_db_align_beg_ins_code 
_struct_ref_seq.db_align_end 
_struct_ref_seq.pdbx_db_align_end_ins_code 
_struct_ref_seq.pdbx_auth_seq_align_beg 
_struct_ref_seq.pdbx_auth_seq_align_end 
1 1 7W3N A 3  ? 11 ? Q96HY6 194 ? 202 ? -8 0  
2 2 7W3N A 12 ? 94 ? P61960 1   ? 83  ? 1  83 
# 
loop_
_struct_ref_seq_dif.align_id 
_struct_ref_seq_dif.pdbx_pdb_id_code 
_struct_ref_seq_dif.mon_id 
_struct_ref_seq_dif.pdbx_pdb_strand_id 
_struct_ref_seq_dif.seq_num 
_struct_ref_seq_dif.pdbx_pdb_ins_code 
_struct_ref_seq_dif.pdbx_seq_db_name 
_struct_ref_seq_dif.pdbx_seq_db_accession_code 
_struct_ref_seq_dif.db_mon_id 
_struct_ref_seq_dif.pdbx_seq_db_seq_num 
_struct_ref_seq_dif.details 
_struct_ref_seq_dif.pdbx_auth_seq_num 
_struct_ref_seq_dif.pdbx_ordinal 
1 7W3N GLY A 1 ? UNP Q96HY6 ? ? 'expression tag' -10 1 
1 7W3N PRO A 2 ? UNP Q96HY6 ? ? 'expression tag' -9  2 
# 
loop_
_chem_comp.id 
_chem_comp.type 
_chem_comp.mon_nstd_flag 
_chem_comp.name 
_chem_comp.pdbx_synonyms 
_chem_comp.formula 
_chem_comp.formula_weight 
ALA 'L-peptide linking' y ALANINE         ? 'C3 H7 N O2'     89.093  
ARG 'L-peptide linking' y ARGININE        ? 'C6 H15 N4 O2 1' 175.209 
ASN 'L-peptide linking' y ASPARAGINE      ? 'C4 H8 N2 O3'    132.118 
ASP 'L-peptide linking' y 'ASPARTIC ACID' ? 'C4 H7 N O4'     133.103 
GLN 'L-peptide linking' y GLUTAMINE       ? 'C5 H10 N2 O3'   146.144 
GLU 'L-peptide linking' y 'GLUTAMIC ACID' ? 'C5 H9 N O4'     147.129 
GLY 'peptide linking'   y GLYCINE         ? 'C2 H5 N O2'     75.067  
HIS 'L-peptide linking' y HISTIDINE       ? 'C6 H10 N3 O2 1' 156.162 
HOH non-polymer         . WATER           ? 'H2 O'           18.015  
ILE 'L-peptide linking' y ISOLEUCINE      ? 'C6 H13 N O2'    131.173 
LEU 'L-peptide linking' y LEUCINE         ? 'C6 H13 N O2'    131.173 
LYS 'L-peptide linking' y LYSINE          ? 'C6 H15 N2 O2 1' 147.195 
MET 'L-peptide linking' y METHIONINE      ? 'C5 H11 N O2 S'  149.211 
PHE 'L-peptide linking' y PHENYLALANINE   ? 'C9 H11 N O2'    165.189 
PRO 'L-peptide linking' y PROLINE         ? 'C5 H9 N O2'     115.130 
SER 'L-peptide linking' y SERINE          ? 'C3 H7 N O3'     105.093 
THR 'L-peptide linking' y THREONINE       ? 'C4 H9 N O3'     119.119 
TYR 'L-peptide linking' y TYROSINE        ? 'C9 H11 N O3'    181.189 
VAL 'L-peptide linking' y VALINE          ? 'C5 H11 N O2'    117.146 
# 
_exptl.absorpt_coefficient_mu     ? 
_exptl.absorpt_correction_T_max   ? 
_exptl.absorpt_correction_T_min   ? 
_exptl.absorpt_correction_type    ? 
_exptl.absorpt_process_details    ? 
_exptl.entry_id                   7W3N 
_exptl.crystals_number            1 
_exptl.details                    ? 
_exptl.method                     'X-RAY DIFFRACTION' 
_exptl.method_details             ? 
# 
_exptl_crystal.colour                      ? 
_exptl_crystal.density_diffrn              ? 
_exptl_crystal.density_Matthews            3.36 
_exptl_crystal.density_method              ? 
_exptl_crystal.density_percent_sol         63.37 
_exptl_crystal.description                 ? 
_exptl_crystal.F_000                       ? 
_exptl_crystal.id                          1 
_exptl_crystal.preparation                 ? 
_exptl_crystal.size_max                    ? 
_exptl_crystal.size_mid                    ? 
_exptl_crystal.size_min                    ? 
_exptl_crystal.size_rad                    ? 
_exptl_crystal.colour_lustre               ? 
_exptl_crystal.colour_modifier             ? 
_exptl_crystal.colour_primary              ? 
_exptl_crystal.density_meas                ? 
_exptl_crystal.density_meas_esd            ? 
_exptl_crystal.density_meas_gt             ? 
_exptl_crystal.density_meas_lt             ? 
_exptl_crystal.density_meas_temp           ? 
_exptl_crystal.density_meas_temp_esd       ? 
_exptl_crystal.density_meas_temp_gt        ? 
_exptl_crystal.density_meas_temp_lt        ? 
_exptl_crystal.pdbx_crystal_image_url      ? 
_exptl_crystal.pdbx_crystal_image_format   ? 
_exptl_crystal.pdbx_mosaicity              ? 
_exptl_crystal.pdbx_mosaicity_esd          ? 
# 
_exptl_crystal_grow.apparatus       ? 
_exptl_crystal_grow.atmosphere      ? 
_exptl_crystal_grow.crystal_id      1 
_exptl_crystal_grow.details         ? 
_exptl_crystal_grow.method          'VAPOR DIFFUSION, SITTING DROP' 
_exptl_crystal_grow.method_ref      ? 
_exptl_crystal_grow.pH              ? 
_exptl_crystal_grow.pressure        ? 
_exptl_crystal_grow.pressure_esd    ? 
_exptl_crystal_grow.seeding         ? 
_exptl_crystal_grow.seeding_ref     ? 
_exptl_crystal_grow.temp            293 
_exptl_crystal_grow.temp_details    ? 
_exptl_crystal_grow.temp_esd        ? 
_exptl_crystal_grow.time            ? 
_exptl_crystal_grow.pdbx_details    '28% 2-propanol, 3% PEG 200, 0.1M MES at pH 6.0' 
_exptl_crystal_grow.pdbx_pH_range   ? 
# 
_diffrn.ambient_environment              ? 
_diffrn.ambient_temp                     100 
_diffrn.ambient_temp_details             ? 
_diffrn.ambient_temp_esd                 ? 
_diffrn.crystal_id                       1 
_diffrn.crystal_support                  ? 
_diffrn.crystal_treatment                ? 
_diffrn.details                          ? 
_diffrn.id                               1 
_diffrn.ambient_pressure                 ? 
_diffrn.ambient_pressure_esd             ? 
_diffrn.ambient_pressure_gt              ? 
_diffrn.ambient_pressure_lt              ? 
_diffrn.ambient_temp_gt                  ? 
_diffrn.ambient_temp_lt                  ? 
_diffrn.pdbx_serial_crystal_experiment   N 
# 
_diffrn_detector.details                      ? 
_diffrn_detector.detector                     PIXEL 
_diffrn_detector.diffrn_id                    1 
_diffrn_detector.type                         'RIGAKU HyPix-6000HE' 
_diffrn_detector.area_resol_mean              ? 
_diffrn_detector.dtime                        ? 
_diffrn_detector.pdbx_frames_total            ? 
_diffrn_detector.pdbx_collection_time_total   ? 
_diffrn_detector.pdbx_collection_date         2020-07-04 
_diffrn_detector.pdbx_frequency               ? 
# 
_diffrn_radiation.collimation                      ? 
_diffrn_radiation.diffrn_id                        1 
_diffrn_radiation.filter_edge                      ? 
_diffrn_radiation.inhomogeneity                    ? 
_diffrn_radiation.monochromator                    ? 
_diffrn_radiation.polarisn_norm                    ? 
_diffrn_radiation.polarisn_ratio                   ? 
_diffrn_radiation.probe                            ? 
_diffrn_radiation.type                             ? 
_diffrn_radiation.xray_symbol                      ? 
_diffrn_radiation.wavelength_id                    1 
_diffrn_radiation.pdbx_monochromatic_or_laue_m_l   M 
_diffrn_radiation.pdbx_wavelength_list             ? 
_diffrn_radiation.pdbx_wavelength                  ? 
_diffrn_radiation.pdbx_diffrn_protocol             'SINGLE WAVELENGTH' 
_diffrn_radiation.pdbx_analyzer                    ? 
_diffrn_radiation.pdbx_scattering_type             x-ray 
# 
_diffrn_radiation_wavelength.id           1 
_diffrn_radiation_wavelength.wavelength   1.5418 
_diffrn_radiation_wavelength.wt           1.0 
# 
_diffrn_source.current                     ? 
_diffrn_source.details                     ? 
_diffrn_source.diffrn_id                   1 
_diffrn_source.power                       ? 
_diffrn_source.size                        ? 
_diffrn_source.source                      'ROTATING ANODE' 
_diffrn_source.target                      ? 
_diffrn_source.type                        'RIGAKU MICROMAX-007' 
_diffrn_source.voltage                     ? 
_diffrn_source.take-off_angle              ? 
_diffrn_source.pdbx_wavelength_list        1.5418 
_diffrn_source.pdbx_wavelength             ? 
_diffrn_source.pdbx_synchrotron_beamline   ? 
_diffrn_source.pdbx_synchrotron_site       ? 
# 
_reflns.B_iso_Wilson_estimate                          ? 
_reflns.entry_id                                       7W3N 
_reflns.data_reduction_details                         ? 
_reflns.data_reduction_method                          ? 
_reflns.d_resolution_high                              1.60 
_reflns.d_resolution_low                               27.4144 
_reflns.details                                        ? 
_reflns.limit_h_max                                    ? 
_reflns.limit_h_min                                    ? 
_reflns.limit_k_max                                    ? 
_reflns.limit_k_min                                    ? 
_reflns.limit_l_max                                    ? 
_reflns.limit_l_min                                    ? 
_reflns.number_all                                     ? 
_reflns.number_obs                                     18508 
_reflns.observed_criterion                             ? 
_reflns.observed_criterion_F_max                       ? 
_reflns.observed_criterion_F_min                       ? 
_reflns.observed_criterion_I_max                       ? 
_reflns.observed_criterion_I_min                       ? 
_reflns.observed_criterion_sigma_F                     ? 
_reflns.observed_criterion_sigma_I                     ? 
_reflns.percent_possible_obs                           100.0 
_reflns.R_free_details                                 ? 
_reflns.Rmerge_F_all                                   ? 
_reflns.Rmerge_F_obs                                   ? 
_reflns.Friedel_coverage                               ? 
_reflns.number_gt                                      ? 
_reflns.threshold_expression                           ? 
_reflns.pdbx_redundancy                                6.3 
_reflns.pdbx_Rmerge_I_obs                              0.034 
_reflns.pdbx_Rmerge_I_all                              ? 
_reflns.pdbx_Rsym_value                                ? 
_reflns.pdbx_netI_over_av_sigmaI                       ? 
_reflns.pdbx_netI_over_sigmaI                          34.9 
_reflns.pdbx_res_netI_over_av_sigmaI_2                 ? 
_reflns.pdbx_res_netI_over_sigmaI_2                    ? 
_reflns.pdbx_chi_squared                               ? 
_reflns.pdbx_scaling_rejects                           ? 
_reflns.pdbx_d_res_high_opt                            ? 
_reflns.pdbx_d_res_low_opt                             ? 
_reflns.pdbx_d_res_opt_method                          ? 
_reflns.phase_calculation_details                      ? 
_reflns.pdbx_Rrim_I_all                                ? 
_reflns.pdbx_Rpim_I_all                                ? 
_reflns.pdbx_d_opt                                     ? 
_reflns.pdbx_number_measured_all                       ? 
_reflns.pdbx_diffrn_id                                 1 
_reflns.pdbx_ordinal                                   1 
_reflns.pdbx_CC_half                                   ? 
_reflns.pdbx_CC_star                                   ? 
_reflns.pdbx_R_split                                   ? 
_reflns.pdbx_aniso_diffraction_limit_axis_1_ortho[1]   ? 
_reflns.pdbx_aniso_diffraction_limit_axis_1_ortho[2]   ? 
_reflns.pdbx_aniso_diffraction_limit_axis_1_ortho[3]   ? 
_reflns.pdbx_aniso_diffraction_limit_axis_2_ortho[1]   ? 
_reflns.pdbx_aniso_diffraction_limit_axis_2_ortho[2]   ? 
_reflns.pdbx_aniso_diffraction_limit_axis_2_ortho[3]   ? 
_reflns.pdbx_aniso_diffraction_limit_axis_3_ortho[1]   ? 
_reflns.pdbx_aniso_diffraction_limit_axis_3_ortho[2]   ? 
_reflns.pdbx_aniso_diffraction_limit_axis_3_ortho[3]   ? 
_reflns.pdbx_aniso_diffraction_limit_1                 ? 
_reflns.pdbx_aniso_diffraction_limit_2                 ? 
_reflns.pdbx_aniso_diffraction_limit_3                 ? 
_reflns.pdbx_aniso_B_tensor_eigenvector_1_ortho[1]     ? 
_reflns.pdbx_aniso_B_tensor_eigenvector_1_ortho[2]     ? 
_reflns.pdbx_aniso_B_tensor_eigenvector_1_ortho[3]     ? 
_reflns.pdbx_aniso_B_tensor_eigenvector_2_ortho[1]     ? 
_reflns.pdbx_aniso_B_tensor_eigenvector_2_ortho[2]     ? 
_reflns.pdbx_aniso_B_tensor_eigenvector_2_ortho[3]     ? 
_reflns.pdbx_aniso_B_tensor_eigenvector_3_ortho[1]     ? 
_reflns.pdbx_aniso_B_tensor_eigenvector_3_ortho[2]     ? 
_reflns.pdbx_aniso_B_tensor_eigenvector_3_ortho[3]     ? 
_reflns.pdbx_aniso_B_tensor_eigenvalue_1               ? 
_reflns.pdbx_aniso_B_tensor_eigenvalue_2               ? 
_reflns.pdbx_aniso_B_tensor_eigenvalue_3               ? 
_reflns.pdbx_orthogonalization_convention              ? 
_reflns.pdbx_percent_possible_ellipsoidal              ? 
_reflns.pdbx_percent_possible_spherical                ? 
_reflns.pdbx_percent_possible_ellipsoidal_anomalous    ? 
_reflns.pdbx_percent_possible_spherical_anomalous      ? 
_reflns.pdbx_redundancy_anomalous                      ? 
_reflns.pdbx_CC_half_anomalous                         ? 
_reflns.pdbx_absDiff_over_sigma_anomalous              ? 
_reflns.pdbx_percent_possible_anomalous                ? 
_reflns.pdbx_observed_signal_threshold                 ? 
_reflns.pdbx_signal_type                               ? 
_reflns.pdbx_signal_details                            ? 
_reflns.pdbx_signal_software_id                        ? 
# 
_reflns_shell.d_res_high                                    1.60 
_reflns_shell.d_res_low                                     1.66 
_reflns_shell.meanI_over_sigI_all                           ? 
_reflns_shell.meanI_over_sigI_obs                           ? 
_reflns_shell.number_measured_all                           ? 
_reflns_shell.number_measured_obs                           ? 
_reflns_shell.number_possible                               ? 
_reflns_shell.number_unique_all                             ? 
_reflns_shell.number_unique_obs                             1850 
_reflns_shell.percent_possible_all                          ? 
_reflns_shell.percent_possible_obs                          ? 
_reflns_shell.Rmerge_F_all                                  ? 
_reflns_shell.Rmerge_F_obs                                  ? 
_reflns_shell.Rmerge_I_all                                  ? 
_reflns_shell.Rmerge_I_obs                                  0.478 
_reflns_shell.meanI_over_sigI_gt                            ? 
_reflns_shell.meanI_over_uI_all                             ? 
_reflns_shell.meanI_over_uI_gt                              ? 
_reflns_shell.number_measured_gt                            ? 
_reflns_shell.number_unique_gt                              ? 
_reflns_shell.percent_possible_gt                           ? 
_reflns_shell.Rmerge_F_gt                                   ? 
_reflns_shell.Rmerge_I_gt                                   ? 
_reflns_shell.pdbx_redundancy                               ? 
_reflns_shell.pdbx_Rsym_value                               ? 
_reflns_shell.pdbx_chi_squared                              ? 
_reflns_shell.pdbx_netI_over_sigmaI_all                     ? 
_reflns_shell.pdbx_netI_over_sigmaI_obs                     ? 
_reflns_shell.pdbx_Rrim_I_all                               ? 
_reflns_shell.pdbx_Rpim_I_all                               ? 
_reflns_shell.pdbx_rejects                                  ? 
_reflns_shell.pdbx_ordinal                                  1 
_reflns_shell.pdbx_diffrn_id                                1 
_reflns_shell.pdbx_CC_half                                  ? 
_reflns_shell.pdbx_CC_star                                  ? 
_reflns_shell.pdbx_R_split                                  ? 
_reflns_shell.pdbx_percent_possible_ellipsoidal             ? 
_reflns_shell.pdbx_percent_possible_spherical               ? 
_reflns_shell.pdbx_percent_possible_ellipsoidal_anomalous   ? 
_reflns_shell.pdbx_percent_possible_spherical_anomalous     ? 
_reflns_shell.pdbx_redundancy_anomalous                     ? 
_reflns_shell.pdbx_CC_half_anomalous                        ? 
_reflns_shell.pdbx_absDiff_over_sigma_anomalous             ? 
_reflns_shell.pdbx_percent_possible_anomalous               ? 
# 
_refine.aniso_B[1][1]                            ? 
_refine.aniso_B[1][2]                            ? 
_refine.aniso_B[1][3]                            ? 
_refine.aniso_B[2][2]                            ? 
_refine.aniso_B[2][3]                            ? 
_refine.aniso_B[3][3]                            ? 
_refine.B_iso_max                                ? 
_refine.B_iso_mean                               ? 
_refine.B_iso_min                                ? 
_refine.correlation_coeff_Fo_to_Fc               ? 
_refine.correlation_coeff_Fo_to_Fc_free          ? 
_refine.details                                  ? 
_refine.diff_density_max                         ? 
_refine.diff_density_max_esd                     ? 
_refine.diff_density_min                         ? 
_refine.diff_density_min_esd                     ? 
_refine.diff_density_rms                         ? 
_refine.diff_density_rms_esd                     ? 
_refine.entry_id                                 7W3N 
_refine.pdbx_refine_id                           'X-RAY DIFFRACTION' 
_refine.ls_abs_structure_details                 ? 
_refine.ls_abs_structure_Flack                   ? 
_refine.ls_abs_structure_Flack_esd               ? 
_refine.ls_abs_structure_Rogers                  ? 
_refine.ls_abs_structure_Rogers_esd              ? 
_refine.ls_d_res_high                            1.600 
_refine.ls_d_res_low                             27.4144 
_refine.ls_extinction_coef                       ? 
_refine.ls_extinction_coef_esd                   ? 
_refine.ls_extinction_expression                 ? 
_refine.ls_extinction_method                     ? 
_refine.ls_goodness_of_fit_all                   ? 
_refine.ls_goodness_of_fit_all_esd               ? 
_refine.ls_goodness_of_fit_obs                   ? 
_refine.ls_goodness_of_fit_obs_esd               ? 
_refine.ls_hydrogen_treatment                    ? 
_refine.ls_matrix_type                           ? 
_refine.ls_number_constraints                    ? 
_refine.ls_number_parameters                     ? 
_refine.ls_number_reflns_all                     ? 
_refine.ls_number_reflns_obs                     18456 
_refine.ls_number_reflns_R_free                  991 
_refine.ls_number_reflns_R_work                  ? 
_refine.ls_number_restraints                     ? 
_refine.ls_percent_reflns_obs                    99.93 
_refine.ls_percent_reflns_R_free                 5.37 
_refine.ls_R_factor_all                          ? 
_refine.ls_R_factor_obs                          0.1820 
_refine.ls_R_factor_R_free                       0.2002 
_refine.ls_R_factor_R_free_error                 ? 
_refine.ls_R_factor_R_free_error_details         ? 
_refine.ls_R_factor_R_work                       0.1810 
_refine.ls_R_Fsqd_factor_obs                     ? 
_refine.ls_R_I_factor_obs                        ? 
_refine.ls_redundancy_reflns_all                 ? 
_refine.ls_redundancy_reflns_obs                 ? 
_refine.ls_restrained_S_all                      ? 
_refine.ls_restrained_S_obs                      ? 
_refine.ls_shift_over_esd_max                    ? 
_refine.ls_shift_over_esd_mean                   ? 
_refine.ls_structure_factor_coef                 ? 
_refine.ls_weighting_details                     ? 
_refine.ls_weighting_scheme                      ? 
_refine.ls_wR_factor_all                         ? 
_refine.ls_wR_factor_obs                         ? 
_refine.ls_wR_factor_R_free                      ? 
_refine.ls_wR_factor_R_work                      ? 
_refine.occupancy_max                            ? 
_refine.occupancy_min                            ? 
_refine.solvent_model_details                    'FLAT BULK SOLVENT MODEL' 
_refine.solvent_model_param_bsol                 ? 
_refine.solvent_model_param_ksol                 ? 
_refine.pdbx_R_complete                          ? 
_refine.ls_R_factor_gt                           ? 
_refine.ls_goodness_of_fit_gt                    ? 
_refine.ls_goodness_of_fit_ref                   ? 
_refine.ls_shift_over_su_max                     ? 
_refine.ls_shift_over_su_max_lt                  ? 
_refine.ls_shift_over_su_mean                    ? 
_refine.ls_shift_over_su_mean_lt                 ? 
_refine.pdbx_ls_sigma_I                          ? 
_refine.pdbx_ls_sigma_F                          1.34 
_refine.pdbx_ls_sigma_Fsqd                       ? 
_refine.pdbx_data_cutoff_high_absF               ? 
_refine.pdbx_data_cutoff_high_rms_absF           ? 
_refine.pdbx_data_cutoff_low_absF                ? 
_refine.pdbx_isotropic_thermal_model             ? 
_refine.pdbx_ls_cross_valid_method               'FREE R-VALUE' 
_refine.pdbx_method_to_determine_struct          'MOLECULAR REPLACEMENT' 
_refine.pdbx_starting_model                      5HKH 
_refine.pdbx_stereochemistry_target_values       ML 
_refine.pdbx_R_Free_selection_details            ? 
_refine.pdbx_stereochem_target_val_spec_case     ? 
_refine.pdbx_overall_ESU_R                       ? 
_refine.pdbx_overall_ESU_R_Free                  ? 
_refine.pdbx_solvent_vdw_probe_radii             1.11 
_refine.pdbx_solvent_ion_probe_radii             ? 
_refine.pdbx_solvent_shrinkage_radii             0.90 
_refine.pdbx_real_space_R                        ? 
_refine.pdbx_density_correlation                 ? 
_refine.pdbx_pd_number_of_powder_patterns        ? 
_refine.pdbx_pd_number_of_points                 ? 
_refine.pdbx_pd_meas_number_of_points            ? 
_refine.pdbx_pd_proc_ls_prof_R_factor            ? 
_refine.pdbx_pd_proc_ls_prof_wR_factor           ? 
_refine.pdbx_pd_Marquardt_correlation_coeff      ? 
_refine.pdbx_pd_Fsqrd_R_factor                   ? 
_refine.pdbx_pd_ls_matrix_band_width             ? 
_refine.pdbx_overall_phase_error                 20.39 
_refine.pdbx_overall_SU_R_free_Cruickshank_DPI   ? 
_refine.pdbx_overall_SU_R_free_Blow_DPI          ? 
_refine.pdbx_overall_SU_R_Blow_DPI               ? 
_refine.pdbx_TLS_residual_ADP_flag               ? 
_refine.pdbx_diffrn_id                           1 
_refine.overall_SU_B                             ? 
_refine.overall_SU_ML                            0.11 
_refine.overall_SU_R_Cruickshank_DPI             ? 
_refine.overall_SU_R_free                        ? 
_refine.overall_FOM_free_R_set                   ? 
_refine.overall_FOM_work_R_set                   ? 
_refine.pdbx_average_fsc_overall                 ? 
_refine.pdbx_average_fsc_work                    ? 
_refine.pdbx_average_fsc_free                    ? 
# 
_refine_hist.pdbx_refine_id                   'X-RAY DIFFRACTION' 
_refine_hist.cycle_id                         LAST 
_refine_hist.pdbx_number_atoms_protein        680 
_refine_hist.pdbx_number_atoms_nucleic_acid   0 
_refine_hist.pdbx_number_atoms_ligand         0 
_refine_hist.number_atoms_solvent             151 
_refine_hist.number_atoms_total               831 
_refine_hist.d_res_high                       1.600 
_refine_hist.d_res_low                        27.4144 
# 
loop_
_refine_ls_restr.pdbx_refine_id 
_refine_ls_restr.criterion 
_refine_ls_restr.dev_ideal 
_refine_ls_restr.dev_ideal_target 
_refine_ls_restr.number 
_refine_ls_restr.rejects 
_refine_ls_restr.type 
_refine_ls_restr.weight 
_refine_ls_restr.pdbx_restraint_function 
'X-RAY DIFFRACTION' ? 0.015  ? 695 ? f_bond_d           ? ? 
'X-RAY DIFFRACTION' ? 1.426  ? 945 ? f_angle_d          ? ? 
'X-RAY DIFFRACTION' ? 14.033 ? 425 ? f_dihedral_angle_d ? ? 
'X-RAY DIFFRACTION' ? 0.099  ? 112 ? f_chiral_restr     ? ? 
'X-RAY DIFFRACTION' ? 0.009  ? 122 ? f_plane_restr      ? ? 
# 
loop_
_refine_ls_shell.pdbx_refine_id 
_refine_ls_shell.d_res_high 
_refine_ls_shell.d_res_low 
_refine_ls_shell.number_reflns_all 
_refine_ls_shell.number_reflns_obs 
_refine_ls_shell.number_reflns_R_free 
_refine_ls_shell.number_reflns_R_work 
_refine_ls_shell.percent_reflns_obs 
_refine_ls_shell.percent_reflns_R_free 
_refine_ls_shell.R_factor_all 
_refine_ls_shell.R_factor_obs 
_refine_ls_shell.R_factor_R_free 
_refine_ls_shell.R_factor_R_free_error 
_refine_ls_shell.R_factor_R_work 
_refine_ls_shell.redundancy_reflns_all 
_refine_ls_shell.redundancy_reflns_obs 
_refine_ls_shell.wR_factor_all 
_refine_ls_shell.wR_factor_obs 
_refine_ls_shell.wR_factor_R_free 
_refine_ls_shell.wR_factor_R_work 
_refine_ls_shell.pdbx_R_complete 
_refine_ls_shell.pdbx_total_number_of_bins_used 
_refine_ls_shell.pdbx_phase_error 
_refine_ls_shell.pdbx_fsc_work 
_refine_ls_shell.pdbx_fsc_free 
'X-RAY DIFFRACTION' 1.6001 1.6844  . . 133 2452 100.00 . . . 0.2305 . 0.2122 . . . . . . . . . . . 
'X-RAY DIFFRACTION' 1.6844 1.7899  . . 146 2456 100.00 . . . 0.2389 . 0.2064 . . . . . . . . . . . 
'X-RAY DIFFRACTION' 1.7899 1.9281  . . 145 2445 100.00 . . . 0.2230 . 0.1925 . . . . . . . . . . . 
'X-RAY DIFFRACTION' 1.9281 2.1221  . . 125 2480 100.00 . . . 0.2103 . 0.1672 . . . . . . . . . . . 
'X-RAY DIFFRACTION' 2.1221 2.4290  . . 146 2493 100.00 . . . 0.1898 . 0.1735 . . . . . . . . . . . 
'X-RAY DIFFRACTION' 2.4290 3.0596  . . 150 2497 100.00 . . . 0.1989 . 0.1936 . . . . . . . . . . . 
'X-RAY DIFFRACTION' 3.0596 27.4144 . . 146 2642 100.00 . . . 0.1909 . 0.1737 . . . . . . . . . . . 
# 
_struct.entry_id                     7W3N 
_struct.title                        'Crystal structure of Ufm1 fused to UFBP1 UFIM' 
_struct.pdbx_model_details           ? 
_struct.pdbx_formula_weight          ? 
_struct.pdbx_formula_weight_method   ? 
_struct.pdbx_model_type_details      ? 
_struct.pdbx_CASP_flag               N 
# 
_struct_keywords.entry_id        7W3N 
_struct_keywords.text            'ER-phagy, Ufm1, E3 ligase, Ufmylation, LIGASE' 
_struct_keywords.pdbx_keywords   LIGASE 
# 
loop_
_struct_asym.id 
_struct_asym.pdbx_blank_PDB_chainid_flag 
_struct_asym.pdbx_modified 
_struct_asym.entity_id 
_struct_asym.details 
A N N 1 ? 
B N N 2 ? 
# 
loop_
_struct_conf.conf_type_id 
_struct_conf.id 
_struct_conf.pdbx_PDB_helix_id 
_struct_conf.beg_label_comp_id 
_struct_conf.beg_label_asym_id 
_struct_conf.beg_label_seq_id 
_struct_conf.pdbx_beg_PDB_ins_code 
_struct_conf.end_label_comp_id 
_struct_conf.end_label_asym_id 
_struct_conf.end_label_seq_id 
_struct_conf.pdbx_end_PDB_ins_code 
_struct_conf.beg_auth_comp_id 
_struct_conf.beg_auth_asym_id 
_struct_conf.beg_auth_seq_id 
_struct_conf.end_auth_comp_id 
_struct_conf.end_auth_asym_id 
_struct_conf.end_auth_seq_id 
_struct_conf.pdbx_PDB_helix_class 
_struct_conf.details 
_struct_conf.pdbx_PDB_helix_length 
HELX_P HELX_P1 AA1 GLY A 1  ? PHE A 5  ? GLY A -10 PHE A -6 5 ? 5  
HELX_P HELX_P2 AA2 PRO A 39 ? LYS A 52 ? PRO A 28  LYS A 41 1 ? 14 
HELX_P HELX_P3 AA3 PRO A 54 ? ALA A 56 ? PRO A 43  ALA A 45 5 ? 3  
HELX_P HELX_P4 AA4 THR A 73 ? GLY A 82 ? THR A 62  GLY A 71 1 ? 10 
# 
_struct_conf_type.id          HELX_P 
_struct_conf_type.criteria    ? 
_struct_conf_type.reference   ? 
# 
_struct_sheet.id               AA1 
_struct_sheet.type             ? 
_struct_sheet.number_strands   4 
_struct_sheet.details          ? 
# 
loop_
_struct_sheet_order.sheet_id 
_struct_sheet_order.range_id_1 
_struct_sheet_order.range_id_2 
_struct_sheet_order.offset 
_struct_sheet_order.sense 
AA1 1 2 ? anti-parallel 
AA1 2 3 ? parallel      
AA1 3 4 ? anti-parallel 
# 
loop_
_struct_sheet_range.sheet_id 
_struct_sheet_range.id 
_struct_sheet_range.beg_label_comp_id 
_struct_sheet_range.beg_label_asym_id 
_struct_sheet_range.beg_label_seq_id 
_struct_sheet_range.pdbx_beg_PDB_ins_code 
_struct_sheet_range.end_label_comp_id 
_struct_sheet_range.end_label_asym_id 
_struct_sheet_range.end_label_seq_id 
_struct_sheet_range.pdbx_end_PDB_ins_code 
_struct_sheet_range.beg_auth_comp_id 
_struct_sheet_range.beg_auth_asym_id 
_struct_sheet_range.beg_auth_seq_id 
_struct_sheet_range.end_auth_comp_id 
_struct_sheet_range.end_auth_asym_id 
_struct_sheet_range.end_auth_seq_id 
AA1 1 TYR A 29 ? PRO A 35 ? TYR A 18 PRO A 24 
AA1 2 LYS A 14 ? LEU A 21 ? LYS A 3  LEU A 10 
AA1 3 GLU A 84 ? PRO A 89 ? GLU A 73 PRO A 78 
AA1 4 SER A 58 ? THR A 62 ? SER A 47 THR A 51 
# 
loop_
_pdbx_struct_sheet_hbond.sheet_id 
_pdbx_struct_sheet_hbond.range_id_1 
_pdbx_struct_sheet_hbond.range_id_2 
_pdbx_struct_sheet_hbond.range_1_label_atom_id 
_pdbx_struct_sheet_hbond.range_1_label_comp_id 
_pdbx_struct_sheet_hbond.range_1_label_asym_id 
_pdbx_struct_sheet_hbond.range_1_label_seq_id 
_pdbx_struct_sheet_hbond.range_1_PDB_ins_code 
_pdbx_struct_sheet_hbond.range_1_auth_atom_id 
_pdbx_struct_sheet_hbond.range_1_auth_comp_id 
_pdbx_struct_sheet_hbond.range_1_auth_asym_id 
_pdbx_struct_sheet_hbond.range_1_auth_seq_id 
_pdbx_struct_sheet_hbond.range_2_label_atom_id 
_pdbx_struct_sheet_hbond.range_2_label_comp_id 
_pdbx_struct_sheet_hbond.range_2_label_asym_id 
_pdbx_struct_sheet_hbond.range_2_label_seq_id 
_pdbx_struct_sheet_hbond.range_2_PDB_ins_code 
_pdbx_struct_sheet_hbond.range_2_auth_atom_id 
_pdbx_struct_sheet_hbond.range_2_auth_comp_id 
_pdbx_struct_sheet_hbond.range_2_auth_asym_id 
_pdbx_struct_sheet_hbond.range_2_auth_seq_id 
AA1 1 2 O LYS A 30 ? O LYS A 19 N ILE A 19 ? N ILE A 8  
AA1 2 3 N LYS A 18 ? N LYS A 7  O LEU A 85 ? O LEU A 74 
AA1 3 4 O ILE A 88 ? O ILE A 77 N ALA A 59 ? N ALA A 48 
# 
_atom_sites.entry_id                    7W3N 
_atom_sites.Cartn_transf_matrix[1][1]   ? 
_atom_sites.Cartn_transf_matrix[1][2]   ? 
_atom_sites.Cartn_transf_matrix[1][3]   ? 
_atom_sites.Cartn_transf_matrix[2][1]   ? 
_atom_sites.Cartn_transf_matrix[2][2]   ? 
_atom_sites.Cartn_transf_matrix[2][3]   ? 
_atom_sites.Cartn_transf_matrix[3][1]   ? 
_atom_sites.Cartn_transf_matrix[3][2]   ? 
_atom_sites.Cartn_transf_matrix[3][3]   ? 
_atom_sites.Cartn_transf_vector[1]      ? 
_atom_sites.Cartn_transf_vector[2]      ? 
_atom_sites.Cartn_transf_vector[3]      ? 
_atom_sites.fract_transf_matrix[1][1]   -0.00835939 
_atom_sites.fract_transf_matrix[1][2]   -0.01667173 
_atom_sites.fract_transf_matrix[1][3]   0.01093531 
_atom_sites.fract_transf_matrix[2][1]   0.00140742 
_atom_sites.fract_transf_matrix[2][2]   -0.00057837 
_atom_sites.fract_transf_matrix[2][3]   0.02156538 
_atom_sites.fract_transf_matrix[3][1]   -0.01061178 
_atom_sites.fract_transf_matrix[3][2]   0.00587854 
_atom_sites.fract_transf_matrix[3][3]   0.00085022 
_atom_sites.fract_transf_vector[1]      -0.322113 
_atom_sites.fract_transf_vector[2]      0.374841 
_atom_sites.fract_transf_vector[3]      -0.087289 
_atom_sites.solution_primary            ? 
_atom_sites.solution_secondary          ? 
_atom_sites.solution_hydrogens          ? 
_atom_sites.special_details             ? 
# 
loop_
_atom_type.symbol 
C 
N 
O 
S 
# 
loop_
_atom_site.group_PDB 
_atom_site.id 
_atom_site.type_symbol 
_atom_site.label_atom_id 
_atom_site.label_alt_id 
_atom_site.label_comp_id 
_atom_site.label_asym_id 
_atom_site.label_entity_id 
_atom_site.label_seq_id 
_atom_site.pdbx_PDB_ins_code 
_atom_site.Cartn_x 
_atom_site.Cartn_y 
_atom_site.Cartn_z 
_atom_site.occupancy 
_atom_site.B_iso_or_equiv 
_atom_site.pdbx_formal_charge 
_atom_site.auth_seq_id 
_atom_site.auth_comp_id 
_atom_site.auth_asym_id 
_atom_site.auth_atom_id 
_atom_site.pdbx_PDB_model_num 
ATOM   1   N N   . GLY A 1 1  ? 18.919  30.767  17.940  1.00 45.47 ? -10 GLY A N   1 
ATOM   2   C CA  . GLY A 1 1  ? 18.109  30.382  19.078  1.00 42.86 ? -10 GLY A CA  1 
ATOM   3   C C   . GLY A 1 1  ? 17.312  29.126  18.754  1.00 39.99 ? -10 GLY A C   1 
ATOM   4   O O   . GLY A 1 1  ? 17.413  28.591  17.650  1.00 38.74 ? -10 GLY A O   1 
ATOM   5   N N   . PRO A 1 2  ? 16.482  28.693  19.706  1.00 40.34 ? -9  PRO A N   1 
ATOM   6   C CA  . PRO A 1 2  ? 15.747  27.417  19.534  1.00 37.13 ? -9  PRO A CA  1 
ATOM   7   C C   . PRO A 1 2  ? 14.831  27.380  18.325  1.00 28.46 ? -9  PRO A C   1 
ATOM   8   O O   . PRO A 1 2  ? 14.579  26.286  17.797  1.00 31.94 ? -9  PRO A O   1 
ATOM   9   C CB  . PRO A 1 2  ? 14.938  27.309  20.837  1.00 40.77 ? -9  PRO A CB  1 
ATOM   10  C CG  . PRO A 1 2  ? 14.800  28.726  21.282  1.00 42.92 ? -9  PRO A CG  1 
ATOM   11  C CD  . PRO A 1 2  ? 16.123  29.360  20.960  1.00 41.40 ? -9  PRO A CD  1 
ATOM   12  N N   . GLU A 1 3  ? 14.347  28.528  17.850  1.00 33.98 ? -8  GLU A N   1 
ATOM   13  C CA  . GLU A 1 3  ? 13.532  28.539  16.649  1.00 26.53 ? -8  GLU A CA  1 
ATOM   14  C C   . GLU A 1 3  ? 14.321  28.103  15.443  1.00 27.13 ? -8  GLU A C   1 
ATOM   15  O O   . GLU A 1 3  ? 13.705  27.779  14.409  1.00 27.97 ? -8  GLU A O   1 
ATOM   16  C CB  . GLU A 1 3  ? 12.951  29.938  16.383  1.00 30.52 ? -8  GLU A CB  1 
ATOM   17  C CG  . GLU A 1 3  ? 13.941  30.963  15.771  1.00 34.81 ? -8  GLU A CG  1 
ATOM   18  C CD  . GLU A 1 3  ? 14.876  31.633  16.793  1.00 40.03 ? -8  GLU A CD  1 
ATOM   19  O OE1 . GLU A 1 3  ? 14.946  31.183  17.955  1.00 36.84 ? -8  GLU A OE1 1 
ATOM   20  O OE2 . GLU A 1 3  ? 15.547  32.622  16.414  1.00 41.01 ? -8  GLU A OE2 1 
ATOM   21  N N   . ALA A 1 4  ? 15.652  28.037  15.581  1.00 25.83 ? -7  ALA A N   1 
ATOM   22  C CA  . ALA A 1 4  ? 16.482  27.757  14.447  1.00 28.36 ? -7  ALA A CA  1 
ATOM   23  C C   . ALA A 1 4  ? 16.722  26.268  14.296  1.00 23.68 ? -7  ALA A C   1 
ATOM   24  O O   . ALA A 1 4  ? 17.381  25.858  13.343  1.00 27.68 ? -7  ALA A O   1 
ATOM   25  C CB  . ALA A 1 4  ? 17.789  28.523  14.577  1.00 32.62 ? -7  ALA A CB  1 
ATOM   26  N N   . PHE A 1 5  ? 16.225  25.452  15.242  1.00 22.00 ? -6  PHE A N   1 
ATOM   27  C CA  . PHE A 1 5  ? 16.322  23.990  15.131  1.00 20.14 ? -6  PHE A CA  1 
ATOM   28  C C   . PHE A 1 5  ? 14.961  23.465  14.703  1.00 17.99 ? -6  PHE A C   1 
ATOM   29  O O   . PHE A 1 5  ? 13.959  23.758  15.361  1.00 21.64 ? -6  PHE A O   1 
ATOM   30  C CB  . PHE A 1 5  ? 16.702  23.311  16.451  1.00 26.01 ? -6  PHE A CB  1 
ATOM   31  C CG  . PHE A 1 5  ? 18.108  23.577  16.871  1.00 28.18 ? -6  PHE A CG  1 
ATOM   32  C CD1 . PHE A 1 5  ? 18.511  24.905  17.122  1.00 35.73 ? -6  PHE A CD1 1 
ATOM   33  C CD2 . PHE A 1 5  ? 18.974  22.548  17.074  1.00 25.81 ? -6  PHE A CD2 1 
ATOM   34  C CE1 . PHE A 1 5  ? 19.804  25.179  17.485  1.00 35.87 ? -6  PHE A CE1 1 
ATOM   35  C CE2 . PHE A 1 5  ? 20.271  22.820  17.457  1.00 28.14 ? -6  PHE A CE2 1 
ATOM   36  C CZ  . PHE A 1 5  ? 20.685  24.108  17.618  1.00 28.07 ? -6  PHE A CZ  1 
ATOM   37  N N   . VAL A 1 6  ? 14.876  22.786  13.553  1.00 16.51 ? -5  VAL A N   1 
ATOM   38  C CA  . VAL A 1 6  ? 13.567  22.408  12.997  1.00 16.66 ? -5  VAL A CA  1 
ATOM   39  C C   . VAL A 1 6  ? 13.573  20.930  12.623  1.00 17.13 ? -5  VAL A C   1 
ATOM   40  O O   . VAL A 1 6  ? 14.541  20.459  11.997  1.00 16.91 ? -5  VAL A O   1 
ATOM   41  C CB  . VAL A 1 6  ? 13.193  23.273  11.756  1.00 17.55 ? -5  VAL A CB  1 
ATOM   42  C CG1 . VAL A 1 6  ? 11.835  22.818  11.189  1.00 22.30 ? -5  VAL A CG1 1 
ATOM   43  C CG2 . VAL A 1 6  ? 13.133  24.736  12.123  1.00 18.48 ? -5  VAL A CG2 1 
ATOM   44  N N   . VAL A 1 7  ? 12.509  20.202  12.966  1.00 19.04 ? -4  VAL A N   1 
ATOM   45  C CA  . VAL A 1 7  ? 12.295  18.859  12.411  1.00 19.96 ? -4  VAL A CA  1 
ATOM   46  C C   . VAL A 1 7  ? 11.530  19.065  11.101  1.00 19.62 ? -4  VAL A C   1 
ATOM   47  O O   . VAL A 1 7  ? 10.310  19.322  11.096  1.00 22.37 ? -4  VAL A O   1 
ATOM   48  C CB  . VAL A 1 7  ? 11.561  17.937  13.386  1.00 20.31 ? -4  VAL A CB  1 
ATOM   49  C CG1 . VAL A 1 7  ? 11.409  16.544  12.749  1.00 23.73 ? -4  VAL A CG1 1 
ATOM   50  C CG2 . VAL A 1 7  ? 12.310  17.839  14.668  1.00 23.03 ? -4  VAL A CG2 1 
ATOM   51  N N   . GLU A 1 8  ? 12.270  19.077  9.989   1.00 17.97 ? -3  GLU A N   1 
ATOM   52  C CA  . GLU A 1 8  ? 11.674  19.419  8.693   1.00 19.48 ? -3  GLU A CA  1 
ATOM   53  C C   . GLU A 1 8  ? 10.759  18.324  8.184   1.00 21.08 ? -3  GLU A C   1 
ATOM   54  O O   . GLU A 1 8  ? 9.687   18.609  7.640   1.00 25.95 ? -3  GLU A O   1 
ATOM   55  C CB  . GLU A 1 8  ? 12.802  19.673  7.674   1.00 19.44 ? -3  GLU A CB  1 
ATOM   56  C CG  . GLU A 1 8  ? 13.726  20.828  7.999   1.00 18.91 ? -3  GLU A CG  1 
ATOM   57  C CD  . GLU A 1 8  ? 13.125  22.225  7.734   1.00 20.41 ? -3  GLU A CD  1 
ATOM   58  O OE1 . GLU A 1 8  ? 11.933  22.261  7.236   1.00 22.69 ? -3  GLU A OE1 1 
ATOM   59  O OE2 . GLU A 1 8  ? 13.802  23.252  7.998   1.00 20.25 ? -3  GLU A OE2 1 
ATOM   60  N N   . GLU A 1 9  ? 11.179  17.075  8.329   1.00 21.81 ? -2  GLU A N   1 
ATOM   61  C CA  . GLU A 1 9  ? 10.430  15.929  7.823   1.00 24.59 ? -2  GLU A CA  1 
ATOM   62  C C   . GLU A 1 9  ? 10.732  14.732  8.702   1.00 19.69 ? -2  GLU A C   1 
ATOM   63  O O   . GLU A 1 9  ? 11.804  14.653  9.310   1.00 20.83 ? -2  GLU A O   1 
ATOM   64  C CB  . GLU A 1 9  ? 10.853  15.538  6.403   1.00 28.91 ? -2  GLU A CB  1 
ATOM   65  C CG  . GLU A 1 9  ? 10.895  16.611  5.369   1.00 37.62 ? -2  GLU A CG  1 
ATOM   66  C CD  . GLU A 1 9  ? 11.470  16.070  4.074   1.00 47.53 ? -2  GLU A CD  1 
ATOM   67  O OE1 . GLU A 1 9  ? 11.055  14.963  3.655   1.00 54.63 ? -2  GLU A OE1 1 
ATOM   68  O OE2 . GLU A 1 9  ? 12.379  16.715  3.510   1.00 48.44 ? -2  GLU A OE2 1 
ATOM   69  N N   . GLU A 1 10 ? 9.806   13.755  8.675   1.00 21.25 ? -1  GLU A N   1 
ATOM   70  C CA  . GLU A 1 10 ? 10.138  12.461  9.247   1.00 23.44 ? -1  GLU A CA  1 
ATOM   71  C C   . GLU A 1 10 ? 9.388   11.388  8.475   1.00 21.92 ? -1  GLU A C   1 
ATOM   72  O O   . GLU A 1 10 ? 8.301   11.616  7.927   1.00 26.05 ? -1  GLU A O   1 
ATOM   73  C CB  . GLU A 1 10 ? 9.815   12.414  10.746  1.00 27.67 ? -1  GLU A CB  1 
ATOM   74  C CG  . GLU A 1 10 ? 8.343   12.580  11.083  1.00 34.48 ? -1  GLU A CG  1 
ATOM   75  C CD  . GLU A 1 10 ? 8.139   12.885  12.555  1.00 50.23 ? -1  GLU A CD  1 
ATOM   76  O OE1 . GLU A 1 10 ? 9.080   13.404  13.192  1.00 52.74 ? -1  GLU A OE1 1 
ATOM   77  O OE2 . GLU A 1 10 ? 7.037   12.601  13.085  1.00 58.75 ? -1  GLU A OE2 1 
ATOM   78  N N   . GLY A 1 11 ? 9.976   10.204  8.424   1.00 21.63 ? 0   GLY A N   1 
ATOM   79  C CA  . GLY A 1 11 ? 9.286   9.120   7.769   1.00 23.48 ? 0   GLY A CA  1 
ATOM   80  C C   . GLY A 1 11 ? 10.077  7.840   7.940   1.00 23.20 ? 0   GLY A C   1 
ATOM   81  O O   . GLY A 1 11 ? 10.957  7.748   8.803   1.00 22.20 ? 0   GLY A O   1 
ATOM   82  N N   . MET A 1 12 ? 9.736   6.879   7.102   1.00 24.46 ? 1   MET A N   1 
ATOM   83  C CA  . MET A 1 12 ? 10.487  5.611   7.006   1.00 24.41 ? 1   MET A CA  1 
ATOM   84  C C   . MET A 1 12 ? 10.711  5.367   5.522   1.00 24.57 ? 1   MET A C   1 
ATOM   85  O O   . MET A 1 12 ? 9.766   5.453   4.729   1.00 25.87 ? 1   MET A O   1 
ATOM   86  C CB  . MET A 1 12 ? 9.741   4.453   7.695   1.00 27.27 ? 1   MET A CB  1 
ATOM   87  C CG  . MET A 1 12 ? 9.470   4.729   9.174   1.00 37.52 ? 1   MET A CG  1 
ATOM   88  S SD  . MET A 1 12 ? 8.496   3.473   10.074  1.00 47.67 ? 1   MET A SD  1 
ATOM   89  C CE  . MET A 1 12 ? 8.683   4.092   11.754  1.00 55.33 ? 1   MET A CE  1 
ATOM   90  N N   . SER A 1 13 ? 11.966  5.158   5.126   1.00 22.33 ? 2   SER A N   1 
ATOM   91  C CA  . SER A 1 13 ? 12.265  5.009   3.702   1.00 22.15 ? 2   SER A CA  1 
ATOM   92  C C   . SER A 1 13 ? 11.704  3.748   3.074   1.00 25.01 ? 2   SER A C   1 
ATOM   93  O O   . SER A 1 13 ? 11.458  3.760   1.874   1.00 26.56 ? 2   SER A O   1 
ATOM   94  C CB  . SER A 1 13 ? 13.775  5.035   3.462   1.00 21.99 ? 2   SER A CB  1 
ATOM   95  O OG  . SER A 1 13 ? 14.198  6.361   3.824   1.00 23.66 ? 2   SER A OG  1 
ATOM   96  N N   . LYS A 1 14 ? 11.527  2.653   3.822   1.00 16.74 ? 3   LYS A N   1 
ATOM   97  C CA  . LYS A 1 14 ? 10.968  1.421   3.289   1.00 16.02 ? 3   LYS A CA  1 
ATOM   98  C C   . LYS A 1 14 ? 9.576   1.206   3.852   1.00 18.22 ? 3   LYS A C   1 
ATOM   99  O O   . LYS A 1 14 ? 9.398   1.153   5.078   1.00 18.47 ? 3   LYS A O   1 
ATOM   100 C CB  . LYS A 1 14 ? 11.855  0.238   3.655   1.00 17.57 ? 3   LYS A CB  1 
ATOM   101 C CG  . LYS A 1 14 ? 11.345  -1.083  2.977   1.00 21.27 ? 3   LYS A CG  1 
ATOM   102 C CD  . LYS A 1 14 ? 12.198  -2.292  3.355   1.00 22.84 ? 3   LYS A CD  1 
ATOM   103 C CE  . LYS A 1 14 ? 11.653  -2.967  4.618   1.00 21.03 ? 3   LYS A CE  1 
ATOM   104 N NZ  . LYS A 1 14 ? 12.264  -4.385  4.856   1.00 21.59 ? 3   LYS A NZ  1 
ATOM   105 N N   . VAL A 1 15 ? 8.584   1.096   2.960   1.00 15.65 ? 4   VAL A N   1 
ATOM   106 C CA  . VAL A 1 15 ? 7.191   0.869   3.356   1.00 15.06 ? 4   VAL A CA  1 
ATOM   107 C C   . VAL A 1 15 ? 6.814   -0.565  3.028   1.00 16.35 ? 4   VAL A C   1 
ATOM   108 O O   . VAL A 1 15 ? 7.076   -1.016  1.908   1.00 15.35 ? 4   VAL A O   1 
ATOM   109 C CB  . VAL A 1 15 ? 6.258   1.853   2.616   1.00 15.79 ? 4   VAL A CB  1 
ATOM   110 C CG1 . VAL A 1 15 ? 4.806   1.434   2.834   1.00 19.41 ? 4   VAL A CG1 1 
ATOM   111 C CG2 . VAL A 1 15 ? 6.534   3.265   3.123   1.00 21.14 ? 4   VAL A CG2 1 
ATOM   112 N N   . SER A 1 16 ? 6.199   -1.298  3.986   1.00 15.39 ? 5   SER A N   1 
ATOM   113 C CA  . SER A 1 16 ? 5.785   -2.698  3.773   1.00 14.64 ? 5   SER A CA  1 
ATOM   114 C C   . SER A 1 16 ? 4.282   -2.837  3.955   1.00 15.37 ? 5   SER A C   1 
ATOM   115 O O   . SER A 1 16 ? 3.715   -2.293  4.902   1.00 19.27 ? 5   SER A O   1 
ATOM   116 C CB  . SER A 1 16 ? 6.473   -3.628  4.756   1.00 18.89 ? 5   SER A CB  1 
ATOM   117 O OG  . SER A 1 16 ? 7.924   -3.525  4.587   1.00 18.75 ? 5   SER A OG  1 
ATOM   118 N N   . PHE A 1 17 ? 3.638   -3.497  3.015   1.00 13.62 ? 6   PHE A N   1 
ATOM   119 C CA  . PHE A 1 17 ? 2.219   -3.811  3.117   1.00 12.75 ? 6   PHE A CA  1 
ATOM   120 C C   . PHE A 1 17 ? 2.007   -5.313  3.117   1.00 16.19 ? 6   PHE A C   1 
ATOM   121 O O   . PHE A 1 17 ? 2.599   -6.026  2.295   1.00 15.89 ? 6   PHE A O   1 
ATOM   122 C CB  . PHE A 1 17 ? 1.458   -3.265  1.928   1.00 14.04 ? 6   PHE A CB  1 
ATOM   123 C CG  . PHE A 1 17 ? 1.444   -1.769  1.824   1.00 13.70 ? 6   PHE A CG  1 
ATOM   124 C CD1 . PHE A 1 17 ? 0.747   -0.996  2.802   1.00 15.87 ? 6   PHE A CD1 1 
ATOM   125 C CD2 . PHE A 1 17 ? 2.087   -1.094  0.772   1.00 16.46 ? 6   PHE A CD2 1 
ATOM   126 C CE1 . PHE A 1 17 ? 0.730   0.407   2.722   1.00 15.00 ? 6   PHE A CE1 1 
ATOM   127 C CE2 . PHE A 1 17 ? 2.059   0.331   0.729   1.00 15.80 ? 6   PHE A CE2 1 
ATOM   128 C CZ  . PHE A 1 17 ? 1.343   1.052   1.700   1.00 16.49 ? 6   PHE A CZ  1 
ATOM   129 N N   . LYS A 1 18 ? 1.101   -5.808  3.966   1.00 14.58 ? 7   LYS A N   1 
ATOM   130 C CA  . LYS A 1 18 ? 0.690   -7.208  3.938   1.00 13.04 ? 7   LYS A CA  1 
ATOM   131 C C   . LYS A 1 18 ? -0.632  -7.200  3.178   1.00 15.18 ? 7   LYS A C   1 
ATOM   132 O O   . LYS A 1 18 ? -1.620  -6.630  3.673   1.00 16.31 ? 7   LYS A O   1 
ATOM   133 C CB  . LYS A 1 18 ? 0.568   -7.782  5.349   1.00 16.37 ? 7   LYS A CB  1 
ATOM   134 C CG  . LYS A 1 18 ? 0.075   -9.201  5.334   1.00 17.49 ? 7   LYS A CG  1 
ATOM   135 C CD  . LYS A 1 18 ? 0.260   -9.735  6.730   1.00 22.45 ? 7   LYS A CD  1 
ATOM   136 C CE  . LYS A 1 18 ? -0.300  -11.109 6.837   1.00 28.37 ? 7   LYS A CE  1 
ATOM   137 N NZ  . LYS A 1 18 ? 0.187   -11.692 8.181   1.00 30.37 ? 7   LYS A NZ  1 
ATOM   138 N N   . ILE A 1 19 ? -0.639  -7.744  1.955   1.00 13.94 ? 8   ILE A N   1 
ATOM   139 C CA  . ILE A 1 19 ? -1.795  -7.673  1.048   1.00 14.07 ? 8   ILE A CA  1 
ATOM   140 C C   . ILE A 1 19 ? -2.414  -9.053  0.986   1.00 17.64 ? 8   ILE A C   1 
ATOM   141 O O   . ILE A 1 19 ? -1.717  -10.001 0.591   1.00 16.56 ? 8   ILE A O   1 
ATOM   142 C CB  . ILE A 1 19 ? -1.358  -7.230  -0.352  1.00 15.17 ? 8   ILE A CB  1 
ATOM   143 C CG1 . ILE A 1 19 ? -0.697  -5.835  -0.213  1.00 17.06 ? 8   ILE A CG1 1 
ATOM   144 C CG2 . ILE A 1 19 ? -2.542  -7.162  -1.284  1.00 17.03 ? 8   ILE A CG2 1 
ATOM   145 C CD1 . ILE A 1 19 ? -0.088  -5.305  -1.487  1.00 19.84 ? 8   ILE A CD1 1 
ATOM   146 N N   . THR A 1 20 ? -3.707  -9.197  1.349   1.00 14.34 ? 9   THR A N   1 
ATOM   147 C CA  . THR A 1 20 ? -4.358  -10.505 1.438   1.00 15.27 ? 9   THR A CA  1 
ATOM   148 C C   . THR A 1 20 ? -5.428  -10.582 0.366   1.00 17.74 ? 9   THR A C   1 
ATOM   149 O O   . THR A 1 20 ? -6.213  -9.624  0.183   1.00 17.01 ? 9   THR A O   1 
ATOM   150 C CB  . THR A 1 20 ? -5.007  -10.713 2.822   1.00 17.58 ? 9   THR A CB  1 
ATOM   151 O OG1 . THR A 1 20 ? -3.984  -10.700 3.813   1.00 16.82 ? 9   THR A OG1 1 
ATOM   152 C CG2 . THR A 1 20 ? -5.758  -12.054 2.930   1.00 18.41 ? 9   THR A CG2 1 
ATOM   153 N N   . LEU A 1 21 ? -5.500  -11.731 -0.328  1.00 16.58 ? 10  LEU A N   1 
ATOM   154 C CA  . LEU A 1 21 ? -6.574  -11.972 -1.313  1.00 19.42 ? 10  LEU A CA  1 
ATOM   155 C C   . LEU A 1 21 ? -7.765  -12.543 -0.546  1.00 21.25 ? 10  LEU A C   1 
ATOM   156 O O   . LEU A 1 21 ? -7.863  -13.767 -0.337  1.00 21.65 ? 10  LEU A O   1 
ATOM   157 C CB  . LEU A 1 21 ? -6.072  -12.920 -2.404  1.00 23.42 ? 10  LEU A CB  1 
ATOM   158 C CG  . LEU A 1 21 ? -7.155  -13.288 -3.403  1.00 27.75 ? 10  LEU A CG  1 
ATOM   159 C CD1 . LEU A 1 21 ? -7.250  -12.186 -4.449  1.00 29.01 ? 10  LEU A CD1 1 
ATOM   160 C CD2 . LEU A 1 21 ? -6.824  -14.610 -4.014  1.00 29.96 ? 10  LEU A CD2 1 
ATOM   161 N N   . THR A 1 22 ? -8.644  -11.651 -0.029  1.00 19.84 ? 11  THR A N   1 
ATOM   162 C CA  . THR A 1 22 ? -9.601  -12.086 0.985   1.00 22.34 ? 11  THR A CA  1 
ATOM   163 C C   . THR A 1 22 ? -10.790 -12.850 0.413   1.00 25.79 ? 11  THR A C   1 
ATOM   164 O O   . THR A 1 22 ? -11.531 -13.472 1.189   1.00 26.27 ? 11  THR A O   1 
ATOM   165 C CB  . THR A 1 22 ? -10.084 -10.893 1.841   1.00 28.20 ? 11  THR A CB  1 
ATOM   166 O OG1 . THR A 1 22 ? -10.355 -9.785  0.998   1.00 28.77 ? 11  THR A OG1 1 
ATOM   167 C CG2 . THR A 1 22 ? -9.050  -10.469 2.901   1.00 23.81 ? 11  THR A CG2 1 
ATOM   168 N N   . SER A 1 23 ? -10.932 -12.924 -0.912  1.00 25.99 ? 12  SER A N   1 
ATOM   169 C CA  . SER A 1 23 ? -11.968 -13.763 -1.495  1.00 28.22 ? 12  SER A CA  1 
ATOM   170 C C   . SER A 1 23 ? -11.659 -15.245 -1.372  1.00 27.10 ? 12  SER A C   1 
ATOM   171 O O   . SER A 1 23 ? -12.564 -16.059 -1.524  1.00 31.68 ? 12  SER A O   1 
ATOM   172 C CB  . SER A 1 23 ? -12.159 -13.412 -2.978  1.00 31.65 ? 12  SER A CB  1 
ATOM   173 O OG  . SER A 1 23 ? -10.993 -13.721 -3.729  1.00 36.97 ? 12  SER A OG  1 
ATOM   174 N N   . ASP A 1 24 ? -10.409 -15.612 -1.059  1.00 25.10 ? 13  ASP A N   1 
ATOM   175 C CA  . ASP A 1 24 ? -10.001 -17.008 -0.952  1.00 24.46 ? 13  ASP A CA  1 
ATOM   176 C C   . ASP A 1 24 ? -9.904  -17.341 0.528   1.00 20.29 ? 13  ASP A C   1 
ATOM   177 O O   . ASP A 1 24 ? -9.153  -16.633 1.235   1.00 21.86 ? 13  ASP A O   1 
ATOM   178 C CB  . ASP A 1 24 ? -8.642  -17.121 -1.632  1.00 24.21 ? 13  ASP A CB  1 
ATOM   179 C CG  . ASP A 1 24 ? -8.034  -18.514 -1.591  1.00 26.04 ? 13  ASP A CG  1 
ATOM   180 O OD1 . ASP A 1 24 ? -8.352  -19.344 -0.719  1.00 27.91 ? 13  ASP A OD1 1 
ATOM   181 O OD2 . ASP A 1 24 ? -7.190  -18.763 -2.487  1.00 32.05 ? 13  ASP A OD2 1 
ATOM   182 N N   . PRO A 1 25 ? -10.642 -18.326 1.039   1.00 21.77 ? 14  PRO A N   1 
ATOM   183 C CA  . PRO A 1 25 ? -10.691 -18.542 2.499   1.00 24.85 ? 14  PRO A CA  1 
ATOM   184 C C   . PRO A 1 25 ? -9.390  -19.013 3.082   1.00 23.62 ? 14  PRO A C   1 
ATOM   185 O O   . PRO A 1 25 ? -9.244  -18.990 4.312   1.00 23.46 ? 14  PRO A O   1 
ATOM   186 C CB  . PRO A 1 25 ? -11.778 -19.596 2.672   1.00 26.41 ? 14  PRO A CB  1 
ATOM   187 C CG  . PRO A 1 25 ? -11.837 -20.320 1.315   1.00 28.04 ? 14  PRO A CG  1 
ATOM   188 C CD  . PRO A 1 25 ? -11.518 -19.264 0.303   1.00 23.60 ? 14  PRO A CD  1 
ATOM   189 N N   . ARG A 1 26 ? -8.433  -19.453 2.257   1.00 21.19 ? 15  ARG A N   1 
ATOM   190 C CA  . ARG A 1 26 ? -7.109  -19.708 2.854   1.00 20.62 ? 15  ARG A CA  1 
ATOM   191 C C   . ARG A 1 26 ? -6.396  -18.415 3.222   1.00 19.55 ? 15  ARG A C   1 
ATOM   192 O O   . ARG A 1 26 ? -5.386  -18.458 3.945   1.00 19.41 ? 15  ARG A O   1 
ATOM   193 C CB  . ARG A 1 26 ? -6.244  -20.504 1.889   1.00 21.65 ? 15  ARG A CB  1 
ATOM   194 C CG  . ARG A 1 26 ? -6.866  -21.733 1.351   1.00 25.73 ? 15  ARG A CG  1 
ATOM   195 C CD  . ARG A 1 26 ? -6.002  -22.293 0.211   1.00 33.23 ? 15  ARG A CD  1 
ATOM   196 N NE  . ARG A 1 26 ? -5.972  -21.388 -0.931  1.00 34.93 ? 15  ARG A NE  1 
ATOM   197 C CZ  . ARG A 1 26 ? -5.195  -21.564 -1.998  1.00 43.27 ? 15  ARG A CZ  1 
ATOM   198 N NH1 . ARG A 1 26 ? -4.374  -22.609 -2.046  1.00 44.77 ? 15  ARG A NH1 1 
ATOM   199 N NH2 . ARG A 1 26 ? -5.228  -20.689 -3.007  1.00 45.66 ? 15  ARG A NH2 1 
ATOM   200 N N   . LEU A 1 27 ? -6.861  -17.260 2.753   1.00 18.03 ? 16  LEU A N   1 
ATOM   201 C CA  . LEU A 1 27 ? -6.304  -15.947 2.972   1.00 17.45 ? 16  LEU A CA  1 
ATOM   202 C C   . LEU A 1 27 ? -4.837  -15.907 2.532   1.00 16.49 ? 16  LEU A C   1 
ATOM   203 O O   . LEU A 1 27 ? -3.952  -15.583 3.326   1.00 18.20 ? 16  LEU A O   1 
ATOM   204 C CB  . LEU A 1 27 ? -6.462  -15.532 4.433   1.00 18.74 ? 16  LEU A CB  1 
ATOM   205 C CG  . LEU A 1 27 ? -7.933  -15.468 4.874   1.00 20.39 ? 16  LEU A CG  1 
ATOM   206 C CD1 . LEU A 1 27 ? -7.980  -15.211 6.368   1.00 22.77 ? 16  LEU A CD1 1 
ATOM   207 C CD2 . LEU A 1 27 ? -8.696  -14.422 4.101   1.00 22.10 ? 16  LEU A CD2 1 
ATOM   208 N N   . PRO A 1 28 ? -4.568  -16.181 1.257   1.00 16.71 ? 17  PRO A N   1 
ATOM   209 C CA  . PRO A 1 28 ? -3.197  -16.024 0.745   1.00 17.52 ? 17  PRO A CA  1 
ATOM   210 C C   . PRO A 1 28 ? -2.767  -14.578 0.853   1.00 18.73 ? 17  PRO A C   1 
ATOM   211 O O   . PRO A 1 28 ? -3.565  -13.650 0.614   1.00 17.39 ? 17  PRO A O   1 
ATOM   212 C CB  . PRO A 1 28 ? -3.300  -16.456 -0.720  1.00 23.47 ? 17  PRO A CB  1 
ATOM   213 C CG  . PRO A 1 28 ? -4.730  -16.476 -1.076  1.00 26.82 ? 17  PRO A CG  1 
ATOM   214 C CD  . PRO A 1 28 ? -5.554  -16.490 0.199   1.00 21.11 ? 17  PRO A CD  1 
ATOM   215 N N   . TYR A 1 29 ? -1.518  -14.376 1.225   1.00 19.05 ? 18  TYR A N   1 
ATOM   216 C CA  . TYR A 1 29 ? -1.020  -13.004 1.333   1.00 17.85 ? 18  TYR A CA  1 
ATOM   217 C C   . TYR A 1 29 ? 0.379   -12.888 0.755   1.00 19.14 ? 18  TYR A C   1 
ATOM   218 O O   . TYR A 1 29 ? 1.123   -13.886 0.643   1.00 19.35 ? 18  TYR A O   1 
ATOM   219 C CB  . TYR A 1 29 ? -0.998  -12.519 2.774   1.00 17.99 ? 18  TYR A CB  1 
ATOM   220 C CG  . TYR A 1 29 ? -0.055  -13.285 3.665   1.00 19.32 ? 18  TYR A CG  1 
ATOM   221 C CD1 . TYR A 1 29 ? 1.288   -12.920 3.743   1.00 20.85 ? 18  TYR A CD1 1 
ATOM   222 C CD2 . TYR A 1 29 ? -0.491  -14.345 4.423   1.00 21.83 ? 18  TYR A CD2 1 
ATOM   223 C CE1 . TYR A 1 29 ? 2.155   -13.630 4.547   1.00 21.62 ? 18  TYR A CE1 1 
ATOM   224 C CE2 . TYR A 1 29 ? 0.383   -15.100 5.246   1.00 23.78 ? 18  TYR A CE2 1 
ATOM   225 C CZ  . TYR A 1 29 ? 1.713   -14.735 5.295   1.00 21.86 ? 18  TYR A CZ  1 
ATOM   226 O OH  . TYR A 1 29 ? 2.610   -15.422 6.094   1.00 26.95 ? 18  TYR A OH  1 
ATOM   227 N N   . LYS A 1 30 ? 0.750   -11.655 0.443   1.00 16.90 ? 19  LYS A N   1 
ATOM   228 C CA  . LYS A 1 30 ? 2.143   -11.286 0.176   1.00 15.58 ? 19  LYS A CA  1 
ATOM   229 C C   . LYS A 1 30 ? 2.514   -10.080 1.015   1.00 17.40 ? 19  LYS A C   1 
ATOM   230 O O   . LYS A 1 30 ? 1.697   -9.147  1.097   1.00 16.65 ? 19  LYS A O   1 
ATOM   231 C CB  . LYS A 1 30 ? 2.359   -10.873 -1.297  1.00 21.47 ? 19  LYS A CB  1 
ATOM   232 C CG  . LYS A 1 30 ? 1.625   -11.686 -2.336  1.00 28.11 ? 19  LYS A CG  1 
ATOM   233 C CD  . LYS A 1 30 ? 2.510   -12.726 -2.775  1.00 28.85 ? 19  LYS A CD  1 
ATOM   234 C CE  . LYS A 1 30 ? 1.812   -13.560 -3.835  1.00 33.36 ? 19  LYS A CE  1 
ATOM   235 N NZ  . LYS A 1 30 ? 2.395   -14.883 -3.742  1.00 37.39 ? 19  LYS A NZ  1 
ATOM   236 N N   . VAL A 1 31 ? 3.727   -10.050 1.577   1.00 16.09 ? 20  VAL A N   1 
ATOM   237 C CA  . VAL A 1 31 ? 4.215   -8.829  2.223   1.00 15.65 ? 20  VAL A CA  1 
ATOM   238 C C   . VAL A 1 31 ? 5.125   -8.205  1.190   1.00 17.88 ? 20  VAL A C   1 
ATOM   239 O O   . VAL A 1 31 ? 6.140   -8.823  0.829   1.00 17.75 ? 20  VAL A O   1 
ATOM   240 C CB  . VAL A 1 31 ? 4.937   -9.103  3.552   1.00 16.82 ? 20  VAL A CB  1 
ATOM   241 C CG1 . VAL A 1 31 ? 5.451   -7.772  4.093   1.00 17.55 ? 20  VAL A CG1 1 
ATOM   242 C CG2 . VAL A 1 31 ? 3.933   -9.785  4.529   1.00 18.89 ? 20  VAL A CG2 1 
ATOM   243 N N   . LEU A 1 32 ? 4.772   -7.025  0.704   1.00 15.21 ? 21  LEU A N   1 
ATOM   244 C CA  . LEU A 1 32 ? 5.553   -6.354  -0.339  1.00 14.01 ? 21  LEU A CA  1 
ATOM   245 C C   . LEU A 1 32 ? 6.170   -5.103  0.259   1.00 13.96 ? 21  LEU A C   1 
ATOM   246 O O   . LEU A 1 32 ? 5.464   -4.351  0.953   1.00 15.27 ? 21  LEU A O   1 
ATOM   247 C CB  . LEU A 1 32 ? 4.648   -5.959  -1.510  1.00 14.75 ? 21  LEU A CB  1 
ATOM   248 C CG  . LEU A 1 32 ? 3.876   -7.190  -2.127  1.00 16.70 ? 21  LEU A CG  1 
ATOM   249 C CD1 . LEU A 1 32 ? 3.034   -6.612  -3.283  1.00 19.43 ? 21  LEU A CD1 1 
ATOM   250 C CD2 . LEU A 1 32 ? 4.851   -8.307  -2.601  1.00 18.12 ? 21  LEU A CD2 1 
ATOM   251 N N   . SER A 1 33 ? 7.447   -4.846  -0.038  1.00 14.82 ? 22  SER A N   1 
ATOM   252 C CA  . SER A 1 33 ? 8.037   -3.574  0.390   1.00 15.02 ? 22  SER A CA  1 
ATOM   253 C C   . SER A 1 33 ? 8.468   -2.769  -0.824  1.00 15.52 ? 22  SER A C   1 
ATOM   254 O O   . SER A 1 33 ? 8.931   -3.326  -1.843  1.00 16.24 ? 22  SER A O   1 
ATOM   255 C CB  . SER A 1 33 ? 9.191   -3.763  1.362   1.00 15.51 ? 22  SER A CB  1 
ATOM   256 O OG  . SER A 1 33 ? 10.305  -4.420  0.753   1.00 20.12 ? 22  SER A OG  1 
ATOM   257 N N   . VAL A 1 34 ? 8.364   -1.446  -0.696  1.00 14.26 ? 23  VAL A N   1 
ATOM   258 C CA  . VAL A 1 34 ? 8.699   -0.508  -1.770  1.00 14.97 ? 23  VAL A CA  1 
ATOM   259 C C   . VAL A 1 34 ? 9.245   0.759   -1.136  1.00 16.30 ? 23  VAL A C   1 
ATOM   260 O O   . VAL A 1 34 ? 8.985   1.018   0.055   1.00 15.83 ? 23  VAL A O   1 
ATOM   261 C CB  . VAL A 1 34 ? 7.457   -0.134  -2.603  1.00 16.27 ? 23  VAL A CB  1 
ATOM   262 C CG1 . VAL A 1 34 ? 6.784   -1.383  -3.206  1.00 17.26 ? 23  VAL A CG1 1 
ATOM   263 C CG2 . VAL A 1 34 ? 6.370   0.590   -1.726  1.00 17.51 ? 23  VAL A CG2 1 
ATOM   264 N N   . PRO A 1 35 ? 9.923   1.616   -1.892  1.00 18.09 ? 24  PRO A N   1 
ATOM   265 C CA  . PRO A 1 35 ? 10.298  2.930   -1.364  1.00 17.45 ? 24  PRO A CA  1 
ATOM   266 C C   . PRO A 1 35 ? 9.071   3.745   -0.972  1.00 16.34 ? 24  PRO A C   1 
ATOM   267 O O   . PRO A 1 35 ? 8.023   3.675   -1.605  1.00 18.93 ? 24  PRO A O   1 
ATOM   268 C CB  . PRO A 1 35 ? 11.038  3.594   -2.530  1.00 24.50 ? 24  PRO A CB  1 
ATOM   269 C CG  . PRO A 1 35 ? 11.621  2.395   -3.311  1.00 23.47 ? 24  PRO A CG  1 
ATOM   270 C CD  . PRO A 1 35 ? 10.511  1.343   -3.220  1.00 22.29 ? 24  PRO A CD  1 
ATOM   271 N N   . GLU A 1 36 ? 9.269   4.559   0.053   1.00 19.12 ? 25  GLU A N   1 
ATOM   272 C CA  . GLU A 1 36 ? 8.198   5.412   0.555   1.00 20.19 ? 25  GLU A CA  1 
ATOM   273 C C   . GLU A 1 36 ? 7.594   6.277   -0.545  1.00 21.58 ? 25  GLU A C   1 
ATOM   274 O O   . GLU A 1 36 ? 6.390   6.550   -0.521  1.00 21.09 ? 25  GLU A O   1 
ATOM   275 C CB  . GLU A 1 36 ? 8.784   6.246   1.694   1.00 26.91 ? 25  GLU A CB  1 
ATOM   276 C CG  . GLU A 1 36 ? 7.889   7.191   2.366   1.00 31.20 ? 25  GLU A CG  1 
ATOM   277 C CD  . GLU A 1 36 ? 8.655   8.167   3.272   1.00 27.84 ? 25  GLU A CD  1 
ATOM   278 O OE1 . GLU A 1 36 ? 8.210   8.315   4.426   1.00 31.65 ? 25  GLU A OE1 1 
ATOM   279 O OE2 . GLU A 1 36 ? 9.720   8.729   2.873   1.00 30.94 ? 25  GLU A OE2 1 
ATOM   280 N N   . SER A 1 37 ? 8.394   6.782   -1.499  1.00 20.41 ? 26  SER A N   1 
ATOM   281 C CA  . SER A 1 37 ? 7.880   7.689   -2.520  1.00 25.72 ? 26  SER A CA  1 
ATOM   282 C C   . SER A 1 37 ? 7.215   6.968   -3.692  1.00 23.87 ? 26  SER A C   1 
ATOM   283 O O   . SER A 1 37 ? 6.778   7.654   -4.630  1.00 27.70 ? 26  SER A O   1 
ATOM   284 C CB  . SER A 1 37 ? 9.011   8.569   -3.052  1.00 29.49 ? 26  SER A CB  1 
ATOM   285 O OG  . SER A 1 37 ? 10.006  7.718   -3.610  1.00 37.32 ? 26  SER A OG  1 
ATOM   286 N N   . THR A 1 38 ? 7.163   5.632   -3.659  1.00 21.58 ? 27  THR A N   1 
ATOM   287 C CA  . THR A 1 38 ? 6.616   4.857   -4.776  1.00 20.79 ? 27  THR A CA  1 
ATOM   288 C C   . THR A 1 38 ? 5.178   5.280   -5.041  1.00 22.92 ? 27  THR A C   1 
ATOM   289 O O   . THR A 1 38 ? 4.356   5.249   -4.116  1.00 21.20 ? 27  THR A O   1 
ATOM   290 C CB  . THR A 1 38 ? 6.630   3.377   -4.439  1.00 21.83 ? 27  THR A CB  1 
ATOM   291 O OG1 . THR A 1 38 ? 7.992   2.997   -4.179  1.00 20.35 ? 27  THR A OG1 1 
ATOM   292 C CG2 . THR A 1 38 ? 6.055   2.577   -5.587  1.00 23.64 ? 27  THR A CG2 1 
ATOM   293 N N   . PRO A 1 39 ? 4.825   5.676   -6.271  1.00 22.02 ? 28  PRO A N   1 
ATOM   294 C CA  . PRO A 1 39 ? 3.405   5.875   -6.572  1.00 22.78 ? 28  PRO A CA  1 
ATOM   295 C C   . PRO A 1 39 ? 2.572   4.657   -6.235  1.00 22.01 ? 28  PRO A C   1 
ATOM   296 O O   . PRO A 1 39 ? 2.932   3.524   -6.506  1.00 20.27 ? 28  PRO A O   1 
ATOM   297 C CB  . PRO A 1 39 ? 3.384   6.121   -8.086  1.00 24.23 ? 28  PRO A CB  1 
ATOM   298 C CG  . PRO A 1 39 ? 4.755   6.684   -8.408  1.00 30.82 ? 28  PRO A CG  1 
ATOM   299 C CD  . PRO A 1 39 ? 5.695   5.989   -7.427  1.00 24.13 ? 28  PRO A CD  1 
ATOM   300 N N   . PHE A 1 40 ? 1.385   4.874   -5.660  1.00 19.41 ? 29  PHE A N   1 
ATOM   301 C CA  . PHE A 1 40 ? 0.628   3.696   -5.262  1.00 21.89 ? 29  PHE A CA  1 
ATOM   302 C C   . PHE A 1 40 ? 0.135   2.863   -6.452  1.00 22.54 ? 29  PHE A C   1 
ATOM   303 O O   . PHE A 1 40 ? -0.091  1.650   -6.298  1.00 19.69 ? 29  PHE A O   1 
ATOM   304 C CB  . PHE A 1 40 ? -0.551  4.134   -4.386  1.00 20.83 ? 29  PHE A CB  1 
ATOM   305 C CG  . PHE A 1 40 ? -1.189  2.981   -3.602  1.00 20.56 ? 29  PHE A CG  1 
ATOM   306 C CD1 . PHE A 1 40 ? -0.507  2.343   -2.609  1.00 20.11 ? 29  PHE A CD1 1 
ATOM   307 C CD2 . PHE A 1 40 ? -2.469  2.556   -3.898  1.00 22.45 ? 29  PHE A CD2 1 
ATOM   308 C CE1 . PHE A 1 40 ? -1.061  1.236   -1.867  1.00 21.86 ? 29  PHE A CE1 1 
ATOM   309 C CE2 . PHE A 1 40 ? -3.012  1.463   -3.178  1.00 21.11 ? 29  PHE A CE2 1 
ATOM   310 C CZ  . PHE A 1 40 ? -2.320  0.827   -2.160  1.00 22.19 ? 29  PHE A CZ  1 
ATOM   311 N N   . THR A 1 41 ? -0.029  3.473   -7.632  1.00 20.65 ? 30  THR A N   1 
ATOM   312 C CA  . THR A 1 41 ? -0.320  2.710   -8.850  1.00 21.73 ? 30  THR A CA  1 
ATOM   313 C C   . THR A 1 41 ? 0.702   1.603   -9.054  1.00 23.17 ? 30  THR A C   1 
ATOM   314 O O   . THR A 1 41 ? 0.353   0.508   -9.541  1.00 24.02 ? 30  THR A O   1 
ATOM   315 C CB  . THR A 1 41 ? -0.350  3.644   -10.058 1.00 25.51 ? 30  THR A CB  1 
ATOM   316 O OG1 . THR A 1 41 ? 0.832   4.432   -10.083 1.00 36.27 ? 30  THR A OG1 1 
ATOM   317 C CG2 . THR A 1 41 ? -1.529  4.563   -9.951  1.00 23.24 ? 30  THR A CG2 1 
ATOM   318 N N   . ALA A 1 42 ? 1.952   1.860   -8.655  1.00 24.05 ? 31  ALA A N   1 
ATOM   319 C CA  . ALA A 1 42 ? 3.004   0.854   -8.843  1.00 20.09 ? 31  ALA A CA  1 
ATOM   320 C C   . ALA A 1 42 ? 2.906   -0.234  -7.793  1.00 19.99 ? 31  ALA A C   1 
ATOM   321 O O   . ALA A 1 42 ? 3.336   -1.372  -8.033  1.00 21.11 ? 31  ALA A O   1 
ATOM   322 C CB  . ALA A 1 42 ? 4.387   1.510   -8.820  1.00 21.79 ? 31  ALA A CB  1 
ATOM   323 N N   . VAL A 1 43 ? 2.364   0.063   -6.630  1.00 19.02 ? 32  VAL A N   1 
ATOM   324 C CA  . VAL A 1 43 ? 2.105   -0.985  -5.656  1.00 16.64 ? 32  VAL A CA  1 
ATOM   325 C C   . VAL A 1 43 ? 1.016   -1.916  -6.183  1.00 17.11 ? 32  VAL A C   1 
ATOM   326 O O   . VAL A 1 43 ? 1.127   -3.155  -6.074  1.00 18.95 ? 32  VAL A O   1 
ATOM   327 C CB  . VAL A 1 43 ? 1.694   -0.377  -4.301  1.00 19.25 ? 32  VAL A CB  1 
ATOM   328 C CG1 . VAL A 1 43 ? 1.379   -1.485  -3.339  1.00 19.52 ? 32  VAL A CG1 1 
ATOM   329 C CG2 . VAL A 1 43 ? 2.826   0.563   -3.774  1.00 20.18 ? 32  VAL A CG2 1 
ATOM   330 N N   . LEU A 1 44 ? -0.079  -1.342  -6.732  1.00 17.96 ? 33  LEU A N   1 
ATOM   331 C CA  . LEU A 1 44 ? -1.113  -2.209  -7.314  1.00 18.57 ? 33  LEU A CA  1 
ATOM   332 C C   . LEU A 1 44 ? -0.528  -3.072  -8.427  1.00 19.14 ? 33  LEU A C   1 
ATOM   333 O O   . LEU A 1 44 ? -0.785  -4.285  -8.478  1.00 21.79 ? 33  LEU A O   1 
ATOM   334 C CB  . LEU A 1 44 ? -2.293  -1.409  -7.862  1.00 22.55 ? 33  LEU A CB  1 
ATOM   335 C CG  . LEU A 1 44 ? -3.310  -2.258  -8.701  1.00 33.38 ? 33  LEU A CG  1 
ATOM   336 C CD1 . LEU A 1 44 ? -3.899  -3.608  -8.102  1.00 32.23 ? 33  LEU A CD1 1 
ATOM   337 C CD2 . LEU A 1 44 ? -4.456  -1.413  -9.248  1.00 40.51 ? 33  LEU A CD2 1 
ATOM   338 N N   . LYS A 1 45 ? 0.314   -2.485  -9.282  1.00 20.75 ? 34  LYS A N   1 
ATOM   339 C CA  . LYS A 1 45 ? 0.916   -3.273  -10.354 1.00 21.62 ? 34  LYS A CA  1 
ATOM   340 C C   . LYS A 1 45 ? 1.759   -4.429  -9.800  1.00 20.12 ? 34  LYS A C   1 
ATOM   341 O O   . LYS A 1 45 ? 1.671   -5.561  -10.298 1.00 23.54 ? 34  LYS A O   1 
ATOM   342 C CB  . LYS A 1 45 ? 1.770   -2.371  -11.239 1.00 23.43 ? 34  LYS A CB  1 
ATOM   343 C CG  . LYS A 1 45 ? 2.510   -3.115  -12.364 1.00 28.12 ? 34  LYS A CG  1 
ATOM   344 C CD  . LYS A 1 45 ? 3.210   -2.113  -13.245 1.00 32.88 ? 34  LYS A CD  1 
ATOM   345 C CE  . LYS A 1 45 ? 4.056   -2.824  -14.289 1.00 38.99 ? 34  LYS A CE  1 
ATOM   346 N NZ  . LYS A 1 45 ? 4.633   -1.881  -15.305 1.00 47.01 ? 34  LYS A NZ  1 
ATOM   347 N N   . PHE A 1 46 ? 2.573   -4.153  -8.776  1.00 20.25 ? 35  PHE A N   1 
ATOM   348 C CA  . PHE A 1 46 ? 3.413   -5.176  -8.158  1.00 19.33 ? 35  PHE A CA  1 
ATOM   349 C C   . PHE A 1 46 ? 2.551   -6.285  -7.553  1.00 19.69 ? 35  PHE A C   1 
ATOM   350 O O   . PHE A 1 46 ? 2.812   -7.482  -7.752  1.00 18.60 ? 35  PHE A O   1 
ATOM   351 C CB  . PHE A 1 46 ? 4.262   -4.453  -7.095  1.00 18.64 ? 35  PHE A CB  1 
ATOM   352 C CG  . PHE A 1 46 ? 5.387   -5.258  -6.459  1.00 17.82 ? 35  PHE A CG  1 
ATOM   353 C CD1 . PHE A 1 46 ? 5.939   -6.401  -7.050  1.00 22.74 ? 35  PHE A CD1 1 
ATOM   354 C CD2 . PHE A 1 46 ? 5.866   -4.838  -5.236  1.00 17.31 ? 35  PHE A CD2 1 
ATOM   355 C CE1 . PHE A 1 46 ? 6.973   -7.094  -6.406  1.00 25.19 ? 35  PHE A CE1 1 
ATOM   356 C CE2 . PHE A 1 46 ? 6.923   -5.526  -4.633  1.00 17.78 ? 35  PHE A CE2 1 
ATOM   357 C CZ  . PHE A 1 46 ? 7.439   -6.642  -5.194  1.00 21.26 ? 35  PHE A CZ  1 
ATOM   358 N N   . ALA A 1 47 ? 1.517   -5.896  -6.803  1.00 18.61 ? 36  ALA A N   1 
ATOM   359 C CA  . ALA A 1 47 ? 0.660   -6.879  -6.147  1.00 18.62 ? 36  ALA A CA  1 
ATOM   360 C C   . ALA A 1 47 ? -0.063  -7.745  -7.160  1.00 18.94 ? 36  ALA A C   1 
ATOM   361 O O   . ALA A 1 47 ? -0.131  -8.971  -7.018  1.00 20.00 ? 36  ALA A O   1 
ATOM   362 C CB  . ALA A 1 47 ? -0.367  -6.186  -5.249  1.00 18.19 ? 36  ALA A CB  1 
ATOM   363 N N   . ALA A 1 48 ? -0.601  -7.126  -8.212  1.00 21.98 ? 37  ALA A N   1 
ATOM   364 C CA  . ALA A 1 48 ? -1.293  -7.921  -9.220  1.00 22.35 ? 37  ALA A CA  1 
ATOM   365 C C   . ALA A 1 48 ? -0.338  -8.897  -9.885  1.00 24.97 ? 37  ALA A C   1 
ATOM   366 O O   . ALA A 1 48 ? -0.720  -10.031 -10.184 1.00 26.44 ? 37  ALA A O   1 
ATOM   367 C CB  . ALA A 1 48 ? -1.955  -7.015  -10.261 1.00 26.01 ? 37  ALA A CB  1 
ATOM   368 N N   . GLU A 1 49 ? 0.905   -8.472  -10.135 1.00 22.47 ? 38  GLU A N   1 
ATOM   369 C CA  . GLU A 1 49 ? 1.880   -9.365  -10.747 1.00 24.87 ? 38  GLU A CA  1 
ATOM   370 C C   . GLU A 1 49 ? 2.169   -10.546 -9.842  1.00 27.38 ? 38  GLU A C   1 
ATOM   371 O O   . GLU A 1 49 ? 2.241   -11.694 -10.311 1.00 28.94 ? 38  GLU A O   1 
ATOM   372 C CB  . GLU A 1 49 ? 3.184   -8.626  -11.023 1.00 27.83 ? 38  GLU A CB  1 
ATOM   373 C CG  . GLU A 1 49 ? 3.180   -7.690  -12.202 1.00 33.93 ? 38  GLU A CG  1 
ATOM   374 C CD  . GLU A 1 49 ? 4.351   -6.709  -12.155 1.00 34.59 ? 38  GLU A CD  1 
ATOM   375 O OE1 . GLU A 1 49 ? 5.067   -6.640  -11.114 1.00 34.86 ? 38  GLU A OE1 1 
ATOM   376 O OE2 . GLU A 1 49 ? 4.525   -5.976  -13.145 1.00 38.55 ? 38  GLU A OE2 1 
ATOM   377 N N   . GLU A 1 50 ? 2.329   -10.281 -8.537  1.00 24.08 ? 39  GLU A N   1 
ATOM   378 C CA  . GLU A 1 50 ? 2.705   -11.359 -7.619  1.00 24.87 ? 39  GLU A CA  1 
ATOM   379 C C   . GLU A 1 50 ? 1.554   -12.331 -7.398  1.00 26.42 ? 39  GLU A C   1 
ATOM   380 O O   . GLU A 1 50 ? 1.783   -13.537 -7.254  1.00 30.60 ? 39  GLU A O   1 
ATOM   381 C CB  . GLU A 1 50 ? 3.172   -10.774 -6.280  1.00 25.66 ? 39  GLU A CB  1 
ATOM   382 C CG  . GLU A 1 50 ? 4.519   -10.088 -6.409  1.00 26.99 ? 39  GLU A CG  1 
ATOM   383 C CD  . GLU A 1 50 ? 5.616   -11.044 -6.930  1.00 33.68 ? 39  GLU A CD  1 
ATOM   384 O OE1 . GLU A 1 50 ? 5.643   -12.223 -6.522  1.00 34.01 ? 39  GLU A OE1 1 
ATOM   385 O OE2 . GLU A 1 50 ? 6.444   -10.626 -7.760  1.00 34.00 ? 39  GLU A OE2 1 
ATOM   386 N N   . PHE A 1 51 ? 0.309   -11.811 -7.352  1.00 22.90 ? 40  PHE A N   1 
ATOM   387 C CA  . PHE A 1 51 ? -0.883  -12.646 -7.252  1.00 23.93 ? 40  PHE A CA  1 
ATOM   388 C C   . PHE A 1 51 ? -1.333  -13.245 -8.584  1.00 28.94 ? 40  PHE A C   1 
ATOM   389 O O   . PHE A 1 51 ? -2.268  -14.048 -8.606  1.00 34.20 ? 40  PHE A O   1 
ATOM   390 C CB  . PHE A 1 51 ? -2.045  -11.827 -6.647  1.00 24.56 ? 40  PHE A CB  1 
ATOM   391 C CG  . PHE A 1 51 ? -1.979  -11.727 -5.140  1.00 24.72 ? 40  PHE A CG  1 
ATOM   392 C CD1 . PHE A 1 51 ? -2.434  -12.778 -4.338  1.00 29.14 ? 40  PHE A CD1 1 
ATOM   393 C CD2 . PHE A 1 51 ? -1.477  -10.625 -4.549  1.00 25.15 ? 40  PHE A CD2 1 
ATOM   394 C CE1 . PHE A 1 51 ? -2.388  -12.656 -2.941  1.00 28.32 ? 40  PHE A CE1 1 
ATOM   395 C CE2 . PHE A 1 51 ? -1.433  -10.508 -3.154  1.00 27.29 ? 40  PHE A CE2 1 
ATOM   396 C CZ  . PHE A 1 51 ? -1.902  -11.545 -2.376  1.00 25.39 ? 40  PHE A CZ  1 
ATOM   397 N N   . LYS A 1 52 ? -0.688  -12.880 -9.688  1.00 28.44 ? 41  LYS A N   1 
ATOM   398 C CA  . LYS A 1 52 ? -0.998  -13.383 -11.029 1.00 28.32 ? 41  LYS A CA  1 
ATOM   399 C C   . LYS A 1 52 ? -2.460  -13.125 -11.395 1.00 33.15 ? 41  LYS A C   1 
ATOM   400 O O   . LYS A 1 52 ? -3.193  -14.023 -11.830 1.00 36.50 ? 41  LYS A O   1 
ATOM   401 C CB  . LYS A 1 52 ? -0.645  -14.868 -11.192 1.00 36.82 ? 41  LYS A CB  1 
ATOM   402 C CG  . LYS A 1 52 ? 0.792   -15.226 -10.790 1.00 35.35 ? 41  LYS A CG  1 
ATOM   403 C CD  . LYS A 1 52 ? 1.062   -16.698 -10.994 1.00 43.43 ? 41  LYS A CD  1 
ATOM   404 C CE  . LYS A 1 52 ? 2.294   -17.117 -10.206 1.00 47.21 ? 41  LYS A CE  1 
ATOM   405 N NZ  . LYS A 1 52 ? 2.432   -18.610 -10.273 1.00 56.07 ? 41  LYS A NZ  1 
ATOM   406 N N   . VAL A 1 53 ? -2.852  -11.867 -11.266 1.00 32.54 ? 42  VAL A N   1 
ATOM   407 C CA  . VAL A 1 53 ? -4.167  -11.374 -11.663 1.00 37.16 ? 42  VAL A CA  1 
ATOM   408 C C   . VAL A 1 53 ? -3.955  -10.092 -12.455 1.00 38.63 ? 42  VAL A C   1 
ATOM   409 O O   . VAL A 1 53 ? -2.920  -9.425  -12.285 1.00 36.25 ? 42  VAL A O   1 
ATOM   410 C CB  . VAL A 1 53 ? -5.053  -11.122 -10.438 1.00 34.22 ? 42  VAL A CB  1 
ATOM   411 C CG1 . VAL A 1 53 ? -5.172  -12.397 -9.619  1.00 38.93 ? 42  VAL A CG1 1 
ATOM   412 C CG2 . VAL A 1 53 ? -4.481  -10.018 -9.580  1.00 33.45 ? 42  VAL A CG2 1 
ATOM   413 N N   . PRO A 1 54 ? -4.892  -9.711  -13.326 1.00 38.04 ? 43  PRO A N   1 
ATOM   414 C CA  . PRO A 1 54 ? -4.680  -8.525  -14.155 1.00 38.94 ? 43  PRO A CA  1 
ATOM   415 C C   . PRO A 1 54 ? -4.820  -7.267  -13.313 1.00 37.71 ? 43  PRO A C   1 
ATOM   416 O O   . PRO A 1 54 ? -5.782  -7.110  -12.556 1.00 36.77 ? 43  PRO A O   1 
ATOM   417 C CB  . PRO A 1 54 ? -5.784  -8.634  -15.210 1.00 40.19 ? 43  PRO A CB  1 
ATOM   418 C CG  . PRO A 1 54 ? -6.159  -10.103 -15.225 1.00 46.31 ? 43  PRO A CG  1 
ATOM   419 C CD  . PRO A 1 54 ? -6.048  -10.492 -13.778 1.00 41.38 ? 43  PRO A CD  1 
ATOM   420 N N   . ALA A 1 55 ? -3.837  -6.370  -13.429 1.00 35.02 ? 44  ALA A N   1 
ATOM   421 C CA  . ALA A 1 55 ? -3.936  -5.129  -12.682 1.00 35.32 ? 44  ALA A CA  1 
ATOM   422 C C   . ALA A 1 55 ? -5.181  -4.347  -13.067 1.00 34.39 ? 44  ALA A C   1 
ATOM   423 O O   . ALA A 1 55 ? -5.783  -3.687  -12.204 1.00 32.00 ? 44  ALA A O   1 
ATOM   424 C CB  . ALA A 1 55 ? -2.678  -4.276  -12.870 1.00 34.63 ? 44  ALA A CB  1 
ATOM   425 N N   . ALA A 1 56 ? -5.603  -4.436  -14.337 1.00 37.27 ? 45  ALA A N   1 
ATOM   426 C CA  . ALA A 1 56 ? -6.720  -3.615  -14.806 1.00 41.65 ? 45  ALA A CA  1 
ATOM   427 C C   . ALA A 1 56 ? -8.048  -4.011  -14.161 1.00 43.73 ? 45  ALA A C   1 
ATOM   428 O O   . ALA A 1 56 ? -8.936  -3.157  -14.010 1.00 45.05 ? 45  ALA A O   1 
ATOM   429 C CB  . ALA A 1 56 ? -6.806  -3.685  -16.335 1.00 45.04 ? 45  ALA A CB  1 
ATOM   430 N N   . THR A 1 57 ? -8.210  -5.276  -13.756 1.00 39.71 ? 46  THR A N   1 
ATOM   431 C CA  . THR A 1 57 ? -9.452  -5.743  -13.141 1.00 40.56 ? 46  THR A CA  1 
ATOM   432 C C   . THR A 1 57 ? -9.278  -6.046  -11.654 1.00 36.71 ? 46  THR A C   1 
ATOM   433 O O   . THR A 1 57 ? -10.067 -6.799  -11.069 1.00 37.44 ? 46  THR A O   1 
ATOM   434 C CB  . THR A 1 57 ? -9.991  -6.974  -13.878 1.00 43.57 ? 46  THR A CB  1 
ATOM   435 O OG1 . THR A 1 57 ? -9.039  -8.045  -13.807 1.00 43.88 ? 46  THR A OG1 1 
ATOM   436 C CG2 . THR A 1 57 ? -10.275 -6.651  -15.349 1.00 46.95 ? 46  THR A CG2 1 
ATOM   437 N N   . SER A 1 58 ? -8.237  -5.493  -11.032 1.00 31.20 ? 47  SER A N   1 
ATOM   438 C CA  . SER A 1 58 ? -7.972  -5.694  -9.620  1.00 28.78 ? 47  SER A CA  1 
ATOM   439 C C   . SER A 1 58 ? -7.918  -4.346  -8.907  1.00 28.22 ? 47  SER A C   1 
ATOM   440 O O   . SER A 1 58 ? -7.692  -3.306  -9.524  1.00 29.25 ? 47  SER A O   1 
ATOM   441 C CB  . SER A 1 58 ? -6.636  -6.420  -9.404  1.00 28.00 ? 47  SER A CB  1 
ATOM   442 O OG  . SER A 1 58 ? -6.659  -7.698  -9.987  1.00 35.81 ? 47  SER A OG  1 
ATOM   443 N N   . ALA A 1 59 ? -8.108  -4.375  -7.590  1.00 25.49 ? 48  ALA A N   1 
ATOM   444 C CA  . ALA A 1 59 ? -8.027  -3.157  -6.781  1.00 24.34 ? 48  ALA A CA  1 
ATOM   445 C C   . ALA A 1 59 ? -7.480  -3.521  -5.423  1.00 22.49 ? 48  ALA A C   1 
ATOM   446 O O   . ALA A 1 59 ? -7.598  -4.672  -5.008  1.00 24.32 ? 48  ALA A O   1 
ATOM   447 C CB  . ALA A 1 59 ? -9.403  -2.490  -6.623  1.00 25.85 ? 48  ALA A CB  1 
ATOM   448 N N   . ILE A 1 60 ? -6.849  -2.547  -4.756  1.00 23.50 ? 49  ILE A N   1 
ATOM   449 C CA  . ILE A 1 60 ? -6.377  -2.723  -3.373  1.00 19.18 ? 49  ILE A CA  1 
ATOM   450 C C   . ILE A 1 60 ? -7.197  -1.779  -2.506  1.00 19.30 ? 49  ILE A C   1 
ATOM   451 O O   . ILE A 1 60 ? -7.344  -0.584  -2.836  1.00 20.94 ? 49  ILE A O   1 
ATOM   452 C CB  . ILE A 1 60 ? -4.869  -2.459  -3.198  1.00 21.92 ? 49  ILE A CB  1 
ATOM   453 C CG1 . ILE A 1 60 ? -4.056  -3.545  -3.922  1.00 29.28 ? 49  ILE A CG1 1 
ATOM   454 C CG2 . ILE A 1 60 ? -4.565  -2.546  -1.734  1.00 24.12 ? 49  ILE A CG2 1 
ATOM   455 C CD1 . ILE A 1 60 ? -2.617  -3.189  -3.971  1.00 29.51 ? 49  ILE A CD1 1 
ATOM   456 N N   . ILE A 1 61 ? -7.827  -2.331  -1.454  1.00 19.65 ? 50  ILE A N   1 
ATOM   457 C CA  . ILE A 1 61 ? -8.657  -1.595  -0.496  1.00 19.64 ? 50  ILE A CA  1 
ATOM   458 C C   . ILE A 1 61 ? -8.111  -1.743  0.917   1.00 16.86 ? 50  ILE A C   1 
ATOM   459 O O   . ILE A 1 61 ? -7.216  -2.556  1.193   1.00 16.77 ? 50  ILE A O   1 
ATOM   460 C CB  . ILE A 1 61 ? -10.128 -2.044  -0.527  1.00 20.99 ? 50  ILE A CB  1 
ATOM   461 C CG1 . ILE A 1 61 ? -10.238 -3.505  -0.111  1.00 21.42 ? 50  ILE A CG1 1 
ATOM   462 C CG2 . ILE A 1 61 ? -10.692 -1.737  -1.916  1.00 22.39 ? 50  ILE A CG2 1 
ATOM   463 C CD1 . ILE A 1 61 ? -11.703 -4.003  -0.071  1.00 26.70 ? 50  ILE A CD1 1 
ATOM   464 N N   . THR A 1 62 ? -8.635  -0.893  1.835   1.00 17.29 ? 51  THR A N   1 
ATOM   465 C CA  . THR A 1 62 ? -8.096  -0.945  3.181   1.00 17.75 ? 51  THR A CA  1 
ATOM   466 C C   . THR A 1 62 ? -8.610  -2.204  3.883   1.00 21.41 ? 51  THR A C   1 
ATOM   467 O O   . THR A 1 62 ? -9.550  -2.879  3.405   1.00 21.36 ? 51  THR A O   1 
ATOM   468 C CB  . THR A 1 62 ? -8.511  0.276   3.991   1.00 19.67 ? 51  THR A CB  1 
ATOM   469 O OG1 . THR A 1 62 ? -9.947  0.222   4.182   1.00 21.78 ? 51  THR A OG1 1 
ATOM   470 C CG2 . THR A 1 62 ? -8.202  1.589   3.308   1.00 22.70 ? 51  THR A CG2 1 
ATOM   471 N N   . ASN A 1 63 ? -7.995  -2.531  5.022   1.00 23.24 ? 52  ASN A N   1 
ATOM   472 C CA  . ASN A 1 63 ? -8.458  -3.711  5.739   1.00 25.93 ? 52  ASN A CA  1 
ATOM   473 C C   . ASN A 1 63 ? -9.924  -3.576  6.113   1.00 31.94 ? 52  ASN A C   1 
ATOM   474 O O   . ASN A 1 63 ? -10.672 -4.567  6.063   1.00 29.26 ? 52  ASN A O   1 
ATOM   475 C CB  . ASN A 1 63 ? -7.598  -3.956  6.978   1.00 28.40 ? 52  ASN A CB  1 
ATOM   476 C CG  . ASN A 1 63 ? -7.544  -5.444  7.382   1.00 31.96 ? 52  ASN A CG  1 
ATOM   477 O OD1 . ASN A 1 63 ? -7.961  -6.348  6.642   1.00 35.47 ? 52  ASN A OD1 1 
ATOM   478 N ND2 . ASN A 1 63 ? -7.044  -5.693  8.576   1.00 41.75 ? 52  ASN A ND2 1 
ATOM   479 N N   . ASP A 1 64 ? -10.366 -2.336  6.407   1.00 28.97 ? 53  ASP A N   1 
ATOM   480 C CA  . ASP A 1 64 ? -11.759 -2.020  6.756   1.00 32.75 ? 53  ASP A CA  1 
ATOM   481 C C   . ASP A 1 64 ? -12.688 -2.017  5.551   1.00 31.61 ? 53  ASP A C   1 
ATOM   482 O O   . ASP A 1 64 ? -13.904 -1.818  5.724   1.00 36.35 ? 53  ASP A O   1 
ATOM   483 C CB  . ASP A 1 64 ? -11.861 -0.633  7.404   1.00 36.97 ? 53  ASP A CB  1 
ATOM   484 C CG  . ASP A 1 64 ? -11.263 -0.574  8.799   1.00 53.32 ? 53  ASP A CG  1 
ATOM   485 O OD1 . ASP A 1 64 ? -10.875 -1.624  9.358   1.00 57.85 ? 53  ASP A OD1 1 
ATOM   486 O OD2 . ASP A 1 64 ? -11.185 0.554   9.338   1.00 59.97 ? 53  ASP A OD2 1 
ATOM   487 N N   . GLY A 1 65 ? -12.157 -2.177  4.359   1.00 26.56 ? 54  GLY A N   1 
ATOM   488 C CA  . GLY A 1 65 ? -12.977 -2.368  3.183   1.00 26.58 ? 54  GLY A CA  1 
ATOM   489 C C   . GLY A 1 65 ? -13.298 -1.105  2.426   1.00 26.94 ? 54  GLY A C   1 
ATOM   490 O O   . GLY A 1 65 ? -14.283 -1.101  1.687   1.00 27.45 ? 54  GLY A O   1 
ATOM   491 N N   . ILE A 1 66 ? -12.471 -0.067  2.558   1.00 21.74 ? 55  ILE A N   1 
ATOM   492 C CA  . ILE A 1 66 ? -12.697 1.212   1.874   1.00 20.76 ? 55  ILE A CA  1 
ATOM   493 C C   . ILE A 1 66 ? -11.672 1.366   0.733   1.00 18.27 ? 55  ILE A C   1 
ATOM   494 O O   . ILE A 1 66 ? -10.535 0.911   0.821   1.00 17.35 ? 55  ILE A O   1 
ATOM   495 C CB  . ILE A 1 66 ? -12.591 2.343   2.925   1.00 23.80 ? 55  ILE A CB  1 
ATOM   496 C CG1 . ILE A 1 66 ? -13.500 2.012   4.114   1.00 29.46 ? 55  ILE A CG1 1 
ATOM   497 C CG2 . ILE A 1 66 ? -13.037 3.654   2.322   1.00 26.75 ? 55  ILE A CG2 1 
ATOM   498 C CD1 . ILE A 1 66 ? -14.960 1.918   3.717   1.00 31.75 ? 55  ILE A CD1 1 
ATOM   499 N N   . GLY A 1 67 ? -12.061 2.102   -0.332  1.00 17.69 ? 56  GLY A N   1 
ATOM   500 C CA  . GLY A 1 67 ? -11.139 2.368   -1.414  1.00 17.33 ? 56  GLY A CA  1 
ATOM   501 C C   . GLY A 1 67 ? -10.031 3.394   -1.056  1.00 15.53 ? 56  GLY A C   1 
ATOM   502 O O   . GLY A 1 67 ? -10.127 4.105   -0.044  1.00 17.95 ? 56  GLY A O   1 
ATOM   503 N N   . ILE A 1 68 ? -9.005  3.420   -1.929  1.00 16.06 ? 57  ILE A N   1 
ATOM   504 C CA  . ILE A 1 68 ? -7.810  4.239   -1.787  1.00 15.25 ? 57  ILE A CA  1 
ATOM   505 C C   . ILE A 1 68 ? -7.620  5.020   -3.080  1.00 17.53 ? 57  ILE A C   1 
ATOM   506 O O   . ILE A 1 68 ? -7.648  4.416   -4.169  1.00 20.76 ? 57  ILE A O   1 
ATOM   507 C CB  . ILE A 1 68 ? -6.591  3.315   -1.509  1.00 15.24 ? 57  ILE A CB  1 
ATOM   508 C CG1 . ILE A 1 68 ? -6.835  2.573   -0.170  1.00 17.24 ? 57  ILE A CG1 1 
ATOM   509 C CG2 . ILE A 1 68 ? -5.322  4.123   -1.473  1.00 18.85 ? 57  ILE A CG2 1 
ATOM   510 C CD1 . ILE A 1 68 ? -5.872  1.419   0.018   1.00 20.63 ? 57  ILE A CD1 1 
ATOM   511 N N   . ASN A 1 69 ? -7.393  6.342   -2.975  1.00 16.10 ? 58  ASN A N   1 
ATOM   512 C CA  . ASN A 1 69 ? -7.065  7.102   -4.201  1.00 16.64 ? 58  ASN A CA  1 
ATOM   513 C C   . ASN A 1 69 ? -5.680  6.676   -4.691  1.00 16.93 ? 58  ASN A C   1 
ATOM   514 O O   . ASN A 1 69 ? -4.732  6.777   -3.932  1.00 18.35 ? 58  ASN A O   1 
ATOM   515 C CB  . ASN A 1 69 ? -7.070  8.591   -3.844  1.00 18.44 ? 58  ASN A CB  1 
ATOM   516 C CG  . ASN A 1 69 ? -6.907  9.511   -5.087  1.00 20.37 ? 58  ASN A CG  1 
ATOM   517 O OD1 . ASN A 1 69 ? -6.127  9.175   -5.989  1.00 19.96 ? 58  ASN A OD1 1 
ATOM   518 N ND2 . ASN A 1 69 ? -7.613  10.622  -5.152  1.00 19.74 ? 58  ASN A ND2 1 
ATOM   519 N N   . PRO A 1 70 ? -5.520  6.214   -5.928  1.00 18.24 ? 59  PRO A N   1 
ATOM   520 C CA  . PRO A 1 70 ? -4.209  5.693   -6.341  1.00 21.16 ? 59  PRO A CA  1 
ATOM   521 C C   . PRO A 1 70 ? -3.144  6.761   -6.496  1.00 19.12 ? 59  PRO A C   1 
ATOM   522 O O   . PRO A 1 70 ? -1.950  6.407   -6.592  1.00 21.61 ? 59  PRO A O   1 
ATOM   523 C CB  . PRO A 1 70 ? -4.520  5.022   -7.681  1.00 27.69 ? 59  PRO A CB  1 
ATOM   524 C CG  . PRO A 1 70 ? -5.708  5.697   -8.175  1.00 30.51 ? 59  PRO A CG  1 
ATOM   525 C CD  . PRO A 1 70 ? -6.535  6.151   -6.974  1.00 22.95 ? 59  PRO A CD  1 
ATOM   526 N N   . ALA A 1 71 ? -3.519  8.038   -6.592  1.00 18.11 ? 60  ALA A N   1 
ATOM   527 C CA  . ALA A 1 71 ? -2.598  9.133   -6.899  1.00 20.63 ? 60  ALA A CA  1 
ATOM   528 C C   . ALA A 1 71 ? -2.010  9.723   -5.625  1.00 23.28 ? 60  ALA A C   1 
ATOM   529 O O   . ALA A 1 71 ? -2.234  10.887  -5.266  1.00 26.28 ? 60  ALA A O   1 
ATOM   530 C CB  . ALA A 1 71 ? -3.338  10.199  -7.696  1.00 24.39 ? 60  ALA A CB  1 
ATOM   531 N N   . GLN A 1 72 ? -1.243  8.871   -4.936  1.00 19.88 ? 61  GLN A N   1 
ATOM   532 C CA  . GLN A 1 72 ? -0.518  9.249   -3.735  1.00 21.96 ? 61  GLN A CA  1 
ATOM   533 C C   . GLN A 1 72 ? 0.580   8.232   -3.579  1.00 20.23 ? 61  GLN A C   1 
ATOM   534 O O   . GLN A 1 72 ? 0.597   7.221   -4.276  1.00 22.10 ? 61  GLN A O   1 
ATOM   535 C CB  . GLN A 1 72 ? -1.371  9.278   -2.468  1.00 24.08 ? 61  GLN A CB  1 
ATOM   536 C CG  . GLN A 1 72 ? -1.992  7.982   -2.083  1.00 19.94 ? 61  GLN A CG  1 
ATOM   537 C CD  . GLN A 1 72 ? -3.033  8.164   -0.995  1.00 26.31 ? 61  GLN A CD  1 
ATOM   538 O OE1 . GLN A 1 72 ? -2.788  8.824   0.020   1.00 34.66 ? 61  GLN A OE1 1 
ATOM   539 N NE2 . GLN A 1 72 ? -4.238  7.652   -1.242  1.00 20.37 ? 61  GLN A NE2 1 
ATOM   540 N N   . THR A 1 73 ? 1.483   8.509   -2.650  1.00 22.65 ? 62  THR A N   1 
ATOM   541 C CA  . THR A 1 73 ? 2.624   7.631   -2.440  1.00 20.25 ? 62  THR A CA  1 
ATOM   542 C C   . THR A 1 73 ? 2.293   6.494   -1.494  1.00 19.51 ? 62  THR A C   1 
ATOM   543 O O   . THR A 1 73 ? 1.356   6.538   -0.677  1.00 18.21 ? 62  THR A O   1 
ATOM   544 C CB  . THR A 1 73 ? 3.795   8.387   -1.837  1.00 24.29 ? 62  THR A CB  1 
ATOM   545 O OG1 . THR A 1 73 ? 3.430   8.807   -0.503  1.00 23.17 ? 62  THR A OG1 1 
ATOM   546 C CG2 . THR A 1 73 ? 4.215   9.573   -2.690  1.00 25.33 ? 62  THR A CG2 1 
ATOM   547 N N   . ALA A 1 74 ? 3.108   5.461   -1.601  1.00 16.67 ? 63  ALA A N   1 
ATOM   548 C CA  . ALA A 1 74 ? 3.029   4.357   -0.657  1.00 16.21 ? 63  ALA A CA  1 
ATOM   549 C C   . ALA A 1 74 ? 3.152   4.835   0.791   1.00 18.05 ? 63  ALA A C   1 
ATOM   550 O O   . ALA A 1 74 ? 2.436   4.348   1.678   1.00 18.28 ? 63  ALA A O   1 
ATOM   551 C CB  . ALA A 1 74 ? 4.114   3.329   -0.967  1.00 15.99 ? 63  ALA A CB  1 
ATOM   552 N N   . GLY A 1 75 ? 4.082   5.741   1.056   1.00 17.17 ? 64  GLY A N   1 
ATOM   553 C CA  . GLY A 1 75 ? 4.222   6.248   2.419   1.00 19.78 ? 64  GLY A CA  1 
ATOM   554 C C   . GLY A 1 75 ? 2.938   6.896   2.921   1.00 23.65 ? 64  GLY A C   1 
ATOM   555 O O   . GLY A 1 75 ? 2.560   6.718   4.080   1.00 21.19 ? 64  GLY A O   1 
ATOM   556 N N   . ASN A 1 76 ? 2.242   7.647   2.056   1.00 22.14 ? 65  ASN A N   1 
ATOM   557 C CA  . ASN A 1 76 ? 1.029   8.284   2.527   1.00 22.09 ? 65  ASN A CA  1 
ATOM   558 C C   . ASN A 1 76 ? -0.074  7.255   2.810   1.00 21.25 ? 65  ASN A C   1 
ATOM   559 O O   . ASN A 1 76 ? -0.877  7.436   3.743   1.00 23.02 ? 65  ASN A O   1 
ATOM   560 C CB  . ASN A 1 76 ? 0.574   9.298   1.493   1.00 23.68 ? 65  ASN A CB  1 
ATOM   561 C CG  . ASN A 1 76 ? 0.962   10.650  1.891   1.00 45.88 ? 65  ASN A CG  1 
ATOM   562 O OD1 . ASN A 1 76 ? 1.942   11.213  1.402   1.00 47.88 ? 65  ASN A OD1 1 
ATOM   563 N ND2 . ASN A 1 76 ? 0.237   11.178  2.856   1.00 45.11 ? 65  ASN A ND2 1 
ATOM   564 N N   . VAL A 1 77 ? -0.181  6.239   1.981   1.00 18.44 ? 66  VAL A N   1 
ATOM   565 C CA  . VAL A 1 77 ? -1.150  5.176   2.219   1.00 18.64 ? 66  VAL A CA  1 
ATOM   566 C C   . VAL A 1 77 ? -0.857  4.501   3.547   1.00 21.03 ? 66  VAL A C   1 
ATOM   567 O O   . VAL A 1 77 ? -1.766  4.265   4.363   1.00 20.84 ? 66  VAL A O   1 
ATOM   568 C CB  . VAL A 1 77 ? -1.137  4.164   1.067   1.00 19.65 ? 66  VAL A CB  1 
ATOM   569 C CG1 . VAL A 1 77 ? -2.069  2.980   1.399   1.00 18.80 ? 66  VAL A CG1 1 
ATOM   570 C CG2 . VAL A 1 77 ? -1.599  4.870   -0.195  1.00 19.05 ? 66  VAL A CG2 1 
ATOM   571 N N   . PHE A 1 78 ? 0.422   4.187   3.788   1.00 18.01 ? 67  PHE A N   1 
ATOM   572 C CA  . PHE A 1 78 ? 0.753   3.569   5.070   1.00 19.22 ? 67  PHE A CA  1 
ATOM   573 C C   . PHE A 1 78 ? 0.440   4.489   6.255   1.00 22.79 ? 67  PHE A C   1 
ATOM   574 O O   . PHE A 1 78 ? -0.081  4.029   7.279   1.00 22.60 ? 67  PHE A O   1 
ATOM   575 C CB  . PHE A 1 78 ? 2.224   3.163   5.082   1.00 17.12 ? 67  PHE A CB  1 
ATOM   576 C CG  . PHE A 1 78 ? 2.657   2.582   6.380   1.00 20.04 ? 67  PHE A CG  1 
ATOM   577 C CD1 . PHE A 1 78 ? 2.389   1.255   6.679   1.00 25.71 ? 67  PHE A CD1 1 
ATOM   578 C CD2 . PHE A 1 78 ? 3.366   3.351   7.292   1.00 23.14 ? 67  PHE A CD2 1 
ATOM   579 C CE1 . PHE A 1 78 ? 2.773   0.713   7.908   1.00 29.03 ? 67  PHE A CE1 1 
ATOM   580 C CE2 . PHE A 1 78 ? 3.755   2.809   8.508   1.00 29.97 ? 67  PHE A CE2 1 
ATOM   581 C CZ  . PHE A 1 78 ? 3.459   1.496   8.799   1.00 30.55 ? 67  PHE A CZ  1 
ATOM   582 N N   . LEU A 1 79 ? 0.771   5.785   6.158   1.00 21.59 ? 68  LEU A N   1 
ATOM   583 C CA  . LEU A 1 79 ? 0.399   6.722   7.224   1.00 24.79 ? 68  LEU A CA  1 
ATOM   584 C C   . LEU A 1 79 ? -1.094  6.687   7.513   1.00 29.11 ? 68  LEU A C   1 
ATOM   585 O O   . LEU A 1 79 ? -1.506  6.742   8.677   1.00 31.49 ? 68  LEU A O   1 
ATOM   586 C CB  . LEU A 1 79 ? 0.824   8.105   6.802   1.00 26.85 ? 68  LEU A CB  1 
ATOM   587 C CG  . LEU A 1 79 ? 2.283   8.415   7.027   1.00 34.47 ? 68  LEU A CG  1 
ATOM   588 C CD1 . LEU A 1 79 ? 2.451   9.913   6.703   1.00 40.14 ? 68  LEU A CD1 1 
ATOM   589 C CD2 . LEU A 1 79 ? 2.624   8.182   8.506   1.00 37.68 ? 68  LEU A CD2 1 
ATOM   590 N N   . LYS A 1 80 ? -1.917  6.662   6.470   1.00 24.32 ? 69  LYS A N   1 
ATOM   591 C CA  . LYS A 1 80 ? -3.365  6.717   6.652   1.00 28.14 ? 69  LYS A CA  1 
ATOM   592 C C   . LYS A 1 80 ? -3.959  5.389   7.106   1.00 28.89 ? 69  LYS A C   1 
ATOM   593 O O   . LYS A 1 80 ? -4.959  5.396   7.847   1.00 31.32 ? 69  LYS A O   1 
ATOM   594 C CB  . LYS A 1 80 ? -4.043  7.091   5.340   1.00 29.67 ? 69  LYS A CB  1 
ATOM   595 C CG  . LYS A 1 80 ? -3.837  8.512   4.908   1.00 36.10 ? 69  LYS A CG  1 
ATOM   596 C CD  . LYS A 1 80 ? -4.425  8.706   3.517   1.00 39.32 ? 69  LYS A CD  1 
ATOM   597 C CE  . LYS A 1 80 ? -4.400  10.163  3.097   1.00 46.81 ? 69  LYS A CE  1 
ATOM   598 N NZ  . LYS A 1 80 ? -5.073  10.348  1.782   1.00 45.62 ? 69  LYS A NZ  1 
ATOM   599 N N   . HIS A 1 81 ? -3.425  4.252   6.599   1.00 24.91 ? 70  HIS A N   1 
ATOM   600 C CA  . HIS A 1 81 ? -4.127  2.971   6.689   1.00 23.99 ? 70  HIS A CA  1 
ATOM   601 C C   . HIS A 1 81 ? -3.327  1.834   7.299   1.00 27.23 ? 70  HIS A C   1 
ATOM   602 O O   . HIS A 1 81 ? -3.890  0.734   7.483   1.00 25.68 ? 70  HIS A O   1 
ATOM   603 C CB  . HIS A 1 81 ? -4.618  2.522   5.304   1.00 25.43 ? 70  HIS A CB  1 
ATOM   604 C CG  . HIS A 1 81 ? -5.491  3.553   4.652   1.00 25.73 ? 70  HIS A CG  1 
ATOM   605 N ND1 . HIS A 1 81 ? -6.698  3.955   5.175   1.00 28.54 ? 70  HIS A ND1 1 
ATOM   606 C CD2 . HIS A 1 81 ? -5.314  4.260   3.514   1.00 24.33 ? 70  HIS A CD2 1 
ATOM   607 C CE1 . HIS A 1 81 ? -7.239  4.869   4.384   1.00 26.96 ? 70  HIS A CE1 1 
ATOM   608 N NE2 . HIS A 1 81 ? -6.419  5.058   3.361   1.00 26.12 ? 70  HIS A NE2 1 
ATOM   609 N N   . GLY A 1 82 ? -2.062  2.045   7.606   1.00 22.62 ? 71  GLY A N   1 
ATOM   610 C CA  . GLY A 1 82 ? -1.275  0.967   8.132   1.00 22.39 ? 71  GLY A CA  1 
ATOM   611 C C   . GLY A 1 82 ? -0.901  -0.062  7.074   1.00 21.66 ? 71  GLY A C   1 
ATOM   612 O O   . GLY A 1 82 ? -0.965  0.185   5.865   1.00 20.01 ? 71  GLY A O   1 
ATOM   613 N N   . SER A 1 83 ? -0.429  -1.214  7.559   1.00 21.47 ? 72  SER A N   1 
ATOM   614 C CA  . SER A 1 83 ? 0.158   -2.198  6.669   1.00 18.64 ? 72  SER A CA  1 
ATOM   615 C C   . SER A 1 83 ? -0.833  -3.189  6.066   1.00 19.65 ? 72  SER A C   1 
ATOM   616 O O   . SER A 1 83 ? -0.517  -3.748  4.999   1.00 20.11 ? 72  SER A O   1 
ATOM   617 C CB  . SER A 1 83 ? 1.260   -2.998  7.373   1.00 30.73 ? 72  SER A CB  1 
ATOM   618 O OG  . SER A 1 83 ? 0.709   -3.547  8.535   1.00 34.38 ? 72  SER A OG  1 
ATOM   619 N N   . GLU A 1 84 ? -2.047  -3.358  6.618   1.00 18.42 ? 73  GLU A N   1 
ATOM   620 C CA  . GLU A 1 84 ? -2.903  -4.465  6.188   1.00 18.61 ? 73  GLU A CA  1 
ATOM   621 C C   . GLU A 1 84 ? -3.847  -3.985  5.096   1.00 16.43 ? 73  GLU A C   1 
ATOM   622 O O   . GLU A 1 84 ? -4.749  -3.169  5.348   1.00 18.85 ? 73  GLU A O   1 
ATOM   623 C CB  . GLU A 1 84 ? -3.723  -5.037  7.348   1.00 23.05 ? 73  GLU A CB  1 
ATOM   624 C CG  . GLU A 1 84 ? -2.883  -5.614  8.485   1.00 27.30 ? 73  GLU A CG  1 
ATOM   625 C CD  . GLU A 1 84 ? -2.342  -7.020  8.250   1.00 32.48 ? 73  GLU A CD  1 
ATOM   626 O OE1 . GLU A 1 84 ? -2.804  -7.776  7.346   1.00 27.54 ? 73  GLU A OE1 1 
ATOM   627 O OE2 . GLU A 1 84 ? -1.410  -7.398  8.995   1.00 35.40 ? 73  GLU A OE2 1 
ATOM   628 N N   . LEU A 1 85 ? -3.690  -4.546  3.899   1.00 15.38 ? 74  LEU A N   1 
ATOM   629 C CA  . LEU A 1 85 ? -4.526  -4.201  2.758   1.00 15.58 ? 74  LEU A CA  1 
ATOM   630 C C   . LEU A 1 85 ? -5.097  -5.474  2.137   1.00 16.22 ? 74  LEU A C   1 
ATOM   631 O O   . LEU A 1 85 ? -4.620  -6.577  2.417   1.00 16.42 ? 74  LEU A O   1 
ATOM   632 C CB  . LEU A 1 85 ? -3.733  -3.424  1.690   1.00 16.94 ? 74  LEU A CB  1 
ATOM   633 C CG  . LEU A 1 85 ? -3.028  -2.157  2.202   1.00 18.36 ? 74  LEU A CG  1 
ATOM   634 C CD1 . LEU A 1 85 ? -2.246  -1.559  1.046   1.00 25.68 ? 74  LEU A CD1 1 
ATOM   635 C CD2 . LEU A 1 85 ? -3.989  -1.095  2.797   1.00 18.54 ? 74  LEU A CD2 1 
ATOM   636 N N   . ARG A 1 86 ? -6.164  -5.287  1.327   1.00 17.16 ? 75  ARG A N   1 
ATOM   637 C CA  . ARG A 1 86 ? -6.818  -6.419  0.687   1.00 18.32 ? 75  ARG A CA  1 
ATOM   638 C C   . ARG A 1 86 ? -6.795  -6.211  -0.820  1.00 22.21 ? 75  ARG A C   1 
ATOM   639 O O   . ARG A 1 86 ? -7.052  -5.101  -1.319  1.00 21.73 ? 75  ARG A O   1 
ATOM   640 C CB  . ARG A 1 86 ? -8.315  -6.527  1.197   1.00 20.07 ? 75  ARG A CB  1 
ATOM   641 C CG  . ARG A 1 86 ? -8.314  -6.829  2.691   1.00 20.35 ? 75  ARG A CG  1 
ATOM   642 C CD  . ARG A 1 86 ? -9.688  -6.467  3.370   1.00 22.32 ? 75  ARG A CD  1 
ATOM   643 N NE  . ARG A 1 86 ? -10.700 -7.090  2.572   1.00 26.07 ? 75  ARG A NE  1 
ATOM   644 C CZ  . ARG A 1 86 ? -11.995 -6.842  2.777   1.00 32.65 ? 75  ARG A CZ  1 
ATOM   645 N NH1 . ARG A 1 86 ? -12.335 -5.988  3.764   1.00 33.38 ? 75  ARG A NH1 1 
ATOM   646 N NH2 . ARG A 1 86 ? -12.926 -7.439  2.024   1.00 35.26 ? 75  ARG A NH2 1 
ATOM   647 N N   . ILE A 1 87 ? -6.568  -7.293  -1.561  1.00 19.36 ? 76  ILE A N   1 
ATOM   648 C CA  . ILE A 1 87 ? -6.654  -7.222  -3.014  1.00 21.35 ? 76  ILE A CA  1 
ATOM   649 C C   . ILE A 1 87 ? -7.952  -7.899  -3.440  1.00 23.54 ? 76  ILE A C   1 
ATOM   650 O O   . ILE A 1 87 ? -8.305  -8.995  -2.958  1.00 23.50 ? 76  ILE A O   1 
ATOM   651 C CB  . ILE A 1 87 ? -5.372  -7.776  -3.707  1.00 20.19 ? 76  ILE A CB  1 
ATOM   652 C CG1 . ILE A 1 87 ? -5.473  -7.495  -5.224  1.00 21.63 ? 76  ILE A CG1 1 
ATOM   653 C CG2 . ILE A 1 87 ? -5.082  -9.294  -3.387  1.00 21.36 ? 76  ILE A CG2 1 
ATOM   654 C CD1 . ILE A 1 87 ? -4.149  -7.820  -6.031  1.00 25.02 ? 76  ILE A CD1 1 
ATOM   655 N N   . ILE A 1 88 ? -8.703  -7.218  -4.307  1.00 23.61 ? 77  ILE A N   1 
ATOM   656 C CA  . ILE A 1 88 ? -10.050 -7.654  -4.678  1.00 26.00 ? 77  ILE A CA  1 
ATOM   657 C C   . ILE A 1 88 ? -10.253 -7.456  -6.171  1.00 27.75 ? 77  ILE A C   1 
ATOM   658 O O   . ILE A 1 88 ? -9.525  -6.703  -6.831  1.00 27.95 ? 77  ILE A O   1 
ATOM   659 C CB  . ILE A 1 88 ? -11.130 -6.869  -3.904  1.00 28.59 ? 77  ILE A CB  1 
ATOM   660 C CG1 . ILE A 1 88 ? -11.125 -5.399  -4.350  1.00 28.60 ? 77  ILE A CG1 1 
ATOM   661 C CG2 . ILE A 1 88 ? -10.908 -6.972  -2.406  1.00 30.35 ? 77  ILE A CG2 1 
ATOM   662 C CD1 . ILE A 1 88 ? -12.430 -4.704  -4.043  1.00 30.06 ? 77  ILE A CD1 1 
ATOM   663 N N   . PRO A 1 89 ? -11.238 -8.135  -6.739  1.00 30.27 ? 78  PRO A N   1 
ATOM   664 C CA  . PRO A 1 89 ? -11.572 -7.864  -8.143  1.00 34.21 ? 78  PRO A CA  1 
ATOM   665 C C   . PRO A 1 89 ? -12.282 -6.530  -8.241  1.00 37.68 ? 78  PRO A C   1 
ATOM   666 O O   . PRO A 1 89 ? -13.011 -6.146  -7.324  1.00 41.15 ? 78  PRO A O   1 
ATOM   667 C CB  . PRO A 1 89 ? -12.497 -9.025  -8.516  1.00 42.70 ? 78  PRO A CB  1 
ATOM   668 C CG  . PRO A 1 89 ? -13.147 -9.415  -7.206  1.00 40.48 ? 78  PRO A CG  1 
ATOM   669 C CD  . PRO A 1 89 ? -12.162 -9.097  -6.102  1.00 31.88 ? 78  PRO A CD  1 
ATOM   670 N N   . ARG A 1 90 ? -12.052 -5.808  -9.343  1.00 41.83 ? 79  ARG A N   1 
ATOM   671 C CA  . ARG A 1 90 ? -12.774 -4.542  -9.566  1.00 48.40 ? 79  ARG A CA  1 
ATOM   672 C C   . ARG A 1 90 ? -13.685 -4.689  -10.756 1.00 59.94 ? 79  ARG A C   1 
ATOM   673 O O   . ARG A 1 90 ? -14.893 -4.752  -10.582 1.00 81.44 ? 79  ARG A O   1 
ATOM   674 C CB  . ARG A 1 90 ? -11.817 -3.346  -9.751  1.00 52.86 ? 79  ARG A CB  1 
ATOM   675 C CG  . ARG A 1 90 ? -11.334 -3.073  -11.168 1.00 58.27 ? 79  ARG A CG  1 
ATOM   676 C CD  . ARG A 1 90 ? -10.701 -1.663  -11.358 1.00 59.17 ? 79  ARG A CD  1 
ATOM   677 N NE  . ARG A 1 90 ? -9.386  -1.512  -10.721 1.00 58.06 ? 79  ARG A NE  1 
ATOM   678 C CZ  . ARG A 1 90 ? -9.082  -0.582  -9.808  1.00 58.06 ? 79  ARG A CZ  1 
ATOM   679 N NH1 . ARG A 1 90 ? -7.853  -0.535  -9.271  1.00 54.33 ? 79  ARG A NH1 1 
ATOM   680 N NH2 . ARG A 1 90 ? -9.997  0.314   -9.438  1.00 57.90 ? 79  ARG A NH2 1 
HETATM 681 O O   . HOH B 2 .  ? -15.807 -6.077  -9.709  1.00 57.70 ? 101 HOH A O   1 
HETATM 682 O O   . HOH B 2 .  ? 6.835   7.546   6.227   1.00 50.89 ? 102 HOH A O   1 
HETATM 683 O O   . HOH B 2 .  ? 10.609  13.341  15.093  1.00 48.04 ? 103 HOH A O   1 
HETATM 684 O O   . HOH B 2 .  ? 14.944  24.411  19.340  1.00 33.92 ? 104 HOH A O   1 
HETATM 685 O O   . HOH B 2 .  ? 11.429  8.754   1.086   1.00 35.24 ? 105 HOH A O   1 
HETATM 686 O O   . HOH B 2 .  ? 13.878  28.719  12.116  1.00 41.80 ? 106 HOH A O   1 
HETATM 687 O O   . HOH B 2 .  ? -16.745 -3.112  -10.006 1.00 51.28 ? 107 HOH A O   1 
HETATM 688 O O   . HOH B 2 .  ? 3.035   3.910   -11.273 1.00 40.04 ? 108 HOH A O   1 
HETATM 689 O O   . HOH B 2 .  ? 7.833   18.659  11.106  1.00 34.74 ? 109 HOH A O   1 
HETATM 690 O O   . HOH B 2 .  ? -4.066  -16.356 -11.167 1.00 53.17 ? 110 HOH A O   1 
HETATM 691 O O   . HOH B 2 .  ? 0.093   6.740   -8.173  1.00 34.89 ? 111 HOH A O   1 
HETATM 692 O O   . HOH B 2 .  ? -0.696  -9.716  9.946   1.00 46.35 ? 112 HOH A O   1 
HETATM 693 O O   . HOH B 2 .  ? -12.790 -9.750  0.031   1.00 29.93 ? 113 HOH A O   1 
HETATM 694 O O   . HOH B 2 .  ? 11.516  -5.381  7.163   1.00 42.23 ? 114 HOH A O   1 
HETATM 695 O O   . HOH B 2 .  ? 13.614  8.164   2.012   1.00 32.41 ? 115 HOH A O   1 
HETATM 696 O O   . HOH B 2 .  ? 11.269  7.028   -1.414  1.00 26.98 ? 116 HOH A O   1 
HETATM 697 O O   . HOH B 2 .  ? -6.673  9.929   -8.469  1.00 26.70 ? 117 HOH A O   1 
HETATM 698 O O   . HOH B 2 .  ? -10.273 5.928   1.882   1.00 20.48 ? 118 HOH A O   1 
HETATM 699 O O   . HOH B 2 .  ? -4.174  -15.323 -7.265  1.00 45.66 ? 119 HOH A O   1 
HETATM 700 O O   . HOH B 2 .  ? -9.024  1.213   -3.888  1.00 22.44 ? 120 HOH A O   1 
HETATM 701 O O   . HOH B 2 .  ? -15.032 -4.524  -6.649  1.00 34.14 ? 121 HOH A O   1 
HETATM 702 O O   . HOH B 2 .  ? 6.285   9.966   -5.890  1.00 38.77 ? 122 HOH A O   1 
HETATM 703 O O   . HOH B 2 .  ? -5.715  -0.857  6.309   1.00 25.05 ? 123 HOH A O   1 
HETATM 704 O O   . HOH B 2 .  ? 5.831   10.555  7.924   1.00 31.18 ? 124 HOH A O   1 
HETATM 705 O O   . HOH B 2 .  ? -6.574  -17.849 -4.938  1.00 42.89 ? 125 HOH A O   1 
HETATM 706 O O   . HOH B 2 .  ? -4.026  -12.213 6.040   1.00 23.48 ? 126 HOH A O   1 
HETATM 707 O O   . HOH B 2 .  ? 10.768  21.111  5.097   1.00 46.79 ? 127 HOH A O   1 
HETATM 708 O O   . HOH B 2 .  ? -16.130 -3.043  1.999   1.00 32.72 ? 128 HOH A O   1 
HETATM 709 O O   . HOH B 2 .  ? 10.135  6.429   -5.981  1.00 39.22 ? 129 HOH A O   1 
HETATM 710 O O   . HOH B 2 .  ? -10.354 -10.757 -2.826  1.00 30.00 ? 130 HOH A O   1 
HETATM 711 O O   . HOH B 2 .  ? -10.864 -17.714 6.102   1.00 23.50 ? 131 HOH A O   1 
HETATM 712 O O   . HOH B 2 .  ? -1.714  -6.866  11.658  1.00 59.14 ? 132 HOH A O   1 
HETATM 713 O O   . HOH B 2 .  ? 9.282   -5.675  5.600   1.00 35.89 ? 133 HOH A O   1 
HETATM 714 O O   . HOH B 2 .  ? 16.567  25.582  10.739  1.00 25.11 ? 134 HOH A O   1 
HETATM 715 O O   . HOH B 2 .  ? -1.395  -0.308  -11.498 1.00 34.65 ? 135 HOH A O   1 
HETATM 716 O O   . HOH B 2 .  ? -3.893  -8.124  4.842   1.00 18.64 ? 136 HOH A O   1 
HETATM 717 O O   . HOH B 2 .  ? -8.614  -9.604  -9.571  1.00 55.11 ? 137 HOH A O   1 
HETATM 718 O O   . HOH B 2 .  ? -0.488  -8.793  -13.433 1.00 43.66 ? 138 HOH A O   1 
HETATM 719 O O   . HOH B 2 .  ? 12.776  25.788  8.411   1.00 21.17 ? 139 HOH A O   1 
HETATM 720 O O   . HOH B 2 .  ? -4.221  12.813  -5.171  1.00 41.83 ? 140 HOH A O   1 
HETATM 721 O O   . HOH B 2 .  ? 8.836   -1.450  6.189   1.00 20.96 ? 141 HOH A O   1 
HETATM 722 O O   . HOH B 2 .  ? -6.172  2.577   -5.652  1.00 42.58 ? 142 HOH A O   1 
HETATM 723 O O   . HOH B 2 .  ? -6.646  -1.060  -11.850 1.00 45.94 ? 143 HOH A O   1 
HETATM 724 O O   . HOH B 2 .  ? 5.479   10.173  0.805   1.00 32.34 ? 144 HOH A O   1 
HETATM 725 O O   . HOH B 2 .  ? -9.511  -21.812 -1.319  1.00 35.70 ? 145 HOH A O   1 
HETATM 726 O O   . HOH B 2 .  ? 3.480   0.545   -16.074 1.00 56.44 ? 146 HOH A O   1 
HETATM 727 O O   . HOH B 2 .  ? 5.350   -16.007 5.906   1.00 43.47 ? 147 HOH A O   1 
HETATM 728 O O   . HOH B 2 .  ? -10.600 -12.044 -5.962  1.00 49.34 ? 148 HOH A O   1 
HETATM 729 O O   . HOH B 2 .  ? -8.100  2.502   7.161   1.00 32.81 ? 149 HOH A O   1 
HETATM 730 O O   . HOH B 2 .  ? 6.697   -8.688  -9.810  1.00 34.54 ? 150 HOH A O   1 
HETATM 731 O O   . HOH B 2 .  ? -3.300  -10.434 8.188   1.00 38.95 ? 151 HOH A O   1 
HETATM 732 O O   . HOH B 2 .  ? 5.264   -1.854  -10.055 1.00 27.24 ? 152 HOH A O   1 
HETATM 733 O O   . HOH B 2 .  ? -6.632  -8.493  5.349   1.00 28.77 ? 153 HOH A O   1 
HETATM 734 O O   . HOH B 2 .  ? 0.330   -5.959  -12.770 1.00 39.82 ? 154 HOH A O   1 
HETATM 735 O O   . HOH B 2 .  ? -12.865 -15.802 2.119   1.00 46.55 ? 155 HOH A O   1 
HETATM 736 O O   . HOH B 2 .  ? 1.263   -6.430  8.848   1.00 44.31 ? 156 HOH A O   1 
HETATM 737 O O   . HOH B 2 .  ? 6.518   -4.362  -10.193 1.00 33.33 ? 157 HOH A O   1 
HETATM 738 O O   . HOH B 2 .  ? 3.016   -11.929 8.471   1.00 40.13 ? 158 HOH A O   1 
HETATM 739 O O   . HOH B 2 .  ? 15.095  -4.526  4.449   1.00 21.88 ? 159 HOH A O   1 
HETATM 740 O O   . HOH B 2 .  ? -3.988  -5.234  -16.570 1.00 38.85 ? 160 HOH A O   1 
HETATM 741 O O   . HOH B 2 .  ? -9.228  -9.820  -11.555 1.00 59.06 ? 161 HOH A O   1 
HETATM 742 O O   . HOH B 2 .  ? 9.723   3.713   -6.361  1.00 32.25 ? 162 HOH A O   1 
HETATM 743 O O   . HOH B 2 .  ? 0.585   3.880   10.072  1.00 32.02 ? 163 HOH A O   1 
HETATM 744 O O   . HOH B 2 .  ? 2.757   -12.085 -13.115 1.00 48.54 ? 164 HOH A O   1 
HETATM 745 O O   . HOH B 2 .  ? 5.583   0.100   6.427   1.00 26.20 ? 165 HOH A O   1 
HETATM 746 O O   . HOH B 2 .  ? 8.428   21.122  8.278   1.00 26.56 ? 166 HOH A O   1 
HETATM 747 O O   . HOH B 2 .  ? -7.126  7.646   -0.414  1.00 20.92 ? 167 HOH A O   1 
HETATM 748 O O   . HOH B 2 .  ? 7.095   17.648  6.777   1.00 49.29 ? 168 HOH A O   1 
HETATM 749 O O   . HOH B 2 .  ? -3.456  -1.844  8.745   1.00 26.50 ? 169 HOH A O   1 
HETATM 750 O O   . HOH B 2 .  ? 8.303   -13.384 -6.431  1.00 38.51 ? 170 HOH A O   1 
HETATM 751 O O   . HOH B 2 .  ? -10.636 -16.397 -4.808  1.00 47.64 ? 171 HOH A O   1 
HETATM 752 O O   . HOH B 2 .  ? -10.545 2.395   6.025   1.00 29.60 ? 172 HOH A O   1 
HETATM 753 O O   . HOH B 2 .  ? 0.471   -1.120  10.330  1.00 44.92 ? 173 HOH A O   1 
HETATM 754 O O   . HOH B 2 .  ? -10.517 -7.658  7.162   1.00 47.18 ? 174 HOH A O   1 
HETATM 755 O O   . HOH B 2 .  ? 0.699   -16.019 -1.305  1.00 30.68 ? 175 HOH A O   1 
HETATM 756 O O   . HOH B 2 .  ? 7.473   14.589  7.117   1.00 32.52 ? 176 HOH A O   1 
HETATM 757 O O   . HOH B 2 .  ? -6.697  -0.094  -6.361  1.00 38.73 ? 177 HOH A O   1 
HETATM 758 O O   . HOH B 2 .  ? -1.589  -6.613  -15.317 1.00 49.87 ? 178 HOH A O   1 
HETATM 759 O O   . HOH B 2 .  ? -8.032  7.103   1.957   1.00 32.41 ? 179 HOH A O   1 
HETATM 760 O O   . HOH B 2 .  ? 4.203   -13.929 -10.165 1.00 43.18 ? 180 HOH A O   1 
HETATM 761 O O   . HOH B 2 .  ? 1.211   11.275  -1.487  1.00 30.56 ? 181 HOH A O   1 
HETATM 762 O O   . HOH B 2 .  ? -7.157  12.817  -7.118  1.00 40.02 ? 182 HOH A O   1 
HETATM 763 O O   . HOH B 2 .  ? -4.223  -24.966 -0.206  1.00 42.17 ? 183 HOH A O   1 
HETATM 764 O O   . HOH B 2 .  ? 4.543   -2.720  7.753   1.00 34.53 ? 184 HOH A O   1 
HETATM 765 O O   . HOH B 2 .  ? 7.705   -12.088 -10.075 1.00 71.59 ? 185 HOH A O   1 
HETATM 766 O O   . HOH B 2 .  ? 13.119  5.170   -0.222  1.00 43.75 ? 186 HOH A O   1 
HETATM 767 O O   . HOH B 2 .  ? -5.942  -8.474  9.139   1.00 51.11 ? 187 HOH A O   1 
HETATM 768 O O   . HOH B 2 .  ? -12.132 -13.335 4.170   1.00 36.61 ? 188 HOH A O   1 
HETATM 769 O O   . HOH B 2 .  ? -10.101 4.056   -5.953  1.00 45.42 ? 189 HOH A O   1 
HETATM 770 O O   . HOH B 2 .  ? 4.929   6.305   5.973   1.00 36.10 ? 190 HOH A O   1 
HETATM 771 O O   . HOH B 2 .  ? -5.156  -14.062 -14.192 1.00 49.30 ? 191 HOH A O   1 
HETATM 772 O O   . HOH B 2 .  ? 7.181   2.344   6.843   1.00 29.36 ? 192 HOH A O   1 
HETATM 773 O O   . HOH B 2 .  ? -7.889  -1.442  10.132  1.00 47.35 ? 193 HOH A O   1 
HETATM 774 O O   . HOH B 2 .  ? -14.908 -5.088  5.247   1.00 47.51 ? 194 HOH A O   1 
HETATM 775 O O   . HOH B 2 .  ? 6.881   4.961   5.790   1.00 33.83 ? 195 HOH A O   1 
HETATM 776 O O   . HOH B 2 .  ? -8.204  -0.445  7.630   1.00 29.77 ? 196 HOH A O   1 
HETATM 777 O O   . HOH B 2 .  ? -15.757 -2.062  -11.977 1.00 58.51 ? 197 HOH A O   1 
HETATM 778 O O   . HOH B 2 .  ? 3.231   -2.657  10.232  1.00 43.72 ? 198 HOH A O   1 
HETATM 779 O O   . HOH B 2 .  ? 7.428   -4.685  -13.188 1.00 59.06 ? 199 HOH A O   1 
HETATM 780 O O   . HOH B 2 .  ? 21.224  28.535  17.515  1.00 44.53 ? 200 HOH A O   1 
HETATM 781 O O   . HOH B 2 .  ? 19.606  28.050  20.611  1.00 59.63 ? 201 HOH A O   1 
HETATM 782 O O   . HOH B 2 .  ? -5.561  -2.975  9.930   1.00 40.60 ? 202 HOH A O   1 
HETATM 783 O O   . HOH B 2 .  ? 10.544  -3.673  7.756   1.00 49.84 ? 203 HOH A O   1 
HETATM 784 O O   . HOH B 2 .  ? 0.137   -16.462 -6.400  1.00 51.46 ? 204 HOH A O   1 
HETATM 785 O O   . HOH B 2 .  ? -2.831  4.249   10.739  1.00 55.07 ? 205 HOH A O   1 
HETATM 786 O O   . HOH B 2 .  ? 4.817   9.603   3.455   1.00 37.44 ? 206 HOH A O   1 
HETATM 787 O O   . HOH B 2 .  ? -11.997 -9.290  5.040   1.00 48.13 ? 207 HOH A O   1 
HETATM 788 O O   . HOH B 2 .  ? -9.107  3.682   -8.525  1.00 47.94 ? 208 HOH A O   1 
HETATM 789 O O   . HOH B 2 .  ? -1.681  -2.172  10.870  1.00 50.05 ? 209 HOH A O   1 
HETATM 790 O O   . HOH B 2 .  ? -4.649  2.922   10.570  1.00 52.95 ? 210 HOH A O   1 
HETATM 791 O O   . HOH B 2 .  ? -0.172  7.980   -9.849  1.00 49.52 ? 211 HOH A O   1 
HETATM 792 O O   . HOH B 2 .  ? -5.104  11.519  -2.578  1.00 39.70 ? 212 HOH A O   1 
HETATM 793 O O   . HOH B 2 .  ? 7.795   10.305  -0.259  1.00 48.01 ? 213 HOH A O   1 
HETATM 794 O O   . HOH B 2 .  ? -9.309  -9.098  8.877   1.00 54.53 ? 214 HOH A O   1 
HETATM 795 O O   . HOH B 2 .  ? 7.853   16.869  14.190  1.00 50.48 ? 215 HOH A O   1 
HETATM 796 O O   . HOH B 2 .  ? -7.452  11.117  4.675   1.00 55.96 ? 216 HOH A O   1 
HETATM 797 O O   . HOH B 2 .  ? 3.240   1.764   -12.268 1.00 42.91 ? 217 HOH A O   1 
HETATM 798 O O   . HOH B 2 .  ? -1.102  -16.482 -3.660  1.00 53.70 ? 218 HOH A O   1 
HETATM 799 O O   . HOH B 2 .  ? -5.167  -4.823  11.824  1.00 60.99 ? 219 HOH A O   1 
HETATM 800 O O   . HOH B 2 .  ? 18.490  25.541  20.772  1.00 43.02 ? 220 HOH A O   1 
HETATM 801 O O   . HOH B 2 .  ? -6.993  -11.156 6.280   1.00 34.31 ? 221 HOH A O   1 
HETATM 802 O O   . HOH B 2 .  ? 4.495   12.104  8.940   1.00 50.27 ? 222 HOH A O   1 
HETATM 803 O O   . HOH B 2 .  ? -3.395  12.883  -0.880  1.00 57.27 ? 223 HOH A O   1 
HETATM 804 O O   . HOH B 2 .  ? -13.049 -9.865  -2.581  1.00 37.66 ? 224 HOH A O   1 
HETATM 805 O O   . HOH B 2 .  ? -10.619 5.027   4.659   1.00 27.14 ? 225 HOH A O   1 
HETATM 806 O O   . HOH B 2 .  ? -0.686  -24.430 -1.723  1.00 49.46 ? 226 HOH A O   1 
HETATM 807 O O   . HOH B 2 .  ? -11.141 -19.152 -3.931  1.00 65.66 ? 227 HOH A O   1 
HETATM 808 O O   . HOH B 2 .  ? -0.972  13.080  -0.935  1.00 47.88 ? 228 HOH A O   1 
HETATM 809 O O   . HOH B 2 .  ? 7.003   -1.733  8.413   1.00 30.52 ? 229 HOH A O   1 
HETATM 810 O O   . HOH B 2 .  ? 6.193   0.137   -11.762 1.00 40.18 ? 230 HOH A O   1 
HETATM 811 O O   . HOH B 2 .  ? 14.511  -3.196  0.437   1.00 23.83 ? 231 HOH A O   1 
HETATM 812 O O   . HOH B 2 .  ? -9.953  -23.413 0.849   1.00 44.25 ? 232 HOH A O   1 
HETATM 813 O O   . HOH B 2 .  ? -4.314  7.128   -10.911 1.00 43.17 ? 233 HOH A O   1 
HETATM 814 O O   . HOH B 2 .  ? -3.964  0.417   -11.641 1.00 41.35 ? 234 HOH A O   1 
HETATM 815 O O   . HOH B 2 .  ? -2.067  8.480   -10.875 1.00 52.39 ? 235 HOH A O   1 
HETATM 816 O O   . HOH B 2 .  ? -8.806  -16.884 -6.315  1.00 53.26 ? 236 HOH A O   1 
HETATM 817 O O   . HOH B 2 .  ? -12.284 -15.625 5.146   1.00 35.16 ? 237 HOH A O   1 
HETATM 818 O O   . HOH B 2 .  ? -14.622 -10.935 -4.358  1.00 43.85 ? 238 HOH A O   1 
HETATM 819 O O   . HOH B 2 .  ? -9.071  -12.082 -7.879  1.00 48.83 ? 239 HOH A O   1 
HETATM 820 O O   . HOH B 2 .  ? 8.144   3.530   -8.854  1.00 40.32 ? 240 HOH A O   1 
HETATM 821 O O   . HOH B 2 .  ? -3.441  -16.624 -4.688  1.00 54.57 ? 241 HOH A O   1 
HETATM 822 O O   . HOH B 2 .  ? -7.128  7.525   -10.370 1.00 37.08 ? 242 HOH A O   1 
HETATM 823 O O   . HOH B 2 .  ? -10.046 -17.382 8.830   1.00 33.37 ? 243 HOH A O   1 
HETATM 824 O O   . HOH B 2 .  ? -8.163  -25.360 0.850   1.00 58.95 ? 244 HOH A O   1 
HETATM 825 O O   . HOH B 2 .  ? 0.929   1.478   11.472  1.00 44.55 ? 245 HOH A O   1 
HETATM 826 O O   . HOH B 2 .  ? -7.116  -14.923 -8.085  1.00 46.29 ? 246 HOH A O   1 
HETATM 827 O O   . HOH B 2 .  ? -9.095  5.512   -9.675  1.00 51.38 ? 247 HOH A O   1 
HETATM 828 O O   . HOH B 2 .  ? 3.435   5.234   10.981  1.00 46.62 ? 248 HOH A O   1 
HETATM 829 O O   . HOH B 2 .  ? -9.164  -11.503 7.494   1.00 41.11 ? 249 HOH A O   1 
HETATM 830 O O   . HOH B 2 .  ? 8.111   1.406   -10.874 1.00 53.96 ? 250 HOH A O   1 
HETATM 831 O O   . HOH B 2 .  ? 9.114   2.716   -13.332 1.00 59.91 ? 251 HOH A O   1 
# 
loop_
_atom_site_anisotrop.id 
_atom_site_anisotrop.type_symbol 
_atom_site_anisotrop.pdbx_label_atom_id 
_atom_site_anisotrop.pdbx_label_alt_id 
_atom_site_anisotrop.pdbx_label_comp_id 
_atom_site_anisotrop.pdbx_label_asym_id 
_atom_site_anisotrop.pdbx_label_seq_id 
_atom_site_anisotrop.pdbx_PDB_ins_code 
_atom_site_anisotrop.U[1][1] 
_atom_site_anisotrop.U[2][2] 
_atom_site_anisotrop.U[3][3] 
_atom_site_anisotrop.U[1][2] 
_atom_site_anisotrop.U[1][3] 
_atom_site_anisotrop.U[2][3] 
_atom_site_anisotrop.pdbx_auth_seq_id 
_atom_site_anisotrop.pdbx_auth_comp_id 
_atom_site_anisotrop.pdbx_auth_asym_id 
_atom_site_anisotrop.pdbx_auth_atom_id 
12  N N   . GLU A 3  ? 0.3792 0.3869 0.5249 0.0427  0.0885  -0.0697 -8 GLU A N   
13  C CA  . GLU A 3  ? 0.2932 0.2774 0.4375 0.0339  0.0812  -0.0523 -8 GLU A CA  
14  C C   . GLU A 3  ? 0.3089 0.2839 0.4382 0.0116  0.0802  -0.0561 -8 GLU A C   
15  O O   . GLU A 3  ? 0.3281 0.2838 0.4508 0.0087  0.0702  -0.0423 -8 GLU A O   
16  C CB  . GLU A 3  ? 0.3633 0.3067 0.4896 0.0351  0.0769  -0.0495 -8 GLU A CB  
17  C CG  . GLU A 3  ? 0.4440 0.3462 0.5322 0.0116  0.0849  -0.0628 -8 GLU A CG  
18  C CD  . GLU A 3  ? 0.5035 0.4201 0.5971 0.0077  0.0970  -0.0865 -8 GLU A CD  
19  O OE1 . GLU A 3  ? 0.4417 0.3990 0.5591 0.0263  0.0958  -0.0933 -8 GLU A OE1 
20  O OE2 . GLU A 3  ? 0.5365 0.4162 0.6057 -0.0138 0.1087  -0.1005 -8 GLU A OE2 
21  N N   . ALA A 4  ? 0.2873 0.2790 0.4150 -0.0016 0.0894  -0.0787 -7 ALA A N   
22  C CA  . ALA A 4  ? 0.3266 0.3093 0.4418 -0.0260 0.0955  -0.0875 -7 ALA A CA  
23  C C   . ALA A 4  ? 0.2504 0.2675 0.3818 -0.0206 0.0883  -0.0865 -7 ALA A C   
24  O O   . ALA A 4  ? 0.3047 0.3190 0.4280 -0.0385 0.0929  -0.0941 -7 ALA A O   
25  C CB  . ALA A 4  ? 0.3786 0.3650 0.4958 -0.0474 0.1129  -0.1207 -7 ALA A CB  
26  N N   . PHE A 5  ? 0.2155 0.2575 0.3629 0.0036  0.0805  -0.0781 -6 PHE A N   
27  C CA  . PHE A 5  ? 0.1837 0.2449 0.3368 0.0109  0.0740  -0.0741 -6 PHE A CA  
28  C C   . PHE A 5  ? 0.1584 0.2056 0.3194 0.0151  0.0685  -0.0466 -6 PHE A C   
29  O O   . PHE A 5  ? 0.2020 0.2452 0.3748 0.0274  0.0716  -0.0353 -6 PHE A O   
30  C CB  . PHE A 5  ? 0.2556 0.3330 0.3996 0.0345  0.0684  -0.0806 -6 PHE A CB  
31  C CG  . PHE A 5  ? 0.2807 0.3735 0.4165 0.0329  0.0592  -0.1075 -6 PHE A CG  
32  C CD1 . PHE A 5  ? 0.3735 0.4670 0.5169 0.0230  0.0635  -0.1234 -6 PHE A CD1 
33  C CD2 . PHE A 5  ? 0.2496 0.3551 0.3759 0.0419  0.0456  -0.1182 -6 PHE A CD2 
34  C CE1 . PHE A 5  ? 0.3651 0.4802 0.5177 0.0178  0.0541  -0.1518 -6 PHE A CE1 
35  C CE2 . PHE A 5  ? 0.2692 0.3967 0.4033 0.0398  0.0327  -0.1468 -6 PHE A CE2 
36  C CZ  . PHE A 5  ? 0.2591 0.3955 0.4121 0.0261  0.0372  -0.1641 -6 PHE A CZ  
37  N N   . VAL A 6  ? 0.1424 0.1831 0.3016 0.0046  0.0608  -0.0400 -5 VAL A N   
38  C CA  . VAL A 6  ? 0.1424 0.1723 0.3184 0.0081  0.0507  -0.0219 -5 VAL A CA  
39  C C   . VAL A 6  ? 0.1418 0.1827 0.3264 0.0076  0.0456  -0.0181 -5 VAL A C   
40  O O   . VAL A 6  ? 0.1444 0.1872 0.3108 -0.0010 0.0428  -0.0267 -5 VAL A O   
41  C CB  . VAL A 6  ? 0.1727 0.1659 0.3281 0.0003  0.0383  -0.0182 -5 VAL A CB  
42  C CG1 . VAL A 6  ? 0.2251 0.2148 0.4075 0.0104  0.0192  -0.0088 -5 VAL A CG1 
43  C CG2 . VAL A 6  ? 0.1972 0.1683 0.3365 0.0018  0.0435  -0.0212 -5 VAL A CG2 
44  N N   . VAL A 7  ? 0.1540 0.2009 0.3685 0.0149  0.0471  -0.0081 -4 VAL A N   
45  C CA  . VAL A 7  ? 0.1613 0.2103 0.3869 0.0114  0.0410  -0.0042 -4 VAL A CA  
46  C C   . VAL A 7  ? 0.1552 0.1940 0.3963 0.0068  0.0190  -0.0030 -4 VAL A C   
47  O O   . VAL A 7  ? 0.1753 0.2185 0.4561 0.0122  0.0130  -0.0030 -4 VAL A O   
48  C CB  . VAL A 7  ? 0.1576 0.2090 0.4052 0.0171  0.0592  0.0021  -4 VAL A CB  
49  C CG1 . VAL A 7  ? 0.1994 0.2466 0.4557 0.0107  0.0535  0.0043  -4 VAL A CG1 
50  C CG2 . VAL A 7  ? 0.2066 0.2507 0.4177 0.0295  0.0759  0.0004  -4 VAL A CG2 
51  N N   . GLU A 8  ? 0.1514 0.1736 0.3576 -0.0004 0.0064  -0.0061 -3 GLU A N   
52  C CA  . GLU A 8  ? 0.1832 0.1779 0.3790 0.0012  -0.0179 -0.0059 -3 GLU A CA  
53  C C   . GLU A 8  ? 0.1869 0.1916 0.4222 0.0053  -0.0356 -0.0070 -3 GLU A C   
54  O O   . GLU A 8  ? 0.2429 0.2405 0.5024 0.0158  -0.0589 -0.0124 -3 GLU A O   
55  C CB  . GLU A 8  ? 0.2136 0.1765 0.3484 -0.0095 -0.0179 -0.0091 -3 GLU A CB  
56  C CG  . GLU A 8  ? 0.2229 0.1720 0.3236 -0.0195 0.0027  -0.0143 -3 GLU A CG  
57  C CD  . GLU A 8  ? 0.2666 0.1706 0.3384 -0.0138 -0.0039 -0.0106 -3 GLU A CD  
58  O OE1 . GLU A 8  ? 0.2983 0.1851 0.3787 0.0032  -0.0311 -0.0062 -3 GLU A OE1 
59  O OE2 . GLU A 8  ? 0.2804 0.1655 0.3235 -0.0241 0.0150  -0.0155 -3 GLU A OE2 
60  N N   . GLU A 9  ? 0.1891 0.2084 0.4314 -0.0009 -0.0279 -0.0061 -2 GLU A N   
61  C CA  . GLU A 9  ? 0.2098 0.2356 0.4888 -0.0011 -0.0418 -0.0094 -2 GLU A CA  
62  C C   . GLU A 9  ? 0.1404 0.1784 0.4295 -0.0068 -0.0191 -0.0057 -2 GLU A C   
63  O O   . GLU A 9  ? 0.1679 0.2045 0.4192 -0.0060 -0.0041 -0.0029 -2 GLU A O   
64  C CB  . GLU A 9  ? 0.2849 0.2869 0.5267 -0.0012 -0.0663 -0.0126 -2 GLU A CB  
65  C CG  . GLU A 9  ? 0.4243 0.3875 0.6176 0.0059  -0.0861 -0.0142 -2 GLU A CG  
66  C CD  . GLU A 9  ? 0.5768 0.5090 0.7199 0.0049  -0.1015 -0.0163 -2 GLU A CD  
67  O OE1 . GLU A 9  ? 0.6544 0.5962 0.8250 0.0075  -0.1182 -0.0213 -2 GLU A OE1 
68  O OE2 . GLU A 9  ? 0.6229 0.5190 0.6987 -0.0006 -0.0924 -0.0147 -2 GLU A OE2 
69  N N   . GLU A 10 ? 0.1419 0.1864 0.4790 -0.0112 -0.0191 -0.0094 -1 GLU A N   
70  C CA  . GLU A 10 ? 0.1761 0.2113 0.5032 -0.0164 0.0002  -0.0049 -1 GLU A CA  
71  C C   . GLU A 10 ? 0.1434 0.1778 0.5116 -0.0243 -0.0129 -0.0133 -1 GLU A C   
72  O O   . GLU A 10 ? 0.1812 0.2234 0.5851 -0.0211 -0.0275 -0.0252 -1 GLU A O   
73  C CB  . GLU A 10 ? 0.2294 0.2593 0.5626 -0.0171 0.0377  0.0012  -1 GLU A CB  
74  C CG  . GLU A 10 ? 0.2927 0.3325 0.6847 -0.0228 0.0512  -0.0066 -1 GLU A CG  
75  C CD  . GLU A 10 ? 0.4995 0.5279 0.8812 -0.0212 0.0895  -0.0003 -1 GLU A CD  
76  O OE1 . GLU A 10 ? 0.5473 0.5702 0.8864 -0.0117 0.0974  0.0091  -1 GLU A OE1 
77  O OE2 . GLU A 10 ? 0.5998 0.6225 1.0101 -0.0274 0.1118  -0.0080 -1 GLU A OE2 
78  N N   . GLY A 11 ? 0.1561 0.1713 0.4946 -0.0269 -0.0092 -0.0100 0  GLY A N   
79  C CA  . GLY A 11 ? 0.1687 0.1795 0.5440 -0.0354 -0.0190 -0.0193 0  GLY A CA  
80  C C   . GLY A 11 ? 0.1909 0.1706 0.5200 -0.0363 -0.0107 -0.0131 0  GLY A C   
81  O O   . GLY A 11 ? 0.2033 0.1640 0.4760 -0.0272 0.0066  -0.0034 0  GLY A O   
82  N N   . MET A 12 ? 0.2020 0.1747 0.5528 -0.0429 -0.0271 -0.0220 1  MET A N   
83  C CA  . MET A 12 ? 0.2287 0.1681 0.5307 -0.0402 -0.0275 -0.0187 1  MET A CA  
84  C C   . MET A 12 ? 0.2280 0.1763 0.5293 -0.0358 -0.0676 -0.0290 1  MET A C   
85  O O   . MET A 12 ? 0.2240 0.1902 0.5685 -0.0366 -0.0851 -0.0401 1  MET A O   
86  C CB  . MET A 12 ? 0.2704 0.1744 0.5915 -0.0560 0.0041  -0.0186 1  MET A CB  
87  C CG  . MET A 12 ? 0.4117 0.2947 0.7190 -0.0593 0.0493  -0.0077 1  MET A CG  
88  S SD  . MET A 12 ? 0.5576 0.3959 0.8575 -0.0767 0.0970  -0.0075 1  MET A SD  
89  C CE  . MET A 12 ? 0.6847 0.4876 0.9300 -0.0683 0.1409  0.0085  1  MET A CE  
90  N N   . SER A 13 ? 0.2233 0.1631 0.4620 -0.0232 -0.0801 -0.0269 2  SER A N   
91  C CA  . SER A 13 ? 0.2249 0.1666 0.4502 -0.0181 -0.1135 -0.0363 2  SER A CA  
92  C C   . SER A 13 ? 0.2592 0.1834 0.5075 -0.0232 -0.1290 -0.0455 2  SER A C   
93  O O   . SER A 13 ? 0.2782 0.2073 0.5237 -0.0149 -0.1537 -0.0523 2  SER A O   
94  C CB  . SER A 13 ? 0.2445 0.1859 0.4051 -0.0062 -0.1161 -0.0375 2  SER A CB  
95  O OG  . SER A 13 ? 0.2629 0.2235 0.4128 -0.0051 -0.1043 -0.0346 2  SER A OG  
96  N N   . LYS A 14 ? 0.2126 0.1857 0.2378 -0.0315 -0.0212 0.0085  3  LYS A N   
97  C CA  . LYS A 14 ? 0.1999 0.1801 0.2287 -0.0218 -0.0183 0.0106  3  LYS A CA  
98  C C   . LYS A 14 ? 0.2327 0.2013 0.2584 -0.0170 -0.0136 0.0045  3  LYS A C   
99  O O   . LYS A 14 ? 0.2397 0.2048 0.2574 -0.0191 -0.0127 -0.0005 3  LYS A O   
100 C CB  . LYS A 14 ? 0.2145 0.2105 0.2428 -0.0204 -0.0196 0.0149  3  LYS A CB  
101 C CG  . LYS A 14 ? 0.2583 0.2580 0.2918 -0.0108 -0.0159 0.0158  3  LYS A CG  
102 C CD  . LYS A 14 ? 0.2728 0.2852 0.3098 -0.0075 -0.0153 0.0211  3  LYS A CD  
103 C CE  . LYS A 14 ? 0.2515 0.2616 0.2860 -0.0067 -0.0141 0.0203  3  LYS A CE  
104 N NZ  . LYS A 14 ? 0.2519 0.2733 0.2953 -0.0009 -0.0121 0.0279  3  LYS A NZ  
105 N N   . VAL A 15 ? 0.1989 0.1648 0.2308 -0.0112 -0.0109 0.0058  4  VAL A N   
106 C CA  . VAL A 15 ? 0.1941 0.1525 0.2255 -0.0063 -0.0067 0.0027  4  VAL A CA  
107 C C   . VAL A 15 ? 0.2070 0.1737 0.2405 -0.0017 -0.0064 0.0045  4  VAL A C   
108 O O   . VAL A 15 ? 0.1905 0.1646 0.2281 -0.0007 -0.0076 0.0072  4  VAL A O   
109 C CB  . VAL A 15 ? 0.2032 0.1543 0.2424 -0.0043 -0.0040 0.0052  4  VAL A CB  
110 C CG1 . VAL A 15 ? 0.2490 0.1981 0.2902 0.0016  0.0003  0.0053  4  VAL A CG1 
111 C CG2 . VAL A 15 ? 0.2759 0.2129 0.3145 -0.0084 -0.0026 0.0018  4  VAL A CG2 
112 N N   . SER A 16 ? 0.1962 0.1617 0.2267 0.0006  -0.0045 0.0029  5  SER A N   
113 C CA  . SER A 16 ? 0.1840 0.1540 0.2182 0.0040  -0.0042 0.0049  5  SER A CA  
114 C C   . SER A 16 ? 0.1935 0.1604 0.2299 0.0066  -0.0017 0.0054  5  SER A C   
115 O O   . SER A 16 ? 0.2453 0.2085 0.2784 0.0075  0.0010  0.0042  5  SER A O   
116 C CB  . SER A 16 ? 0.2363 0.2120 0.2696 0.0041  -0.0049 0.0066  5  SER A CB  
117 O OG  . SER A 16 ? 0.2322 0.2147 0.2654 0.0018  -0.0072 0.0085  5  SER A OG  
118 N N   . PHE A 17 ? 0.1690 0.1383 0.2104 0.0073  -0.0023 0.0071  6  PHE A N   
119 C CA  . PHE A 17 ? 0.1565 0.1262 0.2016 0.0087  -0.0009 0.0101  6  PHE A CA  
120 C C   . PHE A 17 ? 0.1985 0.1697 0.2471 0.0079  -0.0023 0.0107  6  PHE A C   
121 O O   . PHE A 17 ? 0.1946 0.1653 0.2440 0.0064  -0.0036 0.0077  6  PHE A O   
122 C CB  . PHE A 17 ? 0.1701 0.1439 0.2197 0.0075  -0.0012 0.0132  6  PHE A CB  
123 C CG  . PHE A 17 ? 0.1661 0.1373 0.2173 0.0089  0.0010  0.0152  6  PHE A CG  
124 C CD1 . PHE A 17 ? 0.1953 0.1603 0.2473 0.0129  0.0059  0.0160  6  PHE A CD1 
125 C CD2 . PHE A 17 ? 0.1991 0.1740 0.2525 0.0066  -0.0008 0.0168  6  PHE A CD2 
126 C CE1 . PHE A 17 ? 0.1853 0.1436 0.2412 0.0147  0.0093  0.0171  6  PHE A CE1 
127 C CE2 . PHE A 17 ? 0.1906 0.1609 0.2491 0.0078  0.0015  0.0202  6  PHE A CE2 
128 C CZ  . PHE A 17 ? 0.2021 0.1622 0.2623 0.0121  0.0070  0.0199  6  PHE A CZ  
129 N N   . LYS A 18 ? 0.1768 0.1491 0.2282 0.0090  -0.0013 0.0147  7  LYS A N   
130 C CA  . LYS A 18 ? 0.1553 0.1274 0.2129 0.0072  -0.0028 0.0168  7  LYS A CA  
131 C C   . LYS A 18 ? 0.1800 0.1559 0.2410 0.0040  -0.0041 0.0197  7  LYS A C   
132 O O   . LYS A 18 ? 0.1918 0.1732 0.2546 0.0060  -0.0024 0.0256  7  LYS A O   
133 C CB  . LYS A 18 ? 0.1954 0.1706 0.2560 0.0093  -0.0018 0.0224  7  LYS A CB  
134 C CG  . LYS A 18 ? 0.2068 0.1804 0.2772 0.0070  -0.0035 0.0266  7  LYS A CG  
135 C CD  . LYS A 18 ? 0.2658 0.2461 0.3409 0.0092  -0.0026 0.0344  7  LYS A CD  
136 C CE  . LYS A 18 ? 0.3371 0.3155 0.4252 0.0068  -0.0043 0.0412  7  LYS A CE  
137 N NZ  . LYS A 18 ? 0.3569 0.3448 0.4522 0.0094  -0.0035 0.0514  7  LYS A NZ  
138 N N   . ILE A 19 ? 0.1645 0.1395 0.2256 -0.0011 -0.0067 0.0158  8  ILE A N   
139 C CA  . ILE A 19 ? 0.1627 0.1459 0.2259 -0.0067 -0.0091 0.0190  8  ILE A CA  
140 C C   . ILE A 19 ? 0.2076 0.1876 0.2753 -0.0128 -0.0119 0.0189  8  ILE A C   
141 O O   . ILE A 19 ? 0.1975 0.1675 0.2642 -0.0153 -0.0122 0.0107  8  ILE A O   
142 C CB  . ILE A 19 ? 0.1766 0.1648 0.2348 -0.0103 -0.0106 0.0141  8  ILE A CB  
143 C CG1 . ILE A 19 ? 0.2007 0.1903 0.2573 -0.0046 -0.0080 0.0159  8  ILE A CG1 
144 C CG2 . ILE A 19 ? 0.1951 0.1968 0.2553 -0.0177 -0.0138 0.0194  8  ILE A CG2 
145 C CD1 . ILE A 19 ? 0.2345 0.2315 0.2877 -0.0073 -0.0093 0.0136  8  ILE A CD1 
146 N N   . THR A 20 ? 0.1610 0.1489 0.2350 -0.0155 -0.0135 0.0283  9  THR A N   
147 C CA  . THR A 20 ? 0.1717 0.1565 0.2522 -0.0226 -0.0168 0.0301  9  THR A CA  
148 C C   . THR A 20 ? 0.1991 0.1951 0.2797 -0.0333 -0.0215 0.0326  9  THR A C   
149 O O   . THR A 20 ? 0.1839 0.1961 0.2662 -0.0324 -0.0215 0.0420  9  THR A O   
150 C CB  . THR A 20 ? 0.1965 0.1859 0.2856 -0.0184 -0.0156 0.0418  9  THR A CB  
151 O OG1 . THR A 20 ? 0.1892 0.1722 0.2774 -0.0105 -0.0119 0.0400  9  THR A OG1 
152 C CG2 . THR A 20 ? 0.2045 0.1916 0.3033 -0.0269 -0.0198 0.0466  9  THR A CG2 
153 N N   . LEU A 21 ? 0.1874 0.1754 0.2672 -0.0440 -0.0253 0.0248  10 LEU A N   
154 C CA  . LEU A 21 ? 0.2195 0.2201 0.2982 -0.0579 -0.0313 0.0269  10 LEU A CA  
155 C C   . LEU A 21 ? 0.2367 0.2433 0.3273 -0.0622 -0.0345 0.0403  10 LEU A C   
156 O O   . LEU A 21 ? 0.2445 0.2377 0.3403 -0.0692 -0.0370 0.0371  10 LEU A O   
157 C CB  . LEU A 21 ? 0.2773 0.2654 0.3472 -0.0687 -0.0332 0.0095  10 LEU A CB  
158 C CG  . LEU A 21 ? 0.3288 0.3304 0.3953 -0.0863 -0.0404 0.0099  10 LEU A CG  
159 C CD1 . LEU A 21 ? 0.3393 0.3652 0.3976 -0.0887 -0.0417 0.0124  10 LEU A CD1 
160 C CD2 . LEU A 21 ? 0.3655 0.3466 0.4262 -0.0977 -0.0415 -0.0084 10 LEU A CD2 
161 N N   . THR A 22 ? 0.2101 0.2363 0.3072 -0.0569 -0.0335 0.0565  11 THR A N   
162 C CA  . THR A 22 ? 0.2352 0.2688 0.3447 -0.0567 -0.0345 0.0710  11 THR A CA  
163 C C   . THR A 22 ? 0.2732 0.3185 0.3885 -0.0732 -0.0425 0.0784  11 THR A C   
164 O O   . THR A 22 ? 0.2739 0.3237 0.4006 -0.0757 -0.0445 0.0901  11 THR A O   
165 C CB  . THR A 22 ? 0.3026 0.3521 0.4168 -0.0433 -0.0285 0.0846  11 THR A CB  
166 O OG1 . THR A 22 ? 0.3059 0.3695 0.4177 -0.0422 -0.0275 0.0879  11 THR A OG1 
167 C CG2 . THR A 22 ? 0.2525 0.2894 0.3628 -0.0291 -0.0214 0.0789  11 THR A CG2 
168 N N   . SER A 23 ? 0.2766 0.3270 0.3839 -0.0863 -0.0476 0.0714  12 SER A N   
169 C CA  . SER A 23 ? 0.3005 0.3607 0.4111 -0.1055 -0.0564 0.0758  12 SER A CA  
170 C C   . SER A 23 ? 0.2946 0.3283 0.4066 -0.1153 -0.0594 0.0637  12 SER A C   
171 O O   . SER A 23 ? 0.3502 0.3876 0.4660 -0.1285 -0.0654 0.0681  12 SER A O   
172 C CB  . SER A 23 ? 0.3421 0.4186 0.4416 -0.1185 -0.0612 0.0706  12 SER A CB  
173 O OG  . SER A 23 ? 0.4213 0.4775 0.5060 -0.1205 -0.0595 0.0475  12 SER A OG  
174 N N   . ASP A 24 ? 0.2795 0.2859 0.3881 -0.1062 -0.0536 0.0491  13 ASP A N   
175 C CA  . ASP A 24 ? 0.2795 0.2574 0.3925 -0.1131 -0.0544 0.0378  13 ASP A CA  
176 C C   . ASP A 24 ? 0.2231 0.1953 0.3524 -0.1016 -0.0511 0.0510  13 ASP A C   
177 O O   . ASP A 24 ? 0.2430 0.2164 0.3711 -0.0848 -0.0446 0.0531  13 ASP A O   
178 C CB  . ASP A 24 ? 0.2878 0.2440 0.3881 -0.1088 -0.0488 0.0155  13 ASP A CB  
179 C CG  . ASP A 24 ? 0.3202 0.2431 0.4261 -0.1127 -0.0467 0.0019  13 ASP A CG  
180 O OD1 . ASP A 24 ? 0.3417 0.2549 0.4638 -0.1131 -0.0475 0.0113  13 ASP A OD1 
181 O OD2 . ASP A 24 ? 0.4056 0.3127 0.4995 -0.1142 -0.0429 -0.0187 13 ASP A OD2 
182 N N   . PRO A 25 ? 0.2386 0.2085 0.3803 -0.1086 -0.0548 0.0601  14 PRO A N   
183 C CA  . PRO A 25 ? 0.2712 0.2452 0.4278 -0.0970 -0.0519 0.0762  14 PRO A CA  
184 C C   . PRO A 25 ? 0.2615 0.2131 0.4229 -0.0862 -0.0455 0.0693  14 PRO A C   
185 O O   . PRO A 25 ? 0.2533 0.2133 0.4249 -0.0753 -0.0426 0.0827  14 PRO A O   
186 C CB  . PRO A 25 ? 0.2874 0.2643 0.4519 -0.1068 -0.0573 0.0846  14 PRO A CB  
187 C CG  . PRO A 25 ? 0.3173 0.2766 0.4714 -0.1236 -0.0606 0.0654  14 PRO A CG  
188 C CD  . PRO A 25 ? 0.2635 0.2309 0.4024 -0.1255 -0.0606 0.0552  14 PRO A CD  
189 N N   . ARG A 26 ? 0.2415 0.1680 0.3956 -0.0882 -0.0427 0.0495  15 ARG A N   
190 C CA  . ARG A 26 ? 0.2380 0.1488 0.3968 -0.0745 -0.0353 0.0457  15 ARG A CA  
191 C C   . ARG A 26 ? 0.2227 0.1462 0.3741 -0.0613 -0.0312 0.0477  15 ARG A C   
192 O O   . ARG A 26 ? 0.2208 0.1395 0.3772 -0.0497 -0.0259 0.0496  15 ARG A O   
193 C CB  . ARG A 26 ? 0.2627 0.1452 0.4146 -0.0772 -0.0311 0.0241  15 ARG A CB  
194 C CG  . ARG A 26 ? 0.3195 0.1864 0.4718 -0.0908 -0.0332 0.0170  15 ARG A CG  
195 C CD  . ARG A 26 ? 0.4279 0.2678 0.5670 -0.0938 -0.0277 -0.0074 15 ARG A CD  
196 N NE  . ARG A 26 ? 0.4526 0.3005 0.5741 -0.1004 -0.0300 -0.0211 15 ARG A NE  
197 C CZ  . ARG A 26 ? 0.5686 0.4007 0.6748 -0.1017 -0.0254 -0.0425 15 ARG A CZ  
198 N NH1 . ARG A 26 ? 0.5962 0.4018 0.7029 -0.0955 -0.0181 -0.0517 15 ARG A NH1 
199 N NH2 . ARG A 26 ? 0.5992 0.4450 0.6906 -0.1082 -0.0284 -0.0533 15 ARG A NH2 
200 N N   . LEU A 27 ? 0.2019 0.1438 0.3395 -0.0614 -0.0327 0.0471  16 LEU A N   
201 C CA  . LEU A 27 ? 0.1941 0.1482 0.3208 -0.0493 -0.0283 0.0467  16 LEU A CA  
202 C C   . LEU A 27 ? 0.1899 0.1279 0.3087 -0.0427 -0.0233 0.0318  16 LEU A C   
203 O O   . LEU A 27 ? 0.2110 0.1497 0.3309 -0.0317 -0.0190 0.0346  16 LEU A O   
204 C CB  . LEU A 27 ? 0.2030 0.1723 0.3368 -0.0391 -0.0258 0.0626  16 LEU A CB  
205 C CG  . LEU A 27 ? 0.2147 0.2039 0.3562 -0.0437 -0.0294 0.0788  16 LEU A CG  
206 C CD1 . LEU A 27 ? 0.2378 0.2418 0.3855 -0.0335 -0.0257 0.0927  16 LEU A CD1 
207 C CD2 . LEU A 27 ? 0.2343 0.2387 0.3667 -0.0460 -0.0306 0.0790  16 LEU A CD2 
208 N N   . PRO A 28 ? 0.1993 0.1262 0.3095 -0.0499 -0.0239 0.0160  17 PRO A N   
209 C CA  . PRO A 28 ? 0.2159 0.1318 0.3178 -0.0429 -0.0184 0.0025  17 PRO A CA  
210 C C   . PRO A 28 ? 0.2291 0.1611 0.3212 -0.0342 -0.0166 0.0054  17 PRO A C   
211 O O   . PRO A 28 ? 0.2084 0.1571 0.2950 -0.0367 -0.0195 0.0106  17 PRO A O   
212 C CB  . PRO A 28 ? 0.2976 0.2049 0.3891 -0.0543 -0.0198 -0.0143 17 PRO A CB  
213 C CG  . PRO A 28 ? 0.3362 0.2558 0.4269 -0.0681 -0.0272 -0.0090 17 PRO A CG  
214 C CD  . PRO A 28 ? 0.2560 0.1851 0.3611 -0.0656 -0.0296 0.0108  17 PRO A CD  
215 N N   . TYR A 29 ? 0.1665 0.1455 0.4117 -0.0510 -0.0036 0.0204  18 TYR A N   
216 C CA  . TYR A 29 ? 0.1527 0.1467 0.3788 -0.0420 0.0017  0.0189  18 TYR A CA  
217 C C   . TYR A 29 ? 0.1781 0.1510 0.3981 -0.0306 0.0047  0.0068  18 TYR A C   
218 O O   . TYR A 29 ? 0.1832 0.1366 0.4156 -0.0261 0.0046  0.0056  18 TYR A O   
219 C CB  . TYR A 29 ? 0.1493 0.1658 0.3686 -0.0404 0.0064  0.0436  18 TYR A CB  
220 C CG  . TYR A 29 ? 0.1680 0.1716 0.3943 -0.0370 0.0056  0.0620  18 TYR A CG  
221 C CD1 . TYR A 29 ? 0.1919 0.1872 0.4132 -0.0265 0.0060  0.0618  18 TYR A CD1 
222 C CD2 . TYR A 29 ? 0.1952 0.1987 0.4354 -0.0446 0.0034  0.0806  18 TYR A CD2 
223 C CE1 . TYR A 29 ? 0.1998 0.1897 0.4320 -0.0227 0.0025  0.0789  18 TYR A CE1 
224 C CE2 . TYR A 29 ? 0.2199 0.2141 0.4695 -0.0410 0.0002  0.0990  18 TYR A CE2 
225 C CZ  . TYR A 29 ? 0.1984 0.1875 0.4447 -0.0295 -0.0011 0.0973  18 TYR A CZ  
226 O OH  . TYR A 29 ? 0.2597 0.2458 0.5184 -0.0257 -0.0063 0.1152  18 TYR A OH  
227 N N   . LYS A 30 ? 0.1547 0.1375 0.3499 -0.0226 0.0079  -0.0008 19 LYS A N   
228 C CA  . LYS A 30 ? 0.1437 0.1178 0.3304 -0.0116 0.0130  -0.0052 19 LYS A CA  
229 C C   . LYS A 30 ? 0.1673 0.1589 0.3349 -0.0067 0.0132  0.0073  19 LYS A C   
230 O O   . LYS A 30 ? 0.1596 0.1658 0.3071 -0.0069 0.0113  0.0058  19 LYS A O   
231 C CB  . LYS A 30 ? 0.2273 0.1951 0.3934 -0.0069 0.0162  -0.0291 19 LYS A CB  
232 C CG  . LYS A 30 ? 0.3150 0.2694 0.4836 -0.0127 0.0123  -0.0494 19 LYS A CG  
233 C CD  . LYS A 30 ? 0.3265 0.2621 0.5077 -0.0072 0.0172  -0.0590 19 LYS A CD  
234 C CE  . LYS A 30 ? 0.3902 0.3125 0.5647 -0.0125 0.0112  -0.0806 19 LYS A CE  
235 N NZ  . LYS A 30 ? 0.4403 0.3445 0.6358 -0.0090 0.0123  -0.0811 19 LYS A NZ  
236 N N   . VAL A 31 ? 0.1488 0.1388 0.3238 -0.0017 0.0140  0.0174  20 VAL A N   
237 C CA  . VAL A 31 ? 0.1456 0.1483 0.3009 0.0015  0.0114  0.0241  20 VAL A CA  
238 C C   . VAL A 31 ? 0.1773 0.1756 0.3266 0.0058  0.0160  0.0123  20 VAL A C   
239 O O   . VAL A 31 ? 0.1699 0.1635 0.3409 0.0097  0.0209  0.0113  20 VAL A O   
240 C CB  . VAL A 31 ? 0.1548 0.1637 0.3205 0.0016  0.0058  0.0444  20 VAL A CB  
241 C CG1 . VAL A 31 ? 0.1686 0.1870 0.3114 0.0032  0.0001  0.0452  20 VAL A CG1 
242 C CG2 . VAL A 31 ? 0.1777 0.1939 0.3461 -0.0045 0.0040  0.0599  20 VAL A CG2 
243 N N   . LEU A 32 ? 0.1513 0.1520 0.2746 0.0059  0.0154  0.0050  21 LEU A N   
244 C CA  . LEU A 32 ? 0.1398 0.1380 0.2544 0.0073  0.0208  -0.0019 21 LEU A CA  
245 C C   . LEU A 32 ? 0.1413 0.1426 0.2467 0.0056  0.0149  0.0065  21 LEU A C   
246 O O   . LEU A 32 ? 0.1640 0.1643 0.2521 0.0057  0.0067  0.0078  21 LEU A O   
247 C CB  . LEU A 32 ? 0.1585 0.1528 0.2492 0.0072  0.0220  -0.0140 21 LEU A CB  
248 C CG  . LEU A 32 ? 0.1823 0.1719 0.2802 0.0062  0.0235  -0.0263 21 LEU A CG  
249 C CD1 . LEU A 32 ? 0.2261 0.2161 0.2958 0.0056  0.0205  -0.0370 21 LEU A CD1 
250 C CD2 . LEU A 32 ? 0.1959 0.1779 0.3145 0.0094  0.0332  -0.0340 21 LEU A CD2 
251 N N   . SER A 33 ? 0.1464 0.1520 0.2646 0.0040  0.0188  0.0105  22 SER A N   
252 C CA  . SER A 33 ? 0.1512 0.1567 0.2627 -0.0014 0.0106  0.0175  22 SER A CA  
253 C C   . SER A 33 ? 0.1611 0.1646 0.2639 -0.0054 0.0182  0.0171  22 SER A C   
254 O O   . SER A 33 ? 0.1646 0.1765 0.2758 -0.0038 0.0325  0.0141  22 SER A O   
255 C CB  . SER A 33 ? 0.1450 0.1619 0.2825 -0.0041 0.0038  0.0281  22 SER A CB  
256 O OG  . SER A 33 ? 0.1878 0.2188 0.3578 -0.0025 0.0146  0.0313  22 SER A OG  
257 N N   . VAL A 34 ? 0.1547 0.1463 0.2407 -0.0107 0.0089  0.0207  23 VAL A N   
258 C CA  . VAL A 34 ? 0.1691 0.1553 0.2444 -0.0170 0.0135  0.0264  23 VAL A CA  
259 C C   . VAL A 34 ? 0.1892 0.1630 0.2671 -0.0268 -0.0003 0.0345  23 VAL A C   
260 O O   . VAL A 34 ? 0.1872 0.1522 0.2622 -0.0252 -0.0146 0.0297  23 VAL A O   
261 C CB  . VAL A 34 ? 0.2006 0.1736 0.2440 -0.0119 0.0129  0.0213  23 VAL A CB  
262 C CG1 . VAL A 34 ? 0.2114 0.1939 0.2507 -0.0045 0.0220  0.0100  23 VAL A CG1 
263 C CG2 . VAL A 34 ? 0.2271 0.1827 0.2554 -0.0060 -0.0029 0.0166  23 VAL A CG2 
264 N N   . PRO A 35 ? 0.2121 0.1828 0.2924 -0.0377 0.0028  0.0462  24 PRO A N   
265 C CA  . PRO A 35 ? 0.2104 0.1603 0.2925 -0.0491 -0.0137 0.0528  24 PRO A CA  
266 C C   . PRO A 35 ? 0.2170 0.1342 0.2695 -0.0406 -0.0282 0.0434  24 PRO A C   
267 O O   . PRO A 35 ? 0.2591 0.1703 0.2899 -0.0302 -0.0241 0.0399  24 PRO A O   
268 C CB  . PRO A 35 ? 0.2967 0.2497 0.3847 -0.0627 -0.0040 0.0709  24 PRO A CB  
269 C CG  . PRO A 35 ? 0.2661 0.2565 0.3694 -0.0591 0.0200  0.0721  24 PRO A CG  
270 C CD  . PRO A 35 ? 0.2578 0.2469 0.3421 -0.0414 0.0225  0.0543  24 PRO A CD  
271 N N   . GLU A 36 ? 0.2585 0.1557 0.3123 -0.0453 -0.0462 0.0386  25 GLU A N   
272 C CA  . GLU A 36 ? 0.2910 0.1562 0.3199 -0.0345 -0.0596 0.0261  25 GLU A CA  
273 C C   . GLU A 36 ? 0.3216 0.1626 0.3359 -0.0319 -0.0596 0.0348  25 GLU A C   
274 O O   . GLU A 36 ? 0.3262 0.1531 0.3221 -0.0157 -0.0637 0.0256  25 GLU A O   
275 C CB  . GLU A 36 ? 0.3808 0.2290 0.4126 -0.0419 -0.0780 0.0178  25 GLU A CB  
276 C CG  . GLU A 36 ? 0.4525 0.2721 0.4609 -0.0293 -0.0899 0.0008  25 GLU A CG  
277 C CD  . GLU A 36 ? 0.4143 0.2184 0.4249 -0.0387 -0.1064 -0.0067 25 GLU A CD  
278 O OE1 . GLU A 36 ? 0.4716 0.2669 0.4637 -0.0289 -0.1158 -0.0264 25 GLU A OE1 
279 O OE2 . GLU A 36 ? 0.4474 0.2510 0.4774 -0.0557 -0.1095 0.0064  25 GLU A OE2 
280 N N   . SER A 37 ? 0.3034 0.1461 0.3259 -0.0459 -0.0539 0.0528  26 SER A N   
281 C CA  . SER A 37 ? 0.3825 0.2055 0.3893 -0.0438 -0.0546 0.0642  26 SER A CA  
282 C C   . SER A 37 ? 0.3614 0.1946 0.3508 -0.0379 -0.0439 0.0743  26 SER A C   
283 O O   . SER A 37 ? 0.4197 0.2401 0.3927 -0.0359 -0.0455 0.0868  26 SER A O   
284 C CB  . SER A 37 ? 0.4266 0.2471 0.4467 -0.0622 -0.0529 0.0815  26 SER A CB  
285 O OG  . SER A 37 ? 0.5092 0.3643 0.5446 -0.0740 -0.0357 0.0933  26 SER A OG  
286 N N   . THR A 38 ? 0.3200 0.1876 0.3124 -0.0322 -0.0302 0.0637  27 THR A N   
287 C CA  . THR A 38 ? 0.3090 0.1972 0.2838 -0.0258 -0.0175 0.0647  27 THR A CA  
288 C C   . THR A 38 ? 0.3485 0.2209 0.3016 -0.0109 -0.0295 0.0610  27 THR A C   
289 O O   . THR A 38 ? 0.3271 0.1943 0.2843 0.0017  -0.0383 0.0458  27 THR A O   
290 C CB  . THR A 38 ? 0.3085 0.2265 0.2943 -0.0203 -0.0059 0.0489  27 THR A CB  
291 O OG1 . THR A 38 ? 0.2754 0.2105 0.2874 -0.0312 0.0038  0.0535  27 THR A OG1 
292 C CG2 . THR A 38 ? 0.3324 0.2668 0.2989 -0.0147 0.0042  0.0450  27 THR A CG2 
293 N N   . PRO A 39 ? 0.3460 0.2143 0.2766 -0.0111 -0.0302 0.0756  28 PRO A N   
294 C CA  . PRO A 39 ? 0.3627 0.2251 0.2777 0.0050  -0.0428 0.0719  28 PRO A CA  
295 C C   . PRO A 39 ? 0.3423 0.2318 0.2623 0.0153  -0.0392 0.0505  28 PRO A C   
296 O O   . PRO A 39 ? 0.3120 0.2252 0.2330 0.0101  -0.0260 0.0427  28 PRO A O   
297 C CB  . PRO A 39 ? 0.3897 0.2551 0.2759 -0.0002 -0.0413 0.0921  28 PRO A CB  
298 C CG  . PRO A 39 ? 0.4749 0.3325 0.3637 -0.0192 -0.0315 0.1132  28 PRO A CG  
299 C CD  . PRO A 39 ? 0.3752 0.2478 0.2938 -0.0259 -0.0198 0.0985  28 PRO A CD  
300 N N   . PHE A 40 ? 0.3083 0.1949 0.2344 0.0307  -0.0510 0.0408  29 PHE A N   
301 C CA  . PHE A 40 ? 0.3265 0.2417 0.2635 0.0366  -0.0467 0.0236  29 PHE A CA  
302 C C   . PHE A 40 ? 0.3324 0.2689 0.2551 0.0343  -0.0456 0.0223  29 PHE A C   
303 O O   . PHE A 40 ? 0.2860 0.2434 0.2186 0.0320  -0.0391 0.0088  29 PHE A O   
304 C CB  . PHE A 40 ? 0.3087 0.2239 0.2588 0.0537  -0.0567 0.0145  29 PHE A CB  
305 C CG  . PHE A 40 ? 0.2890 0.2347 0.2573 0.0565  -0.0497 -0.0002 29 PHE A CG  
306 C CD1 . PHE A 40 ? 0.2784 0.2291 0.2566 0.0498  -0.0394 -0.0064 29 PHE A CD1 
307 C CD2 . PHE A 40 ? 0.3018 0.2722 0.2791 0.0643  -0.0549 -0.0046 29 PHE A CD2 
308 C CE1 . PHE A 40 ? 0.2860 0.2635 0.2809 0.0500  -0.0326 -0.0146 29 PHE A CE1 
309 C CE2 . PHE A 40 ? 0.2685 0.2672 0.2662 0.0627  -0.0476 -0.0144 29 PHE A CE2 
310 C CZ  . PHE A 40 ? 0.2792 0.2796 0.2844 0.0557  -0.0360 -0.0180 29 PHE A CZ  
311 N N   . THR A 41 ? 0.3190 0.2486 0.2169 0.0341  -0.0535 0.0363  30 THR A N   
312 C CA  . THR A 41 ? 0.3339 0.2829 0.2087 0.0299  -0.0532 0.0336  30 THR A CA  
313 C C   . THR A 41 ? 0.3493 0.3096 0.2214 0.0185  -0.0335 0.0231  30 THR A C   
314 O O   . THR A 41 ? 0.3565 0.3335 0.2226 0.0167  -0.0315 0.0075  30 THR A O   
315 C CB  . THR A 41 ? 0.3964 0.3348 0.2379 0.0291  -0.0628 0.0555  30 THR A CB  
316 O OG1 . THR A 41 ? 0.5413 0.4593 0.3775 0.0199  -0.0535 0.0735  30 THR A OG1 
317 C CG2 . THR A 41 ? 0.3682 0.2978 0.2169 0.0442  -0.0851 0.0642  30 THR A CG2 
318 N N   . ALA A 42 ? 0.3606 0.3117 0.2415 0.0113  -0.0200 0.0302  31 ALA A N   
319 C CA  . ALA A 42 ? 0.3046 0.2692 0.1896 0.0038  -0.0002 0.0213  31 ALA A CA  
320 C C   . ALA A 42 ? 0.2904 0.2623 0.2068 0.0065  0.0032  0.0036  31 ALA A C   
321 O O   . ALA A 42 ? 0.2993 0.2817 0.2209 0.0047  0.0152  -0.0096 31 ALA A O   
322 C CB  . ALA A 42 ? 0.3258 0.2854 0.2165 -0.0057 0.0121  0.0378  31 ALA A CB  
323 N N   . VAL A 43 ? 0.2733 0.2394 0.2099 0.0115  -0.0063 0.0031  32 VAL A N   
324 C CA  . VAL A 43 ? 0.2315 0.2069 0.1937 0.0132  -0.0040 -0.0092 32 VAL A CA  
325 C C   . VAL A 43 ? 0.2341 0.2217 0.1942 0.0144  -0.0090 -0.0221 32 VAL A C   
326 O O   . VAL A 43 ? 0.2507 0.2439 0.2255 0.0111  -0.0026 -0.0335 32 VAL A O   
327 C CB  . VAL A 43 ? 0.2612 0.2317 0.2384 0.0188  -0.0116 -0.0066 32 VAL A CB  
328 C CG1 . VAL A 43 ? 0.2527 0.2364 0.2525 0.0190  -0.0082 -0.0145 32 VAL A CG1 
329 C CG2 . VAL A 43 ? 0.2776 0.2323 0.2567 0.0149  -0.0107 0.0033  32 VAL A CG2 
330 N N   . LEU A 44 ? 0.2485 0.2393 0.1946 0.0192  -0.0229 -0.0201 33 LEU A N   
331 C CA  . LEU A 44 ? 0.2512 0.2568 0.1975 0.0176  -0.0313 -0.0325 33 LEU A CA  
332 C C   . LEU A 44 ? 0.2659 0.2702 0.1912 0.0107  -0.0239 -0.0446 33 LEU A C   
333 O O   . LEU A 44 ? 0.2941 0.3022 0.2317 0.0059  -0.0234 -0.0610 33 LEU A O   
334 C CB  . LEU A 44 ? 0.3025 0.3161 0.2381 0.0244  -0.0498 -0.0265 33 LEU A CB  
335 C CG  . LEU A 44 ? 0.4348 0.4663 0.3673 0.0197  -0.0631 -0.0393 33 LEU A CG  
336 C CD1 . LEU A 44 ? 0.4040 0.4492 0.3714 0.0120  -0.0627 -0.0542 33 LEU A CD1 
337 C CD2 . LEU A 44 ? 0.5230 0.5673 0.4490 0.0279  -0.0847 -0.0304 33 LEU A CD2 
338 N N   . LYS A 45 ? 0.2985 0.2967 0.1933 0.0098  -0.0166 -0.0371 34 LYS A N   
339 C CA  . LYS A 45 ? 0.3167 0.3174 0.1872 0.0058  -0.0057 -0.0512 34 LYS A CA  
340 C C   . LYS A 45 ? 0.2894 0.2870 0.1878 0.0048  0.0108  -0.0652 34 LYS A C   
341 O O   . LYS A 45 ? 0.3341 0.3305 0.2297 0.0035  0.0131  -0.0872 34 LYS A O   
342 C CB  . LYS A 45 ? 0.3515 0.3517 0.1872 0.0045  0.0039  -0.0358 34 LYS A CB  
343 C CG  . LYS A 45 ? 0.4183 0.4262 0.2240 0.0025  0.0209  -0.0510 34 LYS A CG  
344 C CD  . LYS A 45 ? 0.4889 0.5022 0.2584 -0.0007 0.0308  -0.0297 34 LYS A CD  
345 C CE  . LYS A 45 ? 0.5715 0.5988 0.3112 -0.0008 0.0536  -0.0453 34 LYS A CE  
346 N NZ  . LYS A 45 ? 0.6835 0.7224 0.3802 -0.0058 0.0647  -0.0217 34 LYS A NZ  
347 N N   . PHE A 46 ? 0.2830 0.2772 0.2090 0.0058  0.0199  -0.0533 35 PHE A N   
348 C CA  . PHE A 46 ? 0.2616 0.2540 0.2189 0.0067  0.0328  -0.0614 35 PHE A CA  
349 C C   . PHE A 46 ? 0.2593 0.2473 0.2414 0.0055  0.0238  -0.0735 35 PHE A C   
350 O O   . PHE A 46 ? 0.2437 0.2248 0.2383 0.0058  0.0298  -0.0899 35 PHE A O   
351 C CB  . PHE A 46 ? 0.2454 0.2378 0.2251 0.0066  0.0369  -0.0426 35 PHE A CB  
352 C CG  . PHE A 46 ? 0.2228 0.2178 0.2364 0.0085  0.0491  -0.0440 35 PHE A CG  
353 C CD1 . PHE A 46 ? 0.2822 0.2782 0.3039 0.0128  0.0622  -0.0604 35 PHE A CD1 
354 C CD2 . PHE A 46 ? 0.2082 0.2040 0.2456 0.0072  0.0454  -0.0294 35 PHE A CD2 
355 C CE1 . PHE A 46 ? 0.2996 0.2986 0.3589 0.0174  0.0715  -0.0589 35 PHE A CE1 
356 C CE2 . PHE A 46 ? 0.2012 0.2024 0.2719 0.0094  0.0532  -0.0272 35 PHE A CE2 
357 C CZ  . PHE A 46 ? 0.2401 0.2433 0.3245 0.0152  0.0657  -0.0403 35 PHE A CZ  
358 N N   . ALA A 47 ? 0.2410 0.2330 0.2333 0.0041  0.0101  -0.0649 36 ALA A N   
359 C CA  . ALA A 47 ? 0.2316 0.2245 0.2515 0.0001  0.0028  -0.0706 36 ALA A CA  
360 C C   . ALA A 47 ? 0.2393 0.2298 0.2506 -0.0053 -0.0053 -0.0909 36 ALA A C   
361 O O   . ALA A 47 ? 0.2486 0.2290 0.2822 -0.0102 -0.0052 -0.1025 36 ALA A O   
362 C CB  . ALA A 47 ? 0.2182 0.2240 0.2487 0.0010  -0.0073 -0.0578 36 ALA A CB  
363 N N   . ALA A 48 ? 0.2865 0.2840 0.2648 -0.0051 -0.0147 -0.0951 37 ALA A N   
364 C CA  . ALA A 48 ? 0.2958 0.2922 0.2610 -0.0115 -0.0263 -0.1168 37 ALA A CA  
365 C C   . ALA A 48 ? 0.3386 0.3173 0.2929 -0.0105 -0.0131 -0.1390 37 ALA A C   
366 O O   . ALA A 48 ? 0.3582 0.3247 0.3217 -0.0164 -0.0197 -0.1577 37 ALA A O   
367 C CB  . ALA A 48 ? 0.3510 0.3601 0.2771 -0.0104 -0.0405 -0.1146 37 ALA A CB  
368 N N   . GLU A 49 ? 0.3129 0.2903 0.2505 -0.0026 0.0060  -0.1346 38 GLU A N   
369 C CA  . GLU A 49 ? 0.3493 0.3148 0.2807 0.0025  0.0220  -0.1536 38 GLU A CA  
370 C C   . GLU A 49 ? 0.3708 0.3200 0.3497 0.0033  0.0249  -0.1549 38 GLU A C   
371 O O   . GLU A 49 ? 0.3954 0.3277 0.3765 0.0044  0.0244  -0.1702 38 GLU A O   
372 C CB  . GLU A 49 ? 0.3885 0.3646 0.3043 0.0101  0.0442  -0.1446 38 GLU A CB  
373 C CG  . GLU A 49 ? 0.4791 0.4690 0.3410 0.0094  0.0459  -0.1408 38 GLU A CG  
374 C CD  . GLU A 49 ? 0.4841 0.4871 0.3432 0.0121  0.0650  -0.1175 38 GLU A CD  
375 O OE1 . GLU A 49 ? 0.4737 0.4766 0.3744 0.0138  0.0727  -0.1042 38 GLU A OE1 
376 O OE2 . GLU A 49 ? 0.5448 0.5594 0.3605 0.0107  0.0703  -0.1100 38 GLU A OE2 
377 N N   . GLU A 50 ? 0.3161 0.2682 0.3308 0.0030  0.0267  -0.1374 39 GLU A N   
378 C CA  . GLU A 50 ? 0.3164 0.2551 0.3736 0.0040  0.0287  -0.1315 39 GLU A CA  
379 C C   . GLU A 50 ? 0.3336 0.2611 0.4093 -0.0066 0.0126  -0.1364 39 GLU A C   
380 O O   . GLU A 50 ? 0.3852 0.2951 0.4822 -0.0063 0.0128  -0.1400 39 GLU A O   
381 C CB  . GLU A 50 ? 0.3145 0.2613 0.3991 0.0059  0.0331  -0.1081 39 GLU A CB  
382 C CG  . GLU A 50 ? 0.3299 0.2873 0.4085 0.0147  0.0489  -0.1006 39 GLU A CG  
383 C CD  . GLU A 50 ? 0.4131 0.3656 0.5008 0.0233  0.0602  -0.1095 39 GLU A CD  
384 O OE1 . GLU A 50 ? 0.4135 0.3519 0.5269 0.0242  0.0556  -0.1109 39 GLU A OE1 
385 O OE2 . GLU A 50 ? 0.4195 0.3835 0.4887 0.0295  0.0741  -0.1144 39 GLU A OE2 
386 N N   . PHE A 51 ? 0.2865 0.2259 0.3575 -0.0164 -0.0019 -0.1351 40 PHE A N   
387 C CA  . PHE A 51 ? 0.2942 0.2303 0.3846 -0.0293 -0.0177 -0.1377 40 PHE A CA  
388 C C   . PHE A 51 ? 0.3702 0.2957 0.4335 -0.0333 -0.0273 -0.1606 40 PHE A C   
389 O O   . PHE A 51 ? 0.4333 0.3531 0.5132 -0.0456 -0.0410 -0.1642 40 PHE A O   
390 C CB  . PHE A 51 ? 0.2894 0.2516 0.3922 -0.0375 -0.0296 -0.1249 40 PHE A CB  
391 C CG  . PHE A 51 ? 0.2779 0.2493 0.4119 -0.0375 -0.0229 -0.0976 40 PHE A CG  
392 C CD1 . PHE A 51 ? 0.3230 0.2890 0.4953 -0.0484 -0.0258 -0.0875 40 PHE A CD1 
393 C CD2 . PHE A 51 ? 0.2832 0.2679 0.4044 -0.0273 -0.0142 -0.0808 40 PHE A CD2 
394 C CE1 . PHE A 51 ? 0.3010 0.2788 0.4962 -0.0493 -0.0193 -0.0615 40 PHE A CE1 
395 C CE2 . PHE A 51 ? 0.3002 0.2946 0.4422 -0.0269 -0.0091 -0.0583 40 PHE A CE2 
396 C CZ  . PHE A 51 ? 0.2650 0.2579 0.4416 -0.0377 -0.0112 -0.0486 40 PHE A CZ  
397 N N   . LYS A 52 ? 0.4458 0.2798 0.3552 0.0256  -0.0413 -0.1606 41 LYS A N   
398 C CA  . LYS A 52 ? 0.4515 0.2811 0.3433 0.0227  -0.0504 -0.1766 41 LYS A CA  
399 C C   . LYS A 52 ? 0.5068 0.3479 0.4050 0.0216  -0.0743 -0.1838 41 LYS A C   
400 O O   . LYS A 52 ? 0.5408 0.3857 0.4602 0.0150  -0.0844 -0.1997 41 LYS A O   
401 C CB  . LYS A 52 ? 0.5565 0.3736 0.4691 0.0191  -0.0420 -0.1886 41 LYS A CB  
402 C CG  . LYS A 52 ? 0.5414 0.3508 0.4512 0.0254  -0.0202 -0.1828 41 LYS A CG  
403 C CD  . LYS A 52 ? 0.6446 0.4353 0.5701 0.0259  -0.0125 -0.1935 41 LYS A CD  
404 C CE  . LYS A 52 ? 0.6897 0.4782 0.6257 0.0383  0.0068  -0.1847 41 LYS A CE  
405 N NZ  . LYS A 52 ? 0.8049 0.5686 0.7570 0.0423  0.0148  -0.1921 41 LYS A NZ  
406 N N   . VAL A 53 ? 0.5041 0.3512 0.3812 0.0286  -0.0823 -0.1729 42 VAL A N   
407 C CA  . VAL A 53 ? 0.5582 0.4204 0.4334 0.0339  -0.1065 -0.1781 42 VAL A CA  
408 C C   . VAL A 53 ? 0.5996 0.4538 0.4145 0.0465  -0.1077 -0.1677 42 VAL A C   
409 O O   . VAL A 53 ? 0.5840 0.4225 0.3707 0.0470  -0.0875 -0.1535 42 VAL A O   
410 C CB  . VAL A 53 ? 0.5026 0.3775 0.4201 0.0329  -0.1143 -0.1717 42 VAL A CB  
411 C CG1 . VAL A 53 ? 0.5417 0.4190 0.5187 0.0190  -0.1057 -0.1769 42 VAL A CG1 
412 C CG2 . VAL A 53 ? 0.5000 0.3691 0.4019 0.0372  -0.0970 -0.1445 42 VAL A CG2 
413 N N   . PRO A 54 ? 0.5949 0.4604 0.3899 0.0569  -0.1285 -0.1737 43 PRO A N   
414 C CA  . PRO A 54 ? 0.6314 0.4827 0.3656 0.0714  -0.1265 -0.1608 43 PRO A CA  
415 C C   . PRO A 54 ? 0.6249 0.4643 0.3437 0.0807  -0.1214 -0.1398 43 PRO A C   
416 O O   . PRO A 54 ? 0.5988 0.4533 0.3451 0.0856  -0.1365 -0.1396 43 PRO A O   
417 C CB  . PRO A 54 ? 0.6431 0.5155 0.3686 0.0825  -0.1527 -0.1741 43 PRO A CB  
418 C CG  . PRO A 54 ? 0.6966 0.5901 0.4730 0.0665  -0.1611 -0.1984 43 PRO A CG  
419 C CD  . PRO A 54 ? 0.6178 0.5102 0.4442 0.0546  -0.1513 -0.1941 43 PRO A CD  
420 N N   . ALA A 55 ? 0.6131 0.4263 0.2912 0.0809  -0.0978 -0.1228 44 ALA A N   
421 C CA  . ALA A 55 ? 0.6288 0.4249 0.2882 0.0877  -0.0882 -0.1028 44 ALA A CA  
422 C C   . ALA A 55 ? 0.6246 0.4216 0.2604 0.1111  -0.1092 -0.0970 44 ALA A C   
423 O O   . ALA A 55 ? 0.5932 0.3889 0.2338 0.1192  -0.1123 -0.0867 44 ALA A O   
424 C CB  . ALA A 55 ? 0.6396 0.4102 0.2657 0.0799  -0.0570 -0.0877 44 ALA A CB  
425 N N   . ALA A 56 ? 0.6668 0.4703 0.2791 0.1235  -0.1242 -0.1037 45 ALA A N   
426 C CA  . ALA A 56 ? 0.7287 0.5365 0.3172 0.1499  -0.1423 -0.0962 45 ALA A CA  
427 C C   . ALA A 56 ? 0.7236 0.5747 0.3634 0.1561  -0.1699 -0.1066 45 ALA A C   
428 O O   . ALA A 56 ? 0.7404 0.5977 0.3736 0.1771  -0.1791 -0.0950 45 ALA A O   
429 C CB  . ALA A 56 ? 0.7834 0.5922 0.3358 0.1615  -0.1511 -0.1025 45 ALA A CB  
430 N N   . THR A 57 ? 0.6434 0.5250 0.3404 0.1372  -0.1805 -0.1278 46 THR A N   
431 C CA  . THR A 57 ? 0.6181 0.5459 0.3771 0.1366  -0.2033 -0.1400 46 THR A CA  
432 C C   . THR A 57 ? 0.5501 0.4805 0.3641 0.1174  -0.1885 -0.1333 46 THR A C   
433 O O   . THR A 57 ? 0.5250 0.4917 0.4059 0.1056  -0.1977 -0.1446 46 THR A O   
434 C CB  . THR A 57 ? 0.6317 0.5958 0.4279 0.1256  -0.2199 -0.1675 46 THR A CB  
435 O OG1 . THR A 57 ? 0.6360 0.5840 0.4473 0.1017  -0.2050 -0.1790 46 THR A OG1 
436 C CG2 . THR A 57 ? 0.6886 0.6571 0.4382 0.1440  -0.2311 -0.1707 46 THR A CG2 
437 N N   . SER A 58 ? 0.4992 0.3941 0.2921 0.1109  -0.1599 -0.1134 47 SER A N   
438 C CA  . SER A 58 ? 0.4508 0.3494 0.2932 0.0937  -0.1405 -0.1023 47 SER A CA  
439 C C   . SER A 58 ? 0.4573 0.3373 0.2775 0.1028  -0.1246 -0.0778 47 SER A C   
440 O O   . SER A 58 ? 0.5009 0.3509 0.2596 0.1185  -0.1201 -0.0677 47 SER A O   
441 C CB  . SER A 58 ? 0.4464 0.3267 0.2908 0.0750  -0.1195 -0.1053 47 SER A CB  
442 O OG  . SER A 58 ? 0.5346 0.4257 0.4003 0.0663  -0.1305 -0.1282 47 SER A OG  
443 N N   . ALA A 59 ? 0.4024 0.2961 0.2702 0.0927  -0.1135 -0.0681 48 ALA A N   
444 C CA  . ALA A 59 ? 0.3991 0.2754 0.2503 0.0981  -0.0959 -0.0477 48 ALA A CA  
445 C C   . ALA A 59 ? 0.3594 0.2437 0.2513 0.0786  -0.0761 -0.0414 48 ALA A C   
446 O O   . ALA A 59 ? 0.3587 0.2661 0.2995 0.0664  -0.0799 -0.0494 48 ALA A O   
447 C CB  . ALA A 59 ? 0.4076 0.3028 0.2718 0.1180  -0.1109 -0.0418 48 ALA A CB  
448 N N   . ILE A 60 ? 0.3874 0.2501 0.2553 0.0758  -0.0538 -0.0277 49 ILE A N   
449 C CA  . ILE A 60 ? 0.3172 0.1922 0.2192 0.0605  -0.0359 -0.0209 49 ILE A CA  
450 C C   . ILE A 60 ? 0.3147 0.1926 0.2258 0.0681  -0.0310 -0.0087 49 ILE A C   
451 O O   . ILE A 60 ? 0.3590 0.2094 0.2273 0.0804  -0.0258 -0.0018 49 ILE A O   
452 C CB  . ILE A 60 ? 0.3675 0.2250 0.2405 0.0471  -0.0128 -0.0203 49 ILE A CB  
453 C CG1 . ILE A 60 ? 0.4598 0.3202 0.3326 0.0406  -0.0163 -0.0330 49 ILE A CG1 
454 C CG2 . ILE A 60 ? 0.3774 0.2549 0.2842 0.0360  0.0016  -0.0136 49 ILE A CG2 
455 C CD1 . ILE A 60 ? 0.4773 0.3251 0.3190 0.0298  0.0051  -0.0352 49 ILE A CD1 
456 N N   . ILE A 61 ? 0.2909 0.1992 0.2564 0.0630  -0.0323 -0.0061 50 ILE A N   
457 C CA  . ILE A 61 ? 0.2819 0.1993 0.2650 0.0693  -0.0266 0.0040  50 ILE A CA  
458 C C   . ILE A 61 ? 0.2357 0.1638 0.2413 0.0546  -0.0071 0.0109  50 ILE A C   
459 O O   . ILE A 61 ? 0.2291 0.1638 0.2442 0.0419  -0.0009 0.0083  50 ILE A O   
460 C CB  . ILE A 61 ? 0.2728 0.2228 0.3018 0.0787  -0.0462 0.0003  50 ILE A CB  
461 C CG1 . ILE A 61 ? 0.2513 0.2285 0.3339 0.0629  -0.0495 -0.0067 50 ILE A CG1 
462 C CG2 . ILE A 61 ? 0.3016 0.2466 0.3026 0.0977  -0.0677 -0.0070 50 ILE A CG2 
463 C CD1 . ILE A 61 ? 0.2882 0.3022 0.4238 0.0662  -0.0652 -0.0140 50 ILE A CD1 
464 N N   . THR A 62 ? 0.2386 0.1688 0.2493 0.0588  0.0032  0.0196  51 THR A N   
465 C CA  . THR A 62 ? 0.2357 0.1776 0.2611 0.0461  0.0216  0.0251  51 THR A CA  
466 C C   . THR A 62 ? 0.2532 0.2273 0.3331 0.0408  0.0170  0.0272  51 THR A C   
467 O O   . THR A 62 ? 0.2376 0.2255 0.3485 0.0449  0.0014  0.0229  51 THR A O   
468 C CB  . THR A 62 ? 0.2664 0.2002 0.2808 0.0511  0.0356  0.0316  51 THR A CB  
469 O OG1 . THR A 62 ? 0.2748 0.2281 0.3245 0.0638  0.0253  0.0351  51 THR A OG1 
470 C CG2 . THR A 62 ? 0.3370 0.2295 0.2961 0.0580  0.0437  0.0311  51 THR A CG2 
471 N N   . ASN A 63 ? 0.2582 0.3245 0.3002 0.0017  0.0293  0.1133  52 ASN A N   
472 C CA  . ASN A 63 ? 0.2772 0.3613 0.3468 -0.0061 0.0369  0.1520  52 ASN A CA  
473 C C   . ASN A 63 ? 0.3443 0.4536 0.4158 -0.0024 0.0665  0.1600  52 ASN A C   
474 O O   . ASN A 63 ? 0.2853 0.4103 0.4163 -0.0089 0.0752  0.1852  52 ASN A O   
475 C CB  . ASN A 63 ? 0.3229 0.4079 0.3484 -0.0119 0.0254  0.1802  52 ASN A CB  
476 C CG  . ASN A 63 ? 0.3469 0.4413 0.4263 -0.0233 0.0194  0.2270  52 ASN A CG  
477 O OD1 . ASN A 63 ? 0.3648 0.4591 0.5236 -0.0273 0.0200  0.2325  52 ASN A OD1 
478 N ND2 . ASN A 63 ? 0.4825 0.5842 0.5197 -0.0293 0.0108  0.2614  52 ASN A ND2 
479 N N   . ASP A 64 ? 0.3231 0.4358 0.3419 0.0088  0.0823  0.1364  53 ASP A N   
480 C CA  . ASP A 64 ? 0.3603 0.4992 0.3848 0.0160  0.1151  0.1383  53 ASP A CA  
481 C C   . ASP A 64 ? 0.3210 0.4636 0.4167 0.0188  0.1162  0.1242  53 ASP A C   
482 O O   . ASP A 64 ? 0.3642 0.5313 0.4856 0.0245  0.1415  0.1274  53 ASP A O   
483 C CB  . ASP A 64 ? 0.4380 0.5755 0.3911 0.0294  0.1300  0.1099  53 ASP A CB  
484 C CG  . ASP A 64 ? 0.6713 0.8127 0.5420 0.0276  0.1332  0.1220  53 ASP A CG  
485 O OD1 . ASP A 64 ? 0.7262 0.8766 0.5954 0.0156  0.1265  0.1611  53 ASP A OD1 
486 O OD2 . ASP A 64 ? 0.7788 0.9134 0.5864 0.0383  0.1400  0.0912  53 ASP A OD2 
487 N N   . GLY A 65 ? 0.2541 0.3757 0.3795 0.0154  0.0901  0.1077  54 GLY A N   
488 C CA  . GLY A 65 ? 0.2319 0.3573 0.4205 0.0151  0.0838  0.0968  54 GLY A CA  
489 C C   . GLY A 65 ? 0.2434 0.3615 0.4188 0.0260  0.0803  0.0670  54 GLY A C   
490 O O   . GLY A 65 ? 0.2299 0.3589 0.4543 0.0276  0.0781  0.0625  54 GLY A O   
491 N N   . ILE A 66 ? 0.2029 0.3020 0.3210 0.0325  0.0755  0.0490  55 ILE A N   
492 C CA  . ILE A 66 ? 0.1963 0.2855 0.3069 0.0425  0.0704  0.0254  55 ILE A CA  
493 C C   . ILE A 66 ? 0.1755 0.2419 0.2768 0.0378  0.0449  0.0132  55 ILE A C   
494 O O   . ILE A 66 ? 0.1739 0.2285 0.2567 0.0310  0.0360  0.0157  55 ILE A O   
495 C CB  . ILE A 66 ? 0.2530 0.3372 0.3139 0.0536  0.0858  0.0132  55 ILE A CB  
496 C CG1 . ILE A 66 ? 0.3155 0.4277 0.3761 0.0576  0.1174  0.0267  55 ILE A CG1 
497 C CG2 . ILE A 66 ? 0.2897 0.3648 0.3617 0.0653  0.0827  -0.0076 55 ILE A CG2 
498 C CD1 . ILE A 66 ? 0.3135 0.4514 0.4413 0.0627  0.1325  0.0324  55 ILE A CD1 
499 N N   . GLY A 67 ? 0.1651 0.2277 0.2794 0.0421  0.0344  0.0019  56 GLY A N   
500 C CA  . GLY A 67 ? 0.1714 0.2172 0.2698 0.0381  0.0159  -0.0064 56 GLY A CA  
501 C C   . GLY A 67 ? 0.1684 0.1939 0.2275 0.0406  0.0139  -0.0128 56 GLY A C   
502 O O   . GLY A 67 ? 0.2064 0.2275 0.2478 0.0475  0.0231  -0.0174 56 GLY A O   
503 N N   . ILE A 68 ? 0.1820 0.1970 0.2315 0.0347  0.0023  -0.0149 57 ILE A N   
504 C CA  . ILE A 68 ? 0.1848 0.1824 0.2122 0.0335  -0.0027 -0.0174 57 ILE A CA  
505 C C   . ILE A 68 ? 0.2150 0.2077 0.2435 0.0328  -0.0112 -0.0158 57 ILE A C   
506 O O   . ILE A 68 ? 0.2518 0.2540 0.2832 0.0283  -0.0140 -0.0145 57 ILE A O   
507 C CB  . ILE A 68 ? 0.1861 0.1817 0.2114 0.0254  -0.0047 -0.0138 57 ILE A CB  
508 C CG1 . ILE A 68 ? 0.2107 0.2126 0.2319 0.0251  0.0009  -0.0070 57 ILE A CG1 
509 C CG2 . ILE A 68 ? 0.2399 0.2208 0.2557 0.0226  -0.0122 -0.0146 57 ILE A CG2 
510 C CD1 . ILE A 68 ? 0.2484 0.2513 0.2840 0.0173  -0.0041 0.0022  57 ILE A CD1 
511 N N   . ASN A 69 ? 0.2027 0.1806 0.2283 0.0364  -0.0158 -0.0156 58 ASN A N   
512 C CA  . ASN A 69 ? 0.2100 0.1843 0.2379 0.0334  -0.0238 -0.0048 58 ASN A CA  
513 C C   . ASN A 69 ? 0.2159 0.1915 0.2359 0.0240  -0.0211 -0.0002 58 ASN A C   
514 O O   . ASN A 69 ? 0.2362 0.2020 0.2593 0.0211  -0.0215 -0.0027 58 ASN A O   
515 C CB  . ASN A 69 ? 0.2351 0.1899 0.2756 0.0389  -0.0304 -0.0039 58 ASN A CB  
516 C CG  . ASN A 69 ? 0.2572 0.2088 0.3081 0.0355  -0.0399 0.0167  58 ASN A CG  
517 O OD1 . ASN A 69 ? 0.2535 0.2141 0.2909 0.0265  -0.0376 0.0288  58 ASN A OD1 
518 N ND2 . ASN A 69 ? 0.2445 0.1852 0.3204 0.0429  -0.0488 0.0223  58 ASN A ND2 
519 N N   . PRO A 70 ? 0.2311 0.2200 0.2421 0.0193  -0.0184 0.0049  59 PRO A N   
520 C CA  . PRO A 70 ? 0.2664 0.2610 0.2766 0.0125  -0.0090 0.0054  59 PRO A CA  
521 C C   . PRO A 70 ? 0.2398 0.2268 0.2601 0.0078  -0.0082 0.0207  59 PRO A C   
522 O O   . PRO A 70 ? 0.2653 0.2577 0.2983 0.0026  0.0012  0.0222  59 PRO A O   
523 C CB  . PRO A 70 ? 0.3501 0.3619 0.3399 0.0108  -0.0046 0.0016  59 PRO A CB  
524 C CG  . PRO A 70 ? 0.3891 0.4020 0.3681 0.0137  -0.0176 0.0103  59 PRO A CG  
525 C CD  . PRO A 70 ? 0.2901 0.2908 0.2914 0.0205  -0.0248 0.0085  59 PRO A CD  
526 N N   . ALA A 71 ? 0.2289 0.2044 0.2546 0.0092  -0.0176 0.0338  60 ALA A N   
527 C CA  . ALA A 71 ? 0.2568 0.2247 0.3024 0.0029  -0.0188 0.0539  60 ALA A CA  
528 C C   . ALA A 71 ? 0.2885 0.2342 0.3618 0.0024  -0.0297 0.0455  60 ALA A C   
529 O O   . ALA A 71 ? 0.3267 0.2519 0.4198 0.0046  -0.0427 0.0482  60 ALA A O   
530 C CB  . ALA A 71 ? 0.3053 0.2701 0.3512 0.0041  -0.0277 0.0755  60 ALA A CB  
531 N N   . GLN A 72 ? 0.2432 0.1923 0.3199 -0.0001 -0.0270 0.0335  61 GLN A N   
532 C CA  . GLN A 72 ? 0.2690 0.2003 0.3652 -0.0026 -0.0418 0.0248  61 GLN A CA  
533 C C   . GLN A 72 ? 0.2377 0.1825 0.3483 -0.0084 -0.0368 0.0253  61 GLN A C   
534 O O   . GLN A 72 ? 0.2568 0.2215 0.3613 -0.0078 -0.0202 0.0264  61 GLN A O   
535 C CB  . GLN A 72 ? 0.3081 0.2249 0.3817 0.0057  -0.0521 0.0029  61 GLN A CB  
536 C CG  . GLN A 72 ? 0.2597 0.1910 0.3070 0.0100  -0.0433 -0.0056 61 GLN A CG  
537 C CD  . GLN A 72 ? 0.3512 0.2741 0.3745 0.0191  -0.0457 -0.0222 61 GLN A CD  
538 O OE1 . GLN A 72 ? 0.4653 0.3709 0.4809 0.0205  -0.0577 -0.0357 61 GLN A OE1 
539 N NE2 . GLN A 72 ? 0.2750 0.2108 0.2882 0.0257  -0.0339 -0.0231 61 GLN A NE2 
540 N N   . THR A 73 ? 0.2645 0.1976 0.3987 -0.0136 -0.0540 0.0223  62 THR A N   
541 C CA  . THR A 73 ? 0.2201 0.1661 0.3833 -0.0191 -0.0543 0.0266  62 THR A CA  
542 C C   . THR A 73 ? 0.2177 0.1657 0.3580 -0.0150 -0.0606 0.0157  62 THR A C   
543 O O   . THR A 73 ? 0.2179 0.1555 0.3187 -0.0096 -0.0682 0.0042  62 THR A O   
544 C CB  . THR A 73 ? 0.2605 0.1950 0.4675 -0.0283 -0.0768 0.0314  62 THR A CB  
545 O OG1 . THR A 73 ? 0.2634 0.1743 0.4426 -0.0265 -0.1040 0.0130  62 THR A OG1 
546 C CG2 . THR A 73 ? 0.2624 0.1940 0.5062 -0.0349 -0.0721 0.0485  62 THR A CG2 
547 N N   . ALA A 74 ? 0.2004 0.1307 0.3024 0.0317  -0.0508 0.0264  63 ALA A N   
548 C CA  . ALA A 74 ? 0.1946 0.1348 0.2868 0.0248  -0.0515 0.0209  63 ALA A CA  
549 C C   . ALA A 74 ? 0.2172 0.1360 0.3325 0.0158  -0.0662 0.0067  63 ALA A C   
550 O O   . ALA A 74 ? 0.2200 0.1361 0.3384 0.0162  -0.0659 -0.0123 63 ALA A O   
551 C CB  . ALA A 74 ? 0.1905 0.1482 0.2689 0.0161  -0.0508 0.0360  63 ALA A CB  
552 N N   . GLY A 75 ? 0.2085 0.1088 0.3349 0.0035  -0.0740 0.0079  64 GLY A N   
553 C CA  . GLY A 75 ? 0.2446 0.1317 0.3753 -0.0194 -0.0782 -0.0244 64 GLY A CA  
554 C C   . GLY A 75 ? 0.2958 0.1730 0.4297 -0.0100 -0.0651 -0.0582 64 GLY A C   
555 O O   . GLY A 75 ? 0.2624 0.1568 0.3858 -0.0203 -0.0627 -0.0884 64 GLY A O   
556 N N   . ASN A 76 ? 0.2792 0.1403 0.4216 0.0099  -0.0559 -0.0511 65 ASN A N   
557 C CA  . ASN A 76 ? 0.2809 0.1339 0.4243 0.0196  -0.0453 -0.0772 65 ASN A CA  
558 C C   . ASN A 76 ? 0.2608 0.1462 0.4002 0.0292  -0.0436 -0.0869 65 ASN A C   
559 O O   . ASN A 76 ? 0.2815 0.1751 0.4181 0.0286  -0.0367 -0.1147 65 ASN A O   
560 C CB  . ASN A 76 ? 0.3084 0.1368 0.4545 0.0393  -0.0357 -0.0628 65 ASN A CB  
561 C CG  . ASN A 76 ? 0.6030 0.3870 0.7531 0.0302  -0.0277 -0.0765 65 ASN A CG  
562 O OD1 . ASN A 76 ? 0.6349 0.3949 0.7893 0.0214  -0.0261 -0.0613 65 ASN A OD1 
563 N ND2 . ASN A 76 ? 0.5974 0.3714 0.7453 0.0292  -0.0214 -0.1080 65 ASN A ND2 
564 N N   . VAL A 77 ? 0.2189 0.1251 0.3567 0.0371  -0.0464 -0.0655 66 VAL A N   
565 C CA  . VAL A 77 ? 0.2118 0.1467 0.3497 0.0407  -0.0412 -0.0763 66 VAL A CA  
566 C C   . VAL A 77 ? 0.2431 0.1842 0.3717 0.0252  -0.0377 -0.0953 66 VAL A C   
567 O O   . VAL A 77 ? 0.2347 0.1965 0.3606 0.0236  -0.0260 -0.1187 66 VAL A O   
568 C CB  . VAL A 77 ? 0.2204 0.1728 0.3535 0.0448  -0.0419 -0.0528 66 VAL A CB  
569 C CG1 . VAL A 77 ? 0.1990 0.1763 0.3390 0.0429  -0.0325 -0.0682 66 VAL A CG1 
570 C CG2 . VAL A 77 ? 0.2141 0.1681 0.3415 0.0587  -0.0393 -0.0410 66 VAL A CG2 
571 N N   . PHE A 78 ? 0.2108 0.1511 0.3223 0.0103  -0.0444 -0.0770 67 PHE A N   
572 C CA  . PHE A 78 ? 0.2251 0.1974 0.3077 -0.0052 -0.0363 -0.0802 67 PHE A CA  
573 C C   . PHE A 78 ? 0.2685 0.2500 0.3474 -0.0132 -0.0341 -0.1192 67 PHE A C   
574 O O   . PHE A 78 ? 0.2609 0.2746 0.3233 -0.0153 -0.0214 -0.1323 67 PHE A O   
575 C CB  . PHE A 78 ? 0.2012 0.1864 0.2628 -0.0150 -0.0442 -0.0500 67 PHE A CB  
576 C CG  . PHE A 78 ? 0.2346 0.2637 0.2632 -0.0235 -0.0357 -0.0487 67 PHE A CG  
577 C CD1 . PHE A 78 ? 0.3078 0.3532 0.3159 -0.0160 -0.0168 -0.0268 67 PHE A CD1 
578 C CD2 . PHE A 78 ? 0.2678 0.3252 0.2863 -0.0378 -0.0442 -0.0693 67 PHE A CD2 
579 C CE1 . PHE A 78 ? 0.3463 0.4364 0.3202 -0.0163 -0.0050 -0.0188 67 PHE A CE1 
580 C CE2 . PHE A 78 ? 0.3466 0.4609 0.3314 -0.0395 -0.0366 -0.0675 67 PHE A CE2 
581 C CZ  . PHE A 78 ? 0.3566 0.4869 0.3173 -0.0256 -0.0166 -0.0383 67 PHE A CZ  
582 N N   . LEU A 79 ? 0.2576 0.2106 0.3522 -0.0181 -0.0434 -0.1385 68 LEU A N   
583 C CA  . LEU A 79 ? 0.2978 0.2567 0.3875 -0.0235 -0.0376 -0.1733 68 LEU A CA  
584 C C   . LEU A 79 ? 0.3482 0.3161 0.4417 -0.0065 -0.0246 -0.1867 68 LEU A C   
585 O O   . LEU A 79 ? 0.3729 0.3702 0.4534 -0.0097 -0.0172 -0.2104 68 LEU A O   
586 C CB  . LEU A 79 ? 0.3330 0.2499 0.4371 -0.0269 -0.0399 -0.1744 68 LEU A CB  
587 C CG  . LEU A 79 ? 0.4293 0.3512 0.5291 -0.0525 -0.0492 -0.1747 68 LEU A CG  
588 C CD1 . LEU A 79 ? 0.5125 0.3844 0.6282 -0.0565 -0.0436 -0.1826 68 LEU A CD1 
589 C CD2 . LEU A 79 ? 0.4590 0.4374 0.5353 -0.0684 -0.0504 -0.2019 68 LEU A CD2 
590 N N   . LYS A 80 ? 0.2867 0.2390 0.3984 0.0120  -0.0224 -0.1714 69 LYS A N   
591 C CA  . LYS A 80 ? 0.3269 0.2965 0.4458 0.0260  -0.0125 -0.1835 69 LYS A CA  
592 C C   . LYS A 80 ? 0.3245 0.3343 0.4388 0.0226  -0.0016 -0.1862 69 LYS A C   
593 O O   . LYS A 80 ? 0.3467 0.3824 0.4608 0.0254  0.0088  -0.2032 69 LYS A O   
594 C CB  . LYS A 80 ? 0.3451 0.3007 0.4815 0.0455  -0.0147 -0.1670 69 LYS A CB  
595 C CG  . LYS A 80 ? 0.4399 0.3532 0.5788 0.0548  -0.0157 -0.1647 69 LYS A CG  
596 C CD  . LYS A 80 ? 0.4795 0.3886 0.6259 0.0772  -0.0153 -0.1426 69 LYS A CD  
597 C CE  . LYS A 80 ? 0.5910 0.4531 0.7343 0.0928  -0.0076 -0.1373 69 LYS A CE  
598 N NZ  . LYS A 80 ? 0.5747 0.4419 0.7169 0.1206  -0.0020 -0.1132 69 LYS A NZ  
599 N N   . HIS A 81 ? 0.2739 0.2862 0.3863 0.0171  -0.0005 -0.1686 70 HIS A N   
600 C CA  . HIS A 81 ? 0.2523 0.2920 0.3675 0.0143  0.0176  -0.1675 70 HIS A CA  
601 C C   . HIS A 81 ? 0.2989 0.3506 0.3851 0.0003  0.0295  -0.1408 70 HIS A C   
602 O O   . HIS A 81 ? 0.2739 0.3412 0.3608 -0.0048 0.0518  -0.1322 70 HIS A O   
603 C CB  . HIS A 81 ? 0.2632 0.3006 0.4023 0.0216  0.0139  -0.1513 70 HIS A CB  
604 C CG  . HIS A 81 ? 0.2612 0.3011 0.4153 0.0365  0.0030  -0.1553 70 HIS A CG  
605 N ND1 . HIS A 81 ? 0.2869 0.3499 0.4474 0.0411  0.0092  -0.1746 70 HIS A ND1 
606 C CD2 . HIS A 81 ? 0.2476 0.2702 0.4066 0.0499  -0.0105 -0.1409 70 HIS A CD2 
607 C CE1 . HIS A 81 ? 0.2663 0.3239 0.4343 0.0585  0.0001  -0.1731 70 HIS A CE1 
608 N NE2 . HIS A 81 ? 0.2646 0.2976 0.4301 0.0640  -0.0102 -0.1520 70 HIS A NE2 
609 N N   . GLY A 82 ? 0.2699 0.2876 0.3019 0.0430  0.0444  -0.0698 71 GLY A N   
610 C CA  . GLY A 82 ? 0.2462 0.3228 0.2817 0.0409  0.0600  -0.0640 71 GLY A CA  
611 C C   . GLY A 82 ? 0.2525 0.3032 0.2674 0.0296  0.0591  -0.0421 71 GLY A C   
612 O O   . GLY A 82 ? 0.2580 0.2515 0.2508 0.0159  0.0507  -0.0348 71 GLY A O   
613 N N   . SER A 83 ? 0.2339 0.3286 0.2531 0.0376  0.0664  -0.0339 72 SER A N   
614 C CA  . SER A 83 ? 0.2097 0.2866 0.2120 0.0320  0.0641  -0.0243 72 SER A CA  
615 C C   . SER A 83 ? 0.2297 0.2774 0.2396 0.0356  0.0527  0.0001  72 SER A C   
616 O O   . SER A 83 ? 0.2490 0.2699 0.2454 0.0290  0.0461  0.0016  72 SER A O   
617 C CB  . SER A 83 ? 0.3489 0.4708 0.3478 0.0433  0.0695  -0.0303 72 SER A CB  
618 O OG  . SER A 83 ? 0.3838 0.5263 0.3961 0.0569  0.0665  -0.0138 72 SER A OG  
619 N N   . GLU A 84 ? 0.2030 0.2612 0.2358 0.0424  0.0500  0.0139  73 GLU A N   
620 C CA  . GLU A 84 ? 0.2074 0.2479 0.2517 0.0396  0.0422  0.0340  73 GLU A CA  
621 C C   . GLU A 84 ? 0.1888 0.1979 0.2373 0.0336  0.0289  0.0309  73 GLU A C   
622 O O   . GLU A 84 ? 0.2106 0.2323 0.2733 0.0394  0.0248  0.0249  73 GLU A O   
623 C CB  . GLU A 84 ? 0.2435 0.3233 0.3091 0.0422  0.0491  0.0515  73 GLU A CB  
624 C CG  . GLU A 84 ? 0.2910 0.4016 0.3448 0.0527  0.0595  0.0616  73 GLU A CG  
625 C CD  . GLU A 84 ? 0.3742 0.4476 0.4122 0.0557  0.0540  0.0800  73 GLU A CD  
626 O OE1 . GLU A 84 ? 0.3254 0.3522 0.3688 0.0450  0.0440  0.0875  73 GLU A OE1 
627 O OE2 . GLU A 84 ? 0.4112 0.5028 0.4311 0.0730  0.0572  0.0837  73 GLU A OE2 
628 N N   . LEU A 85 ? 0.1907 0.1660 0.2276 0.0267  0.0197  0.0320  74 LEU A N   
629 C CA  . LEU A 85 ? 0.2020 0.1526 0.2373 0.0243  0.0047  0.0294  74 LEU A CA  
630 C C   . LEU A 85 ? 0.2060 0.1516 0.2585 0.0183  -0.0035 0.0337  74 LEU A C   
631 O O   . LEU A 85 ? 0.2081 0.1505 0.2655 0.0154  0.0007  0.0390  74 LEU A O   
632 C CB  . LEU A 85 ? 0.2432 0.1608 0.2398 0.0178  0.0003  0.0225  74 LEU A CB  
633 C CG  . LEU A 85 ? 0.2703 0.1803 0.2468 0.0146  0.0092  0.0157  74 LEU A CG  
634 C CD1 . LEU A 85 ? 0.3892 0.2644 0.3221 -0.0032 0.0076  0.0144  74 LEU A CD1 
635 C CD2 . LEU A 85 ? 0.2704 0.1745 0.2595 0.0283  0.0022  0.0127  74 LEU A CD2 
636 N N   . ARG A 86 ? 0.2154 0.1591 0.2776 0.0190  -0.0178 0.0289  75 ARG A N   
637 C CA  . ARG A 86 ? 0.2223 0.1671 0.3068 0.0100  -0.0265 0.0256  75 ARG A CA  
638 C C   . ARG A 86 ? 0.2838 0.2129 0.3473 0.0133  -0.0428 0.0137  75 ARG A C   
639 O O   . ARG A 86 ? 0.2877 0.2098 0.3283 0.0237  -0.0521 0.0130  75 ARG A O   
640 C CB  . ARG A 86 ? 0.2176 0.2026 0.3424 0.0055  -0.0278 0.0245  75 ARG A CB  
641 C CG  . ARG A 86 ? 0.2078 0.2177 0.3479 -0.0023 -0.0092 0.0395  75 ARG A CG  
642 C CD  . ARG A 86 ? 0.2000 0.2732 0.3749 -0.0047 -0.0069 0.0334  75 ARG A CD  
643 N NE  . ARG A 86 ? 0.2335 0.3217 0.4354 -0.0183 -0.0173 0.0214  75 ARG A NE  
644 C CZ  . ARG A 86 ? 0.2831 0.4379 0.5196 -0.0204 -0.0201 0.0054  75 ARG A CZ  
645 N NH1 . ARG A 86 ? 0.2724 0.4786 0.5173 -0.0066 -0.0141 0.0006  75 ARG A NH1 
646 N NH2 . ARG A 86 ? 0.2984 0.4776 0.5636 -0.0351 -0.0296 -0.0115 75 ARG A NH2 
647 N N   . ILE A 87 ? 0.2480 0.1701 0.3177 0.0063  -0.0488 0.0038  76 ILE A N   
648 C CA  . ILE A 87 ? 0.2784 0.2018 0.3310 0.0092  -0.0649 -0.0108 76 ILE A CA  
649 C C   . ILE A 87 ? 0.2855 0.2317 0.3771 0.0053  -0.0778 -0.0250 76 ILE A C   
650 O O   . ILE A 87 ? 0.2725 0.2189 0.4016 -0.0093 -0.0737 -0.0285 76 ILE A O   
651 C CB  . ILE A 87 ? 0.2739 0.1900 0.3034 0.0072  -0.0647 -0.0231 76 ILE A CB  
652 C CG1 . ILE A 87 ? 0.2958 0.2267 0.2992 0.0096  -0.0800 -0.0363 76 ILE A CG1 
653 C CG2 . ILE A 87 ? 0.2820 0.1874 0.3424 0.0044  -0.0649 -0.0344 76 ILE A CG2 
654 C CD1 . ILE A 87 ? 0.3437 0.2887 0.3180 0.0066  -0.0786 -0.0534 76 ILE A CD1 
655 N N   . ILE A 88 ? 0.2836 0.2487 0.3648 0.0171  -0.0940 -0.0328 77 ILE A N   
656 C CA  . ILE A 88 ? 0.2872 0.2924 0.4083 0.0162  -0.1073 -0.0524 77 ILE A CA  
657 C C   . ILE A 88 ? 0.3113 0.3340 0.4091 0.0300  -0.1291 -0.0692 77 ILE A C   
658 O O   . ILE A 88 ? 0.3389 0.3406 0.3826 0.0409  -0.1336 -0.0577 77 ILE A O   
659 C CB  . ILE A 88 ? 0.3030 0.3393 0.4439 0.0266  -0.1082 -0.0492 77 ILE A CB  
660 C CG1 . ILE A 88 ? 0.3244 0.3443 0.4179 0.0572  -0.1231 -0.0407 77 ILE A CG1 
661 C CG2 . ILE A 88 ? 0.3212 0.3526 0.4793 0.0137  -0.0859 -0.0321 77 ILE A CG2 
662 C CD1 . ILE A 88 ? 0.3212 0.3838 0.4372 0.0804  -0.1373 -0.0532 77 ILE A CD1 
663 N N   . PRO A 89 ? 0.3159 0.3823 0.4521 0.0267  -0.1423 -0.0970 78 PRO A N   
664 C CA  . PRO A 89 ? 0.3632 0.4605 0.4759 0.0456  -0.1657 -0.1147 78 PRO A CA  
665 C C   . PRO A 89 ? 0.4140 0.5207 0.4971 0.0768  -0.1814 -0.1029 78 PRO A C   
666 O O   . PRO A 89 ? 0.4443 0.5648 0.5546 0.0825  -0.1786 -0.1009 78 PRO A O   
667 C CB  . PRO A 89 ? 0.4336 0.5819 0.6072 0.0306  -0.1742 -0.1540 78 PRO A CB  
668 C CG  . PRO A 89 ? 0.3864 0.5399 0.6117 0.0076  -0.1575 -0.1502 78 PRO A CG  
669 C CD  . PRO A 89 ? 0.3050 0.4005 0.5057 0.0031  -0.1361 -0.1132 78 PRO A CD  
670 N N   . ARG A 90 ? 0.4890 0.5878 0.5127 0.0986  -0.1992 -0.0947 79 ARG A N   
671 C CA  . ARG A 90 ? 0.5860 0.6801 0.5731 0.1360  -0.2218 -0.0825 79 ARG A CA  
672 C C   . ARG A 90 ? 0.7123 0.8666 0.6986 0.1588  -0.2483 -0.1082 79 ARG A C   
673 O O   . ARG A 90 ? 0.9539 1.1573 0.9831 0.1705  -0.2523 -0.1315 79 ARG A O   
674 C CB  . ARG A 90 ? 0.6960 0.7120 0.6002 0.1432  -0.2210 -0.0411 79 ARG A CB  
675 C CG  . ARG A 90 ? 0.7907 0.7995 0.6241 0.1482  -0.2347 -0.0284 79 ARG A CG  
676 C CD  . ARG A 90 ? 0.8586 0.7835 0.6062 0.1524  -0.2351 0.0174  79 ARG A CD  
677 N NE  . ARG A 90 ? 0.8677 0.7428 0.5957 0.1183  -0.2079 0.0376  79 ARG A NE  
678 C CZ  . ARG A 90 ? 0.8952 0.7034 0.6075 0.1161  -0.1992 0.0594  79 ARG A CZ  
679 N NH1 . ARG A 90 ? 0.8602 0.6410 0.5630 0.0811  -0.1707 0.0700  79 ARG A NH1 
680 N NH2 . ARG A 90 ? 0.8983 0.6824 0.6191 0.1447  -0.2110 0.0617  79 ARG A NH2 
# 
loop_
_pdbx_poly_seq_scheme.asym_id 
_pdbx_poly_seq_scheme.entity_id 
_pdbx_poly_seq_scheme.seq_id 
_pdbx_poly_seq_scheme.mon_id 
_pdbx_poly_seq_scheme.ndb_seq_num 
_pdbx_poly_seq_scheme.pdb_seq_num 
_pdbx_poly_seq_scheme.auth_seq_num 
_pdbx_poly_seq_scheme.pdb_mon_id 
_pdbx_poly_seq_scheme.auth_mon_id 
_pdbx_poly_seq_scheme.pdb_strand_id 
_pdbx_poly_seq_scheme.pdb_ins_code 
_pdbx_poly_seq_scheme.hetero 
A 1 1  GLY 1  -10 -10 GLY GLY A . n 
A 1 2  PRO 2  -9  -9  PRO PRO A . n 
A 1 3  GLU 3  -8  -8  GLU GLU A . n 
A 1 4  ALA 4  -7  -7  ALA ALA A . n 
A 1 5  PHE 5  -6  -6  PHE PHE A . n 
A 1 6  VAL 6  -5  -5  VAL VAL A . n 
A 1 7  VAL 7  -4  -4  VAL VAL A . n 
A 1 8  GLU 8  -3  -3  GLU GLU A . n 
A 1 9  GLU 9  -2  -2  GLU GLU A . n 
A 1 10 GLU 10 -1  -1  GLU GLU A . n 
A 1 11 GLY 11 0   0   GLY GLY A . n 
A 1 12 MET 12 1   1   MET MET A . n 
A 1 13 SER 13 2   2   SER SER A . n 
A 1 14 LYS 14 3   3   LYS LYS A . n 
A 1 15 VAL 15 4   4   VAL VAL A . n 
A 1 16 SER 16 5   5   SER SER A . n 
A 1 17 PHE 17 6   6   PHE PHE A . n 
A 1 18 LYS 18 7   7   LYS LYS A . n 
A 1 19 ILE 19 8   8   ILE ILE A . n 
A 1 20 THR 20 9   9   THR THR A . n 
A 1 21 LEU 21 10  10  LEU LEU A . n 
A 1 22 THR 22 11  11  THR THR A . n 
A 1 23 SER 23 12  12  SER SER A . n 
A 1 24 ASP 24 13  13  ASP ASP A . n 
A 1 25 PRO 25 14  14  PRO PRO A . n 
A 1 26 ARG 26 15  15  ARG ARG A . n 
A 1 27 LEU 27 16  16  LEU LEU A . n 
A 1 28 PRO 28 17  17  PRO PRO A . n 
A 1 29 TYR 29 18  18  TYR TYR A . n 
A 1 30 LYS 30 19  19  LYS LYS A . n 
A 1 31 VAL 31 20  20  VAL VAL A . n 
A 1 32 LEU 32 21  21  LEU LEU A . n 
A 1 33 SER 33 22  22  SER SER A . n 
A 1 34 VAL 34 23  23  VAL VAL A . n 
A 1 35 PRO 35 24  24  PRO PRO A . n 
A 1 36 GLU 36 25  25  GLU GLU A . n 
A 1 37 SER 37 26  26  SER SER A . n 
A 1 38 THR 38 27  27  THR THR A . n 
A 1 39 PRO 39 28  28  PRO PRO A . n 
A 1 40 PHE 40 29  29  PHE PHE A . n 
A 1 41 THR 41 30  30  THR THR A . n 
A 1 42 ALA 42 31  31  ALA ALA A . n 
A 1 43 VAL 43 32  32  VAL VAL A . n 
A 1 44 LEU 44 33  33  LEU LEU A . n 
A 1 45 LYS 45 34  34  LYS LYS A . n 
A 1 46 PHE 46 35  35  PHE PHE A . n 
A 1 47 ALA 47 36  36  ALA ALA A . n 
A 1 48 ALA 48 37  37  ALA ALA A . n 
A 1 49 GLU 49 38  38  GLU GLU A . n 
A 1 50 GLU 50 39  39  GLU GLU A . n 
A 1 51 PHE 51 40  40  PHE PHE A . n 
A 1 52 LYS 52 41  41  LYS LYS A . n 
A 1 53 VAL 53 42  42  VAL VAL A . n 
A 1 54 PRO 54 43  43  PRO PRO A . n 
A 1 55 ALA 55 44  44  ALA ALA A . n 
A 1 56 ALA 56 45  45  ALA ALA A . n 
A 1 57 THR 57 46  46  THR THR A . n 
A 1 58 SER 58 47  47  SER SER A . n 
A 1 59 ALA 59 48  48  ALA ALA A . n 
A 1 60 ILE 60 49  49  ILE ILE A . n 
A 1 61 ILE 61 50  50  ILE ILE A . n 
A 1 62 THR 62 51  51  THR THR A . n 
A 1 63 ASN 63 52  52  ASN ASN A . n 
A 1 64 ASP 64 53  53  ASP ASP A . n 
A 1 65 GLY 65 54  54  GLY GLY A . n 
A 1 66 ILE 66 55  55  ILE ILE A . n 
A 1 67 GLY 67 56  56  GLY GLY A . n 
A 1 68 ILE 68 57  57  ILE ILE A . n 
A 1 69 ASN 69 58  58  ASN ASN A . n 
A 1 70 PRO 70 59  59  PRO PRO A . n 
A 1 71 ALA 71 60  60  ALA ALA A . n 
A 1 72 GLN 72 61  61  GLN GLN A . n 
A 1 73 THR 73 62  62  THR THR A . n 
A 1 74 ALA 74 63  63  ALA ALA A . n 
A 1 75 GLY 75 64  64  GLY GLY A . n 
A 1 76 ASN 76 65  65  ASN ASN A . n 
A 1 77 VAL 77 66  66  VAL VAL A . n 
A 1 78 PHE 78 67  67  PHE PHE A . n 
A 1 79 LEU 79 68  68  LEU LEU A . n 
A 1 80 LYS 80 69  69  LYS LYS A . n 
A 1 81 HIS 81 70  70  HIS HIS A . n 
A 1 82 GLY 82 71  71  GLY GLY A . n 
A 1 83 SER 83 72  72  SER SER A . n 
A 1 84 GLU 84 73  73  GLU GLU A . n 
A 1 85 LEU 85 74  74  LEU LEU A . n 
A 1 86 ARG 86 75  75  ARG ARG A . n 
A 1 87 ILE 87 76  76  ILE ILE A . n 
A 1 88 ILE 88 77  77  ILE ILE A . n 
A 1 89 PRO 89 78  78  PRO PRO A . n 
A 1 90 ARG 90 79  79  ARG ARG A . n 
A 1 91 ASP 91 80  ?   ?   ?   A . n 
A 1 92 ARG 92 81  ?   ?   ?   A . n 
A 1 93 VAL 93 82  ?   ?   ?   A . n 
A 1 94 GLY 94 83  ?   ?   ?   A . n 
# 
_pdbx_contact_author.id                 2 
_pdbx_contact_author.email              nn@bikaken.or.jp 
_pdbx_contact_author.name_first         Nobuo 
_pdbx_contact_author.name_last          Noda 
_pdbx_contact_author.name_mi            N. 
_pdbx_contact_author.role               'principal investigator/group leader' 
_pdbx_contact_author.identifier_ORCID   0000-0002-6940-8069 
# 
loop_
_pdbx_nonpoly_scheme.asym_id 
_pdbx_nonpoly_scheme.entity_id 
_pdbx_nonpoly_scheme.mon_id 
_pdbx_nonpoly_scheme.ndb_seq_num 
_pdbx_nonpoly_scheme.pdb_seq_num 
_pdbx_nonpoly_scheme.auth_seq_num 
_pdbx_nonpoly_scheme.pdb_mon_id 
_pdbx_nonpoly_scheme.auth_mon_id 
_pdbx_nonpoly_scheme.pdb_strand_id 
_pdbx_nonpoly_scheme.pdb_ins_code 
B 2 HOH 1   101 134 HOH HOH A . 
B 2 HOH 2   102 127 HOH HOH A . 
B 2 HOH 3   103 43  HOH HOH A . 
B 2 HOH 4   104 51  HOH HOH A . 
B 2 HOH 5   105 56  HOH HOH A . 
B 2 HOH 6   106 140 HOH HOH A . 
B 2 HOH 7   107 146 HOH HOH A . 
B 2 HOH 8   108 96  HOH HOH A . 
B 2 HOH 9   109 106 HOH HOH A . 
B 2 HOH 10  110 135 HOH HOH A . 
B 2 HOH 11  111 23  HOH HOH A . 
B 2 HOH 12  112 79  HOH HOH A . 
B 2 HOH 13  113 53  HOH HOH A . 
B 2 HOH 14  114 71  HOH HOH A . 
B 2 HOH 15  115 31  HOH HOH A . 
B 2 HOH 16  116 14  HOH HOH A . 
B 2 HOH 17  117 17  HOH HOH A . 
B 2 HOH 18  118 2   HOH HOH A . 
B 2 HOH 19  119 52  HOH HOH A . 
B 2 HOH 20  120 105 HOH HOH A . 
B 2 HOH 21  121 99  HOH HOH A . 
B 2 HOH 22  122 77  HOH HOH A . 
B 2 HOH 23  123 18  HOH HOH A . 
B 2 HOH 24  124 28  HOH HOH A . 
B 2 HOH 25  125 85  HOH HOH A . 
B 2 HOH 26  126 10  HOH HOH A . 
B 2 HOH 27  127 46  HOH HOH A . 
B 2 HOH 28  128 45  HOH HOH A . 
B 2 HOH 29  129 57  HOH HOH A . 
B 2 HOH 30  130 35  HOH HOH A . 
B 2 HOH 31  131 8   HOH HOH A . 
B 2 HOH 32  132 138 HOH HOH A . 
B 2 HOH 33  133 24  HOH HOH A . 
B 2 HOH 34  134 7   HOH HOH A . 
B 2 HOH 35  135 38  HOH HOH A . 
B 2 HOH 36  136 1   HOH HOH A . 
B 2 HOH 37  137 59  HOH HOH A . 
B 2 HOH 38  138 94  HOH HOH A . 
B 2 HOH 39  139 5   HOH HOH A . 
B 2 HOH 40  140 87  HOH HOH A . 
B 2 HOH 41  141 4   HOH HOH A . 
B 2 HOH 42  142 60  HOH HOH A . 
B 2 HOH 43  143 144 HOH HOH A . 
B 2 HOH 44  144 25  HOH HOH A . 
B 2 HOH 45  145 30  HOH HOH A . 
B 2 HOH 46  146 104 HOH HOH A . 
B 2 HOH 47  147 78  HOH HOH A . 
B 2 HOH 48  148 70  HOH HOH A . 
B 2 HOH 49  149 29  HOH HOH A . 
B 2 HOH 50  150 64  HOH HOH A . 
B 2 HOH 51  151 49  HOH HOH A . 
B 2 HOH 52  152 26  HOH HOH A . 
B 2 HOH 53  153 27  HOH HOH A . 
B 2 HOH 54  154 72  HOH HOH A . 
B 2 HOH 55  155 92  HOH HOH A . 
B 2 HOH 56  156 128 HOH HOH A . 
B 2 HOH 57  157 33  HOH HOH A . 
B 2 HOH 58  158 116 HOH HOH A . 
B 2 HOH 59  159 6   HOH HOH A . 
B 2 HOH 60  160 75  HOH HOH A . 
B 2 HOH 61  161 117 HOH HOH A . 
B 2 HOH 62  162 32  HOH HOH A . 
B 2 HOH 63  163 36  HOH HOH A . 
B 2 HOH 64  164 67  HOH HOH A . 
B 2 HOH 65  165 15  HOH HOH A . 
B 2 HOH 66  166 9   HOH HOH A . 
B 2 HOH 67  167 3   HOH HOH A . 
B 2 HOH 68  168 98  HOH HOH A . 
B 2 HOH 69  169 13  HOH HOH A . 
B 2 HOH 70  170 121 HOH HOH A . 
B 2 HOH 71  171 118 HOH HOH A . 
B 2 HOH 72  172 12  HOH HOH A . 
B 2 HOH 73  173 83  HOH HOH A . 
B 2 HOH 74  174 50  HOH HOH A . 
B 2 HOH 75  175 20  HOH HOH A . 
B 2 HOH 76  176 124 HOH HOH A . 
B 2 HOH 77  177 37  HOH HOH A . 
B 2 HOH 78  178 74  HOH HOH A . 
B 2 HOH 79  179 69  HOH HOH A . 
B 2 HOH 80  180 84  HOH HOH A . 
B 2 HOH 81  181 19  HOH HOH A . 
B 2 HOH 82  182 61  HOH HOH A . 
B 2 HOH 83  183 142 HOH HOH A . 
B 2 HOH 84  184 39  HOH HOH A . 
B 2 HOH 85  185 151 HOH HOH A . 
B 2 HOH 86  186 86  HOH HOH A . 
B 2 HOH 87  187 82  HOH HOH A . 
B 2 HOH 88  188 47  HOH HOH A . 
B 2 HOH 89  189 148 HOH HOH A . 
B 2 HOH 90  190 48  HOH HOH A . 
B 2 HOH 91  191 125 HOH HOH A . 
B 2 HOH 92  192 107 HOH HOH A . 
B 2 HOH 93  193 102 HOH HOH A . 
B 2 HOH 94  194 132 HOH HOH A . 
B 2 HOH 95  195 62  HOH HOH A . 
B 2 HOH 96  196 22  HOH HOH A . 
B 2 HOH 97  197 149 HOH HOH A . 
B 2 HOH 98  198 89  HOH HOH A . 
B 2 HOH 99  199 55  HOH HOH A . 
B 2 HOH 100 200 110 HOH HOH A . 
B 2 HOH 101 201 147 HOH HOH A . 
B 2 HOH 102 202 41  HOH HOH A . 
B 2 HOH 103 203 93  HOH HOH A . 
B 2 HOH 104 204 109 HOH HOH A . 
B 2 HOH 105 205 137 HOH HOH A . 
B 2 HOH 106 206 65  HOH HOH A . 
B 2 HOH 107 207 130 HOH HOH A . 
B 2 HOH 108 208 68  HOH HOH A . 
B 2 HOH 109 209 76  HOH HOH A . 
B 2 HOH 110 210 133 HOH HOH A . 
B 2 HOH 111 211 112 HOH HOH A . 
B 2 HOH 112 212 66  HOH HOH A . 
B 2 HOH 113 213 91  HOH HOH A . 
B 2 HOH 114 214 101 HOH HOH A . 
B 2 HOH 115 215 131 HOH HOH A . 
B 2 HOH 116 216 111 HOH HOH A . 
B 2 HOH 117 217 95  HOH HOH A . 
B 2 HOH 118 218 113 HOH HOH A . 
B 2 HOH 119 219 123 HOH HOH A . 
B 2 HOH 120 220 139 HOH HOH A . 
B 2 HOH 121 221 58  HOH HOH A . 
B 2 HOH 122 222 150 HOH HOH A . 
B 2 HOH 123 223 90  HOH HOH A . 
B 2 HOH 124 224 54  HOH HOH A . 
B 2 HOH 125 225 16  HOH HOH A . 
B 2 HOH 126 226 120 HOH HOH A . 
B 2 HOH 127 227 136 HOH HOH A . 
B 2 HOH 128 228 100 HOH HOH A . 
B 2 HOH 129 229 115 HOH HOH A . 
B 2 HOH 130 230 42  HOH HOH A . 
B 2 HOH 131 231 11  HOH HOH A . 
B 2 HOH 132 232 81  HOH HOH A . 
B 2 HOH 133 233 143 HOH HOH A . 
B 2 HOH 134 234 40  HOH HOH A . 
B 2 HOH 135 235 122 HOH HOH A . 
B 2 HOH 136 236 63  HOH HOH A . 
B 2 HOH 137 237 34  HOH HOH A . 
B 2 HOH 138 238 103 HOH HOH A . 
B 2 HOH 139 239 141 HOH HOH A . 
B 2 HOH 140 240 44  HOH HOH A . 
B 2 HOH 141 241 108 HOH HOH A . 
B 2 HOH 142 242 80  HOH HOH A . 
B 2 HOH 143 243 21  HOH HOH A . 
B 2 HOH 144 244 114 HOH HOH A . 
B 2 HOH 145 245 97  HOH HOH A . 
B 2 HOH 146 246 145 HOH HOH A . 
B 2 HOH 147 247 73  HOH HOH A . 
B 2 HOH 148 248 119 HOH HOH A . 
B 2 HOH 149 249 88  HOH HOH A . 
B 2 HOH 150 250 129 HOH HOH A . 
B 2 HOH 151 251 126 HOH HOH A . 
# 
_pdbx_struct_assembly.id                   1 
_pdbx_struct_assembly.details              author_defined_assembly 
_pdbx_struct_assembly.method_details       ? 
_pdbx_struct_assembly.oligomeric_details   monomeric 
_pdbx_struct_assembly.oligomeric_count     1 
# 
_pdbx_struct_assembly_gen.assembly_id       1 
_pdbx_struct_assembly_gen.oper_expression   1 
_pdbx_struct_assembly_gen.asym_id_list      A,B 
# 
_pdbx_struct_oper_list.id                   1 
_pdbx_struct_oper_list.type                 'identity operation' 
_pdbx_struct_oper_list.name                 1_555 
_pdbx_struct_oper_list.symmetry_operation   x,y,z 
_pdbx_struct_oper_list.matrix[1][1]         1.0000000000 
_pdbx_struct_oper_list.matrix[1][2]         0.0000000000 
_pdbx_struct_oper_list.matrix[1][3]         0.0000000000 
_pdbx_struct_oper_list.vector[1]            0.0000000000 
_pdbx_struct_oper_list.matrix[2][1]         0.0000000000 
_pdbx_struct_oper_list.matrix[2][2]         1.0000000000 
_pdbx_struct_oper_list.matrix[2][3]         0.0000000000 
_pdbx_struct_oper_list.vector[2]            0.0000000000 
_pdbx_struct_oper_list.matrix[3][1]         0.0000000000 
_pdbx_struct_oper_list.matrix[3][2]         0.0000000000 
_pdbx_struct_oper_list.matrix[3][3]         1.0000000000 
_pdbx_struct_oper_list.vector[3]            0.0000000000 
# 
loop_
_pdbx_audit_revision_history.ordinal 
_pdbx_audit_revision_history.data_content_type 
_pdbx_audit_revision_history.major_revision 
_pdbx_audit_revision_history.minor_revision 
_pdbx_audit_revision_history.revision_date 
1 'Structure model' 1 0 2022-12-07 
2 'Structure model' 1 1 2023-01-04 
3 'Structure model' 1 2 2023-11-29 
# 
_pdbx_audit_revision_details.ordinal             1 
_pdbx_audit_revision_details.revision_ordinal    1 
_pdbx_audit_revision_details.data_content_type   'Structure model' 
_pdbx_audit_revision_details.provider            repository 
_pdbx_audit_revision_details.type                'Initial release' 
_pdbx_audit_revision_details.description         ? 
_pdbx_audit_revision_details.details             ? 
# 
loop_
_pdbx_audit_revision_group.ordinal 
_pdbx_audit_revision_group.revision_ordinal 
_pdbx_audit_revision_group.data_content_type 
_pdbx_audit_revision_group.group 
1 2 'Structure model' 'Database references'    
2 3 'Structure model' 'Data collection'        
3 3 'Structure model' 'Refinement description' 
# 
loop_
_pdbx_audit_revision_category.ordinal 
_pdbx_audit_revision_category.revision_ordinal 
_pdbx_audit_revision_category.data_content_type 
_pdbx_audit_revision_category.category 
1 2 'Structure model' citation                      
2 2 'Structure model' citation_author               
3 3 'Structure model' chem_comp_atom                
4 3 'Structure model' chem_comp_bond                
5 3 'Structure model' pdbx_initial_refinement_model 
# 
loop_
_pdbx_audit_revision_item.ordinal 
_pdbx_audit_revision_item.revision_ordinal 
_pdbx_audit_revision_item.data_content_type 
_pdbx_audit_revision_item.item 
1  2 'Structure model' '_citation.country'                 
2  2 'Structure model' '_citation.journal_abbrev'          
3  2 'Structure model' '_citation.journal_id_CSD'          
4  2 'Structure model' '_citation.journal_id_ISSN'         
5  2 'Structure model' '_citation.journal_volume'          
6  2 'Structure model' '_citation.page_first'              
7  2 'Structure model' '_citation.page_last'               
8  2 'Structure model' '_citation.pdbx_database_id_DOI'    
9  2 'Structure model' '_citation.pdbx_database_id_PubMed' 
10 2 'Structure model' '_citation.title'                   
11 2 'Structure model' '_citation.year'                    
# 
loop_
_pdbx_refine_tls.id 
_pdbx_refine_tls.pdbx_refine_id 
_pdbx_refine_tls.details 
_pdbx_refine_tls.method 
_pdbx_refine_tls.origin_x 
_pdbx_refine_tls.origin_y 
_pdbx_refine_tls.origin_z 
_pdbx_refine_tls.T[1][1] 
_pdbx_refine_tls.T[1][1]_esd 
_pdbx_refine_tls.T[1][2] 
_pdbx_refine_tls.T[1][2]_esd 
_pdbx_refine_tls.T[1][3] 
_pdbx_refine_tls.T[1][3]_esd 
_pdbx_refine_tls.T[2][2] 
_pdbx_refine_tls.T[2][2]_esd 
_pdbx_refine_tls.T[2][3] 
_pdbx_refine_tls.T[2][3]_esd 
_pdbx_refine_tls.T[3][3] 
_pdbx_refine_tls.T[3][3]_esd 
_pdbx_refine_tls.L[1][1] 
_pdbx_refine_tls.L[1][1]_esd 
_pdbx_refine_tls.L[1][2] 
_pdbx_refine_tls.L[1][2]_esd 
_pdbx_refine_tls.L[1][3] 
_pdbx_refine_tls.L[1][3]_esd 
_pdbx_refine_tls.L[2][2] 
_pdbx_refine_tls.L[2][2]_esd 
_pdbx_refine_tls.L[2][3] 
_pdbx_refine_tls.L[2][3]_esd 
_pdbx_refine_tls.L[3][3] 
_pdbx_refine_tls.L[3][3]_esd 
_pdbx_refine_tls.S[1][1] 
_pdbx_refine_tls.S[1][1]_esd 
_pdbx_refine_tls.S[1][2] 
_pdbx_refine_tls.S[1][2]_esd 
_pdbx_refine_tls.S[1][3] 
_pdbx_refine_tls.S[1][3]_esd 
_pdbx_refine_tls.S[2][1] 
_pdbx_refine_tls.S[2][1]_esd 
_pdbx_refine_tls.S[2][2] 
_pdbx_refine_tls.S[2][2]_esd 
_pdbx_refine_tls.S[2][3] 
_pdbx_refine_tls.S[2][3]_esd 
_pdbx_refine_tls.S[3][1] 
_pdbx_refine_tls.S[3][1]_esd 
_pdbx_refine_tls.S[3][2] 
_pdbx_refine_tls.S[3][2]_esd 
_pdbx_refine_tls.S[3][3] 
_pdbx_refine_tls.S[3][3]_esd 
1 'X-RAY DIFFRACTION' ? refined 12.5798 17.5771  10.8228 0.1199 ? 0.0016  ? 0.0197  ? 0.1623 ? -0.0050 ? 0.3384 ? 1.4490 ? -2.0885 ? -0.4685 ? 8.2103 ? 4.9939  ? 5.3133 ? -0.1208 ? -0.0660 ? -0.0616 ? -0.1401 ? 0.1856  ? 0.8190  ? -0.0953 ? -0.0011 ? -0.0879 ? 
2 'X-RAY DIFFRACTION' ? refined -2.8403 -10.5907 1.6427  0.1384 ? -0.0164 ? -0.0135 ? 0.1105 ? 0.0211  ? 0.2146 ? 3.1566 ? 0.5582  ? -0.4126 ? 0.8726 ? -1.2809 ? 1.8379 ? -0.0946 ? 0.1290  ? -0.3145 ? -0.0996 ? 0.1958  ? 0.0892  ? 0.2080  ? -0.2011 ? -0.1363 ? 
3 'X-RAY DIFFRACTION' ? refined 3.2806  -3.6472  -4.4931 0.1308 ? 0.0082  ? 0.0160  ? 0.1190 ? -0.0249 ? 0.1441 ? 5.3973 ? 0.0203  ? 0.9762  ? 4.1136 ? -0.6631 ? 3.8222 ? -0.0878 ? 0.4365  ? -0.2506 ? -0.4448 ? -0.0533 ? -0.1503 ? -0.0885 ? -0.0336 ? 0.1417  ? 
4 'X-RAY DIFFRACTION' ? refined -6.2254 -6.1477  -8.0742 0.3921 ? 0.0656  ? -0.0984 ? 0.2707 ? -0.0884 ? 0.2614 ? 3.0539 ? -0.7977 ? -1.9625 ? 2.5964 ? 1.3619  ? 4.5581 ? 0.1365  ? 0.6992  ? -0.5196 ? -0.8301 ? -0.1978 ? 0.5614  ? -0.3375 ? -0.4986 ? -0.0402 ? 
5 'X-RAY DIFFRACTION' ? refined -6.6798 3.7478   -0.2879 0.1792 ? 0.0290  ? -0.0026 ? 0.1698 ? -0.0148 ? 0.1868 ? 8.3357 ? 0.1945  ? 1.1460  ? 7.0038 ? -0.9564 ? 1.8514 ? -0.0287 ? -0.3840 ? -0.0252 ? 0.3751  ? 0.0199  ? 0.1275  ? -0.2660 ? -0.2222 ? 0.0619  ? 
6 'X-RAY DIFFRACTION' ? refined -0.5207 5.6416   4.4454  0.2298 ? 0.0151  ? -0.0409 ? 0.1525 ? -0.1229 ? 0.3577 ? 7.4152 ? -2.3020 ? -3.2667 ? 1.2643 ? 0.6742  ? 6.4258 ? 0.0146  ? -0.7470 ? 1.0114  ? 0.4742  ? -0.5531 ? 0.2465  ? -0.6683 ? -0.1363 ? 0.3371  ? 
7 'X-RAY DIFFRACTION' ? refined -6.9875 -5.0412  -0.7279 0.2449 ? 0.0234  ? -0.0454 ? 0.1713 ? 0.0164  ? 0.2922 ? 7.9477 ? -0.4045 ? 1.6810  ? 2.1218 ? 3.8771  ? 9.4262 ? -0.0492 ? 0.1262  ? -0.2822 ? -0.4311 ? -0.0821 ? 0.6140  ? -0.2554 ? -0.4903 ? 0.1156  ? 
# 
loop_
_pdbx_refine_tls_group.id 
_pdbx_refine_tls_group.pdbx_refine_id 
_pdbx_refine_tls_group.refine_tls_id 
_pdbx_refine_tls_group.beg_label_asym_id 
_pdbx_refine_tls_group.beg_label_seq_id 
_pdbx_refine_tls_group.beg_auth_asym_id 
_pdbx_refine_tls_group.beg_auth_seq_id 
_pdbx_refine_tls_group.beg_PDB_ins_code 
_pdbx_refine_tls_group.end_label_asym_id 
_pdbx_refine_tls_group.end_label_seq_id 
_pdbx_refine_tls_group.end_auth_asym_id 
_pdbx_refine_tls_group.end_auth_seq_id 
_pdbx_refine_tls_group.end_PDB_ins_code 
_pdbx_refine_tls_group.selection 
_pdbx_refine_tls_group.selection_details 
1 'X-RAY DIFFRACTION' 1 ? ? ? ? ? ? ? ? ? ? ? 
;chain 'A' and (resid -8 through 2 )
;
2 'X-RAY DIFFRACTION' 2 ? ? ? ? ? ? ? ? ? ? ? 
;chain 'A' and (resid 3 through 17 )
;
3 'X-RAY DIFFRACTION' 3 ? ? ? ? ? ? ? ? ? ? ? 
;chain 'A' and (resid 18 through 40 )
;
4 'X-RAY DIFFRACTION' 4 ? ? ? ? ? ? ? ? ? ? ? 
;chain 'A' and (resid 41 through 51 )
;
5 'X-RAY DIFFRACTION' 5 ? ? ? ? ? ? ? ? ? ? ? 
;chain 'A' and (resid 52 through 62 )
;
6 'X-RAY DIFFRACTION' 6 ? ? ? ? ? ? ? ? ? ? ? 
;chain 'A' and (resid 63 through 70 )
;
7 'X-RAY DIFFRACTION' 7 ? ? ? ? ? ? ? ? ? ? ? 
;chain 'A' and (resid 71 through 79 )
;
# 
loop_
_software.citation_id 
_software.classification 
_software.compiler_name 
_software.compiler_version 
_software.contact_author 
_software.contact_author_email 
_software.date 
_software.description 
_software.dependencies 
_software.hardware 
_software.language 
_software.location 
_software.mods 
_software.name 
_software.os 
_software.os_version 
_software.type 
_software.version 
_software.pdbx_ordinal 
? refinement       ? ? ? ? ? ? ? ? ? ? ? PHENIX      ? ? ? '(1.13_2998: ???)' 1 
? 'data reduction' ? ? ? ? ? ? ? ? ? ? ? CrysalisPro ? ? ? .                  2 
? 'data scaling'   ? ? ? ? ? ? ? ? ? ? ? Aimless     ? ? ? .                  3 
? phasing          ? ? ? ? ? ? ? ? ? ? ? MOLREP      ? ? ? .                  4 
# 
loop_
_pdbx_validate_close_contact.id 
_pdbx_validate_close_contact.PDB_model_num 
_pdbx_validate_close_contact.auth_atom_id_1 
_pdbx_validate_close_contact.auth_asym_id_1 
_pdbx_validate_close_contact.auth_comp_id_1 
_pdbx_validate_close_contact.auth_seq_id_1 
_pdbx_validate_close_contact.PDB_ins_code_1 
_pdbx_validate_close_contact.label_alt_id_1 
_pdbx_validate_close_contact.auth_atom_id_2 
_pdbx_validate_close_contact.auth_asym_id_2 
_pdbx_validate_close_contact.auth_comp_id_2 
_pdbx_validate_close_contact.auth_seq_id_2 
_pdbx_validate_close_contact.PDB_ins_code_2 
_pdbx_validate_close_contact.label_alt_id_2 
_pdbx_validate_close_contact.dist 
1 1 O A ARG 79  ? ? O A HOH 101 ? ? 1.83 
2 1 O A HOH 114 ? ? O A HOH 203 ? ? 2.05 
3 1 O A HOH 137 ? ? O A HOH 161 ? ? 2.09 
4 1 O A HOH 111 ? ? O A HOH 211 ? ? 2.10 
5 1 O A HOH 208 ? ? O A HOH 247 ? ? 2.16 
# 
_pdbx_validate_symm_contact.id                1 
_pdbx_validate_symm_contact.PDB_model_num     1 
_pdbx_validate_symm_contact.auth_atom_id_1    O 
_pdbx_validate_symm_contact.auth_asym_id_1    A 
_pdbx_validate_symm_contact.auth_comp_id_1    HOH 
_pdbx_validate_symm_contact.auth_seq_id_1     106 
_pdbx_validate_symm_contact.PDB_ins_code_1    ? 
_pdbx_validate_symm_contact.label_alt_id_1    ? 
_pdbx_validate_symm_contact.site_symmetry_1   1_555 
_pdbx_validate_symm_contact.auth_atom_id_2    O 
_pdbx_validate_symm_contact.auth_asym_id_2    A 
_pdbx_validate_symm_contact.auth_comp_id_2    HOH 
_pdbx_validate_symm_contact.auth_seq_id_2     189 
_pdbx_validate_symm_contact.PDB_ins_code_2    ? 
_pdbx_validate_symm_contact.label_alt_id_2    ? 
_pdbx_validate_symm_contact.site_symmetry_2   4_465 
_pdbx_validate_symm_contact.dist              1.77 
# 
loop_
_pdbx_distant_solvent_atoms.id 
_pdbx_distant_solvent_atoms.PDB_model_num 
_pdbx_distant_solvent_atoms.auth_atom_id 
_pdbx_distant_solvent_atoms.label_alt_id 
_pdbx_distant_solvent_atoms.auth_asym_id 
_pdbx_distant_solvent_atoms.auth_comp_id 
_pdbx_distant_solvent_atoms.auth_seq_id 
_pdbx_distant_solvent_atoms.PDB_ins_code 
_pdbx_distant_solvent_atoms.neighbor_macromolecule_distance 
_pdbx_distant_solvent_atoms.neighbor_ligand_distance 
1 1 O ? A HOH 250 ? 6.21 . 
2 1 O ? A HOH 251 ? 6.72 . 
# 
loop_
_pdbx_unobs_or_zero_occ_residues.id 
_pdbx_unobs_or_zero_occ_residues.PDB_model_num 
_pdbx_unobs_or_zero_occ_residues.polymer_flag 
_pdbx_unobs_or_zero_occ_residues.occupancy_flag 
_pdbx_unobs_or_zero_occ_residues.auth_asym_id 
_pdbx_unobs_or_zero_occ_residues.auth_comp_id 
_pdbx_unobs_or_zero_occ_residues.auth_seq_id 
_pdbx_unobs_or_zero_occ_residues.PDB_ins_code 
_pdbx_unobs_or_zero_occ_residues.label_asym_id 
_pdbx_unobs_or_zero_occ_residues.label_comp_id 
_pdbx_unobs_or_zero_occ_residues.label_seq_id 
1 1 Y 1 A ASP 80 ? A ASP 91 
2 1 Y 1 A ARG 81 ? A ARG 92 
3 1 Y 1 A VAL 82 ? A VAL 93 
4 1 Y 1 A GLY 83 ? A GLY 94 
# 
loop_
_chem_comp_atom.comp_id 
_chem_comp_atom.atom_id 
_chem_comp_atom.type_symbol 
_chem_comp_atom.pdbx_aromatic_flag 
_chem_comp_atom.pdbx_stereo_config 
_chem_comp_atom.pdbx_ordinal 
ALA N    N N N 1   
ALA CA   C N S 2   
ALA C    C N N 3   
ALA O    O N N 4   
ALA CB   C N N 5   
ALA OXT  O N N 6   
ALA H    H N N 7   
ALA H2   H N N 8   
ALA HA   H N N 9   
ALA HB1  H N N 10  
ALA HB2  H N N 11  
ALA HB3  H N N 12  
ALA HXT  H N N 13  
ARG N    N N N 14  
ARG CA   C N S 15  
ARG C    C N N 16  
ARG O    O N N 17  
ARG CB   C N N 18  
ARG CG   C N N 19  
ARG CD   C N N 20  
ARG NE   N N N 21  
ARG CZ   C N N 22  
ARG NH1  N N N 23  
ARG NH2  N N N 24  
ARG OXT  O N N 25  
ARG H    H N N 26  
ARG H2   H N N 27  
ARG HA   H N N 28  
ARG HB2  H N N 29  
ARG HB3  H N N 30  
ARG HG2  H N N 31  
ARG HG3  H N N 32  
ARG HD2  H N N 33  
ARG HD3  H N N 34  
ARG HE   H N N 35  
ARG HH11 H N N 36  
ARG HH12 H N N 37  
ARG HH21 H N N 38  
ARG HH22 H N N 39  
ARG HXT  H N N 40  
ASN N    N N N 41  
ASN CA   C N S 42  
ASN C    C N N 43  
ASN O    O N N 44  
ASN CB   C N N 45  
ASN CG   C N N 46  
ASN OD1  O N N 47  
ASN ND2  N N N 48  
ASN OXT  O N N 49  
ASN H    H N N 50  
ASN H2   H N N 51  
ASN HA   H N N 52  
ASN HB2  H N N 53  
ASN HB3  H N N 54  
ASN HD21 H N N 55  
ASN HD22 H N N 56  
ASN HXT  H N N 57  
ASP N    N N N 58  
ASP CA   C N S 59  
ASP C    C N N 60  
ASP O    O N N 61  
ASP CB   C N N 62  
ASP CG   C N N 63  
ASP OD1  O N N 64  
ASP OD2  O N N 65  
ASP OXT  O N N 66  
ASP H    H N N 67  
ASP H2   H N N 68  
ASP HA   H N N 69  
ASP HB2  H N N 70  
ASP HB3  H N N 71  
ASP HD2  H N N 72  
ASP HXT  H N N 73  
GLN N    N N N 74  
GLN CA   C N S 75  
GLN C    C N N 76  
GLN O    O N N 77  
GLN CB   C N N 78  
GLN CG   C N N 79  
GLN CD   C N N 80  
GLN OE1  O N N 81  
GLN NE2  N N N 82  
GLN OXT  O N N 83  
GLN H    H N N 84  
GLN H2   H N N 85  
GLN HA   H N N 86  
GLN HB2  H N N 87  
GLN HB3  H N N 88  
GLN HG2  H N N 89  
GLN HG3  H N N 90  
GLN HE21 H N N 91  
GLN HE22 H N N 92  
GLN HXT  H N N 93  
GLU N    N N N 94  
GLU CA   C N S 95  
GLU C    C N N 96  
GLU O    O N N 97  
GLU CB   C N N 98  
GLU CG   C N N 99  
GLU CD   C N N 100 
GLU OE1  O N N 101 
GLU OE2  O N N 102 
GLU OXT  O N N 103 
GLU H    H N N 104 
GLU H2   H N N 105 
GLU HA   H N N 106 
GLU HB2  H N N 107 
GLU HB3  H N N 108 
GLU HG2  H N N 109 
GLU HG3  H N N 110 
GLU HE2  H N N 111 
GLU HXT  H N N 112 
GLY N    N N N 113 
GLY CA   C N N 114 
GLY C    C N N 115 
GLY O    O N N 116 
GLY OXT  O N N 117 
GLY H    H N N 118 
GLY H2   H N N 119 
GLY HA2  H N N 120 
GLY HA3  H N N 121 
GLY HXT  H N N 122 
HIS N    N N N 123 
HIS CA   C N S 124 
HIS C    C N N 125 
HIS O    O N N 126 
HIS CB   C N N 127 
HIS CG   C Y N 128 
HIS ND1  N Y N 129 
HIS CD2  C Y N 130 
HIS CE1  C Y N 131 
HIS NE2  N Y N 132 
HIS OXT  O N N 133 
HIS H    H N N 134 
HIS H2   H N N 135 
HIS HA   H N N 136 
HIS HB2  H N N 137 
HIS HB3  H N N 138 
HIS HD1  H N N 139 
HIS HD2  H N N 140 
HIS HE1  H N N 141 
HIS HE2  H N N 142 
HIS HXT  H N N 143 
HOH O    O N N 144 
HOH H1   H N N 145 
HOH H2   H N N 146 
ILE N    N N N 147 
ILE CA   C N S 148 
ILE C    C N N 149 
ILE O    O N N 150 
ILE CB   C N S 151 
ILE CG1  C N N 152 
ILE CG2  C N N 153 
ILE CD1  C N N 154 
ILE OXT  O N N 155 
ILE H    H N N 156 
ILE H2   H N N 157 
ILE HA   H N N 158 
ILE HB   H N N 159 
ILE HG12 H N N 160 
ILE HG13 H N N 161 
ILE HG21 H N N 162 
ILE HG22 H N N 163 
ILE HG23 H N N 164 
ILE HD11 H N N 165 
ILE HD12 H N N 166 
ILE HD13 H N N 167 
ILE HXT  H N N 168 
LEU N    N N N 169 
LEU CA   C N S 170 
LEU C    C N N 171 
LEU O    O N N 172 
LEU CB   C N N 173 
LEU CG   C N N 174 
LEU CD1  C N N 175 
LEU CD2  C N N 176 
LEU OXT  O N N 177 
LEU H    H N N 178 
LEU H2   H N N 179 
LEU HA   H N N 180 
LEU HB2  H N N 181 
LEU HB3  H N N 182 
LEU HG   H N N 183 
LEU HD11 H N N 184 
LEU HD12 H N N 185 
LEU HD13 H N N 186 
LEU HD21 H N N 187 
LEU HD22 H N N 188 
LEU HD23 H N N 189 
LEU HXT  H N N 190 
LYS N    N N N 191 
LYS CA   C N S 192 
LYS C    C N N 193 
LYS O    O N N 194 
LYS CB   C N N 195 
LYS CG   C N N 196 
LYS CD   C N N 197 
LYS CE   C N N 198 
LYS NZ   N N N 199 
LYS OXT  O N N 200 
LYS H    H N N 201 
LYS H2   H N N 202 
LYS HA   H N N 203 
LYS HB2  H N N 204 
LYS HB3  H N N 205 
LYS HG2  H N N 206 
LYS HG3  H N N 207 
LYS HD2  H N N 208 
LYS HD3  H N N 209 
LYS HE2  H N N 210 
LYS HE3  H N N 211 
LYS HZ1  H N N 212 
LYS HZ2  H N N 213 
LYS HZ3  H N N 214 
LYS HXT  H N N 215 
MET N    N N N 216 
MET CA   C N S 217 
MET C    C N N 218 
MET O    O N N 219 
MET CB   C N N 220 
MET CG   C N N 221 
MET SD   S N N 222 
MET CE   C N N 223 
MET OXT  O N N 224 
MET H    H N N 225 
MET H2   H N N 226 
MET HA   H N N 227 
MET HB2  H N N 228 
MET HB3  H N N 229 
MET HG2  H N N 230 
MET HG3  H N N 231 
MET HE1  H N N 232 
MET HE2  H N N 233 
MET HE3  H N N 234 
MET HXT  H N N 235 
PHE N    N N N 236 
PHE CA   C N S 237 
PHE C    C N N 238 
PHE O    O N N 239 
PHE CB   C N N 240 
PHE CG   C Y N 241 
PHE CD1  C Y N 242 
PHE CD2  C Y N 243 
PHE CE1  C Y N 244 
PHE CE2  C Y N 245 
PHE CZ   C Y N 246 
PHE OXT  O N N 247 
PHE H    H N N 248 
PHE H2   H N N 249 
PHE HA   H N N 250 
PHE HB2  H N N 251 
PHE HB3  H N N 252 
PHE HD1  H N N 253 
PHE HD2  H N N 254 
PHE HE1  H N N 255 
PHE HE2  H N N 256 
PHE HZ   H N N 257 
PHE HXT  H N N 258 
PRO N    N N N 259 
PRO CA   C N S 260 
PRO C    C N N 261 
PRO O    O N N 262 
PRO CB   C N N 263 
PRO CG   C N N 264 
PRO CD   C N N 265 
PRO OXT  O N N 266 
PRO H    H N N 267 
PRO HA   H N N 268 
PRO HB2  H N N 269 
PRO HB3  H N N 270 
PRO HG2  H N N 271 
PRO HG3  H N N 272 
PRO HD2  H N N 273 
PRO HD3  H N N 274 
PRO HXT  H N N 275 
SER N    N N N 276 
SER CA   C N S 277 
SER C    C N N 278 
SER O    O N N 279 
SER CB   C N N 280 
SER OG   O N N 281 
SER OXT  O N N 282 
SER H    H N N 283 
SER H2   H N N 284 
SER HA   H N N 285 
SER HB2  H N N 286 
SER HB3  H N N 287 
SER HG   H N N 288 
SER HXT  H N N 289 
THR N    N N N 290 
THR CA   C N S 291 
THR C    C N N 292 
THR O    O N N 293 
THR CB   C N R 294 
THR OG1  O N N 295 
THR CG2  C N N 296 
THR OXT  O N N 297 
THR H    H N N 298 
THR H2   H N N 299 
THR HA   H N N 300 
THR HB   H N N 301 
THR HG1  H N N 302 
THR HG21 H N N 303 
THR HG22 H N N 304 
THR HG23 H N N 305 
THR HXT  H N N 306 
TYR N    N N N 307 
TYR CA   C N S 308 
TYR C    C N N 309 
TYR O    O N N 310 
TYR CB   C N N 311 
TYR CG   C Y N 312 
TYR CD1  C Y N 313 
TYR CD2  C Y N 314 
TYR CE1  C Y N 315 
TYR CE2  C Y N 316 
TYR CZ   C Y N 317 
TYR OH   O N N 318 
TYR OXT  O N N 319 
TYR H    H N N 320 
TYR H2   H N N 321 
TYR HA   H N N 322 
TYR HB2  H N N 323 
TYR HB3  H N N 324 
TYR HD1  H N N 325 
TYR HD2  H N N 326 
TYR HE1  H N N 327 
TYR HE2  H N N 328 
TYR HH   H N N 329 
TYR HXT  H N N 330 
VAL N    N N N 331 
VAL CA   C N S 332 
VAL C    C N N 333 
VAL O    O N N 334 
VAL CB   C N N 335 
VAL CG1  C N N 336 
VAL CG2  C N N 337 
VAL OXT  O N N 338 
VAL H    H N N 339 
VAL H2   H N N 340 
VAL HA   H N N 341 
VAL HB   H N N 342 
VAL HG11 H N N 343 
VAL HG12 H N N 344 
VAL HG13 H N N 345 
VAL HG21 H N N 346 
VAL HG22 H N N 347 
VAL HG23 H N N 348 
VAL HXT  H N N 349 
# 
loop_
_chem_comp_bond.comp_id 
_chem_comp_bond.atom_id_1 
_chem_comp_bond.atom_id_2 
_chem_comp_bond.value_order 
_chem_comp_bond.pdbx_aromatic_flag 
_chem_comp_bond.pdbx_stereo_config 
_chem_comp_bond.pdbx_ordinal 
ALA N   CA   sing N N 1   
ALA N   H    sing N N 2   
ALA N   H2   sing N N 3   
ALA CA  C    sing N N 4   
ALA CA  CB   sing N N 5   
ALA CA  HA   sing N N 6   
ALA C   O    doub N N 7   
ALA C   OXT  sing N N 8   
ALA CB  HB1  sing N N 9   
ALA CB  HB2  sing N N 10  
ALA CB  HB3  sing N N 11  
ALA OXT HXT  sing N N 12  
ARG N   CA   sing N N 13  
ARG N   H    sing N N 14  
ARG N   H2   sing N N 15  
ARG CA  C    sing N N 16  
ARG CA  CB   sing N N 17  
ARG CA  HA   sing N N 18  
ARG C   O    doub N N 19  
ARG C   OXT  sing N N 20  
ARG CB  CG   sing N N 21  
ARG CB  HB2  sing N N 22  
ARG CB  HB3  sing N N 23  
ARG CG  CD   sing N N 24  
ARG CG  HG2  sing N N 25  
ARG CG  HG3  sing N N 26  
ARG CD  NE   sing N N 27  
ARG CD  HD2  sing N N 28  
ARG CD  HD3  sing N N 29  
ARG NE  CZ   sing N N 30  
ARG NE  HE   sing N N 31  
ARG CZ  NH1  sing N N 32  
ARG CZ  NH2  doub N N 33  
ARG NH1 HH11 sing N N 34  
ARG NH1 HH12 sing N N 35  
ARG NH2 HH21 sing N N 36  
ARG NH2 HH22 sing N N 37  
ARG OXT HXT  sing N N 38  
ASN N   CA   sing N N 39  
ASN N   H    sing N N 40  
ASN N   H2   sing N N 41  
ASN CA  C    sing N N 42  
ASN CA  CB   sing N N 43  
ASN CA  HA   sing N N 44  
ASN C   O    doub N N 45  
ASN C   OXT  sing N N 46  
ASN CB  CG   sing N N 47  
ASN CB  HB2  sing N N 48  
ASN CB  HB3  sing N N 49  
ASN CG  OD1  doub N N 50  
ASN CG  ND2  sing N N 51  
ASN ND2 HD21 sing N N 52  
ASN ND2 HD22 sing N N 53  
ASN OXT HXT  sing N N 54  
ASP N   CA   sing N N 55  
ASP N   H    sing N N 56  
ASP N   H2   sing N N 57  
ASP CA  C    sing N N 58  
ASP CA  CB   sing N N 59  
ASP CA  HA   sing N N 60  
ASP C   O    doub N N 61  
ASP C   OXT  sing N N 62  
ASP CB  CG   sing N N 63  
ASP CB  HB2  sing N N 64  
ASP CB  HB3  sing N N 65  
ASP CG  OD1  doub N N 66  
ASP CG  OD2  sing N N 67  
ASP OD2 HD2  sing N N 68  
ASP OXT HXT  sing N N 69  
GLN N   CA   sing N N 70  
GLN N   H    sing N N 71  
GLN N   H2   sing N N 72  
GLN CA  C    sing N N 73  
GLN CA  CB   sing N N 74  
GLN CA  HA   sing N N 75  
GLN C   O    doub N N 76  
GLN C   OXT  sing N N 77  
GLN CB  CG   sing N N 78  
GLN CB  HB2  sing N N 79  
GLN CB  HB3  sing N N 80  
GLN CG  CD   sing N N 81  
GLN CG  HG2  sing N N 82  
GLN CG  HG3  sing N N 83  
GLN CD  OE1  doub N N 84  
GLN CD  NE2  sing N N 85  
GLN NE2 HE21 sing N N 86  
GLN NE2 HE22 sing N N 87  
GLN OXT HXT  sing N N 88  
GLU N   CA   sing N N 89  
GLU N   H    sing N N 90  
GLU N   H2   sing N N 91  
GLU CA  C    sing N N 92  
GLU CA  CB   sing N N 93  
GLU CA  HA   sing N N 94  
GLU C   O    doub N N 95  
GLU C   OXT  sing N N 96  
GLU CB  CG   sing N N 97  
GLU CB  HB2  sing N N 98  
GLU CB  HB3  sing N N 99  
GLU CG  CD   sing N N 100 
GLU CG  HG2  sing N N 101 
GLU CG  HG3  sing N N 102 
GLU CD  OE1  doub N N 103 
GLU CD  OE2  sing N N 104 
GLU OE2 HE2  sing N N 105 
GLU OXT HXT  sing N N 106 
GLY N   CA   sing N N 107 
GLY N   H    sing N N 108 
GLY N   H2   sing N N 109 
GLY CA  C    sing N N 110 
GLY CA  HA2  sing N N 111 
GLY CA  HA3  sing N N 112 
GLY C   O    doub N N 113 
GLY C   OXT  sing N N 114 
GLY OXT HXT  sing N N 115 
HIS N   CA   sing N N 116 
HIS N   H    sing N N 117 
HIS N   H2   sing N N 118 
HIS CA  C    sing N N 119 
HIS CA  CB   sing N N 120 
HIS CA  HA   sing N N 121 
HIS C   O    doub N N 122 
HIS C   OXT  sing N N 123 
HIS CB  CG   sing N N 124 
HIS CB  HB2  sing N N 125 
HIS CB  HB3  sing N N 126 
HIS CG  ND1  sing Y N 127 
HIS CG  CD2  doub Y N 128 
HIS ND1 CE1  doub Y N 129 
HIS ND1 HD1  sing N N 130 
HIS CD2 NE2  sing Y N 131 
HIS CD2 HD2  sing N N 132 
HIS CE1 NE2  sing Y N 133 
HIS CE1 HE1  sing N N 134 
HIS NE2 HE2  sing N N 135 
HIS OXT HXT  sing N N 136 
HOH O   H1   sing N N 137 
HOH O   H2   sing N N 138 
ILE N   CA   sing N N 139 
ILE N   H    sing N N 140 
ILE N   H2   sing N N 141 
ILE CA  C    sing N N 142 
ILE CA  CB   sing N N 143 
ILE CA  HA   sing N N 144 
ILE C   O    doub N N 145 
ILE C   OXT  sing N N 146 
ILE CB  CG1  sing N N 147 
ILE CB  CG2  sing N N 148 
ILE CB  HB   sing N N 149 
ILE CG1 CD1  sing N N 150 
ILE CG1 HG12 sing N N 151 
ILE CG1 HG13 sing N N 152 
ILE CG2 HG21 sing N N 153 
ILE CG2 HG22 sing N N 154 
ILE CG2 HG23 sing N N 155 
ILE CD1 HD11 sing N N 156 
ILE CD1 HD12 sing N N 157 
ILE CD1 HD13 sing N N 158 
ILE OXT HXT  sing N N 159 
LEU N   CA   sing N N 160 
LEU N   H    sing N N 161 
LEU N   H2   sing N N 162 
LEU CA  C    sing N N 163 
LEU CA  CB   sing N N 164 
LEU CA  HA   sing N N 165 
LEU C   O    doub N N 166 
LEU C   OXT  sing N N 167 
LEU CB  CG   sing N N 168 
LEU CB  HB2  sing N N 169 
LEU CB  HB3  sing N N 170 
LEU CG  CD1  sing N N 171 
LEU CG  CD2  sing N N 172 
LEU CG  HG   sing N N 173 
LEU CD1 HD11 sing N N 174 
LEU CD1 HD12 sing N N 175 
LEU CD1 HD13 sing N N 176 
LEU CD2 HD21 sing N N 177 
LEU CD2 HD22 sing N N 178 
LEU CD2 HD23 sing N N 179 
LEU OXT HXT  sing N N 180 
LYS N   CA   sing N N 181 
LYS N   H    sing N N 182 
LYS N   H2   sing N N 183 
LYS CA  C    sing N N 184 
LYS CA  CB   sing N N 185 
LYS CA  HA   sing N N 186 
LYS C   O    doub N N 187 
LYS C   OXT  sing N N 188 
LYS CB  CG   sing N N 189 
LYS CB  HB2  sing N N 190 
LYS CB  HB3  sing N N 191 
LYS CG  CD   sing N N 192 
LYS CG  HG2  sing N N 193 
LYS CG  HG3  sing N N 194 
LYS CD  CE   sing N N 195 
LYS CD  HD2  sing N N 196 
LYS CD  HD3  sing N N 197 
LYS CE  NZ   sing N N 198 
LYS CE  HE2  sing N N 199 
LYS CE  HE3  sing N N 200 
LYS NZ  HZ1  sing N N 201 
LYS NZ  HZ2  sing N N 202 
LYS NZ  HZ3  sing N N 203 
LYS OXT HXT  sing N N 204 
MET N   CA   sing N N 205 
MET N   H    sing N N 206 
MET N   H2   sing N N 207 
MET CA  C    sing N N 208 
MET CA  CB   sing N N 209 
MET CA  HA   sing N N 210 
MET C   O    doub N N 211 
MET C   OXT  sing N N 212 
MET CB  CG   sing N N 213 
MET CB  HB2  sing N N 214 
MET CB  HB3  sing N N 215 
MET CG  SD   sing N N 216 
MET CG  HG2  sing N N 217 
MET CG  HG3  sing N N 218 
MET SD  CE   sing N N 219 
MET CE  HE1  sing N N 220 
MET CE  HE2  sing N N 221 
MET CE  HE3  sing N N 222 
MET OXT HXT  sing N N 223 
PHE N   CA   sing N N 224 
PHE N   H    sing N N 225 
PHE N   H2   sing N N 226 
PHE CA  C    sing N N 227 
PHE CA  CB   sing N N 228 
PHE CA  HA   sing N N 229 
PHE C   O    doub N N 230 
PHE C   OXT  sing N N 231 
PHE CB  CG   sing N N 232 
PHE CB  HB2  sing N N 233 
PHE CB  HB3  sing N N 234 
PHE CG  CD1  doub Y N 235 
PHE CG  CD2  sing Y N 236 
PHE CD1 CE1  sing Y N 237 
PHE CD1 HD1  sing N N 238 
PHE CD2 CE2  doub Y N 239 
PHE CD2 HD2  sing N N 240 
PHE CE1 CZ   doub Y N 241 
PHE CE1 HE1  sing N N 242 
PHE CE2 CZ   sing Y N 243 
PHE CE2 HE2  sing N N 244 
PHE CZ  HZ   sing N N 245 
PHE OXT HXT  sing N N 246 
PRO N   CA   sing N N 247 
PRO N   CD   sing N N 248 
PRO N   H    sing N N 249 
PRO CA  C    sing N N 250 
PRO CA  CB   sing N N 251 
PRO CA  HA   sing N N 252 
PRO C   O    doub N N 253 
PRO C   OXT  sing N N 254 
PRO CB  CG   sing N N 255 
PRO CB  HB2  sing N N 256 
PRO CB  HB3  sing N N 257 
PRO CG  CD   sing N N 258 
PRO CG  HG2  sing N N 259 
PRO CG  HG3  sing N N 260 
PRO CD  HD2  sing N N 261 
PRO CD  HD3  sing N N 262 
PRO OXT HXT  sing N N 263 
SER N   CA   sing N N 264 
SER N   H    sing N N 265 
SER N   H2   sing N N 266 
SER CA  C    sing N N 267 
SER CA  CB   sing N N 268 
SER CA  HA   sing N N 269 
SER C   O    doub N N 270 
SER C   OXT  sing N N 271 
SER CB  OG   sing N N 272 
SER CB  HB2  sing N N 273 
SER CB  HB3  sing N N 274 
SER OG  HG   sing N N 275 
SER OXT HXT  sing N N 276 
THR N   CA   sing N N 277 
THR N   H    sing N N 278 
THR N   H2   sing N N 279 
THR CA  C    sing N N 280 
THR CA  CB   sing N N 281 
THR CA  HA   sing N N 282 
THR C   O    doub N N 283 
THR C   OXT  sing N N 284 
THR CB  OG1  sing N N 285 
THR CB  CG2  sing N N 286 
THR CB  HB   sing N N 287 
THR OG1 HG1  sing N N 288 
THR CG2 HG21 sing N N 289 
THR CG2 HG22 sing N N 290 
THR CG2 HG23 sing N N 291 
THR OXT HXT  sing N N 292 
TYR N   CA   sing N N 293 
TYR N   H    sing N N 294 
TYR N   H2   sing N N 295 
TYR CA  C    sing N N 296 
TYR CA  CB   sing N N 297 
TYR CA  HA   sing N N 298 
TYR C   O    doub N N 299 
TYR C   OXT  sing N N 300 
TYR CB  CG   sing N N 301 
TYR CB  HB2  sing N N 302 
TYR CB  HB3  sing N N 303 
TYR CG  CD1  doub Y N 304 
TYR CG  CD2  sing Y N 305 
TYR CD1 CE1  sing Y N 306 
TYR CD1 HD1  sing N N 307 
TYR CD2 CE2  doub Y N 308 
TYR CD2 HD2  sing N N 309 
TYR CE1 CZ   doub Y N 310 
TYR CE1 HE1  sing N N 311 
TYR CE2 CZ   sing Y N 312 
TYR CE2 HE2  sing N N 313 
TYR CZ  OH   sing N N 314 
TYR OH  HH   sing N N 315 
TYR OXT HXT  sing N N 316 
VAL N   CA   sing N N 317 
VAL N   H    sing N N 318 
VAL N   H2   sing N N 319 
VAL CA  C    sing N N 320 
VAL CA  CB   sing N N 321 
VAL CA  HA   sing N N 322 
VAL C   O    doub N N 323 
VAL C   OXT  sing N N 324 
VAL CB  CG1  sing N N 325 
VAL CB  CG2  sing N N 326 
VAL CB  HB   sing N N 327 
VAL CG1 HG11 sing N N 328 
VAL CG1 HG12 sing N N 329 
VAL CG1 HG13 sing N N 330 
VAL CG2 HG21 sing N N 331 
VAL CG2 HG22 sing N N 332 
VAL CG2 HG23 sing N N 333 
VAL OXT HXT  sing N N 334 
# 
loop_
_pdbx_audit_support.funding_organization 
_pdbx_audit_support.country 
_pdbx_audit_support.grant_number 
_pdbx_audit_support.ordinal 
'Japan Society for the Promotion of Science (JSPS)' Japan 19H05707   1 
'Japan Science and Technology'                      Japan JPMJCR20E3 2 
# 
_pdbx_entity_nonpoly.entity_id   2 
_pdbx_entity_nonpoly.name        water 
_pdbx_entity_nonpoly.comp_id     HOH 
# 
_pdbx_initial_refinement_model.id               1 
_pdbx_initial_refinement_model.entity_id_list   ? 
_pdbx_initial_refinement_model.type             'experimental model' 
_pdbx_initial_refinement_model.source_name      PDB 
_pdbx_initial_refinement_model.accession_code   5HKH 
_pdbx_initial_refinement_model.details          ? 
# 
_pdbx_struct_assembly_auth_evidence.id                     1 
_pdbx_struct_assembly_auth_evidence.assembly_id            1 
_pdbx_struct_assembly_auth_evidence.experimental_support   none 
_pdbx_struct_assembly_auth_evidence.details                ? 
# 
